data_6YSW
#
_entry.id   6YSW
#
_cell.length_a   204.793
_cell.length_b   90.724
_cell.length_c   128.625
_cell.angle_alpha   90.000
_cell.angle_beta   123.165
_cell.angle_gamma   90.000
#
_symmetry.space_group_name_H-M   'C 1 2 1'
#
loop_
_entity.id
_entity.type
_entity.pdbx_description
1 polymer 'Fatty acid oxidation complex subunit alpha'
2 non-polymer 'SULFATE ION'
3 non-polymer 'COENZYME A'
4 water water
#
_entity_poly.entity_id   1
_entity_poly.type   'polypeptide(L)'
_entity_poly.pdbx_seq_one_letter_code
;MGSSHHHHHHSQDPMEMTSAFTLNVRLDNIAVITIDVPGEKMNTLKAEFASQVRAIIKQLRENKELRGVVFVSAKPDNFI
AGADINMIGNCKTAQEAEALARQGQQLMAEIHALPIQVIAAIHGACLGGGLELALACHGRVCTDDPKTVLGLPEVQLGLL
PGSGGTQRLPRLIGVSTALEMILTGKQLRAKQALKLGLVDDVVPHSILLEAAVELAKKERPSSRPLPVRERILAGPLGRA
LLFKMVGKKTEHKTQGNYPATERILEVVETGLAQGTSSGYDAEARAFGELAMTPQSQALRSIFFASTDVKKDPGSDAPPA
PLNSVGILGGGLMGGGIAYVTACKAGIPVRIKDINPQGINHALKYSWDQLEGKVRRRHLKASERDKQLALISGTTDYRGF
AHRDLIIEAVFENLELKQQMVAEVEQNCAAHTIFASNTSSLPIGDIAAHATRPEQVIGLHFFSPVEKMPLVEIIPHAGTS
AQTIATTVKLAKKQGKTPIVVRDKAGFYVNRILAPYINEAIRMLTQGERVEHIDAALVKFGFPVGPIQLLDEVGIDTGTK
IIPVLEAAYGERFSAPANVVSSILNDDRKGRKNGRGFYLYGQKGRKSKKQVDPAIYPLIGTQGQGRISAPQVAERCVMLM
LNEAVRCVDEQVIRSVRDGDIGAVFGIGFPPFLGGPFRYIDSLGAGEVVAIMQRLATQYGSRFTPCERLVEMGARGESFW
KTTATDLQ
;
_entity_poly.pdbx_strand_id   B,A
#
# COMPACT_ATOMS: atom_id res chain seq x y z
N THR A 18 21.04 21.67 5.11
CA THR A 18 20.51 21.24 6.41
C THR A 18 19.79 22.38 7.14
N SER A 19 18.84 23.00 6.44
CA SER A 19 18.03 24.09 6.96
C SER A 19 16.95 24.43 5.95
N ALA A 20 15.88 25.07 6.43
CA ALA A 20 14.82 25.55 5.56
C ALA A 20 14.44 26.99 5.92
N PHE A 21 13.99 27.20 7.16
CA PHE A 21 13.74 28.55 7.67
C PHE A 21 14.97 28.99 8.47
N THR A 22 15.40 30.23 8.23
CA THR A 22 16.37 30.86 9.11
C THR A 22 15.93 32.29 9.38
N LEU A 23 16.15 32.75 10.60
CA LEU A 23 15.72 34.07 11.02
C LEU A 23 16.93 34.90 11.42
N ASN A 24 16.87 36.20 11.13
CA ASN A 24 17.89 37.15 11.52
C ASN A 24 17.18 38.40 12.02
N VAL A 25 17.42 38.76 13.28
CA VAL A 25 16.86 39.99 13.83
C VAL A 25 17.65 41.18 13.31
N ARG A 26 16.98 42.31 13.15
CA ARG A 26 17.62 43.52 12.66
C ARG A 26 18.10 44.37 13.84
N LEU A 27 18.64 45.55 13.54
CA LEU A 27 19.04 46.47 14.60
C LEU A 27 17.85 46.79 15.50
N ASP A 28 16.76 47.27 14.92
CA ASP A 28 15.47 47.23 15.60
C ASP A 28 15.11 45.78 15.84
N ASN A 29 14.81 45.43 17.09
CA ASN A 29 14.61 44.03 17.45
C ASN A 29 13.27 43.55 16.89
N ILE A 30 13.29 43.24 15.59
CA ILE A 30 12.18 42.60 14.89
C ILE A 30 12.76 41.49 14.02
N ALA A 31 12.39 40.25 14.32
CA ALA A 31 12.95 39.11 13.62
C ALA A 31 12.31 38.95 12.25
N VAL A 32 13.10 38.43 11.30
CA VAL A 32 12.64 38.16 9.94
C VAL A 32 13.03 36.73 9.59
N ILE A 33 12.04 35.90 9.32
CA ILE A 33 12.24 34.50 8.98
C ILE A 33 12.15 34.36 7.47
N THR A 34 13.28 34.15 6.81
CA THR A 34 13.31 33.93 5.37
C THR A 34 12.96 32.48 5.07
N ILE A 35 11.86 32.27 4.35
CA ILE A 35 11.41 30.94 3.98
C ILE A 35 12.03 30.58 2.62
N ASP A 36 12.78 29.48 2.59
CA ASP A 36 13.44 29.03 1.36
C ASP A 36 13.77 27.55 1.53
N VAL A 37 12.92 26.69 0.98
CA VAL A 37 13.28 25.27 0.91
C VAL A 37 14.58 25.14 0.15
N PRO A 38 15.57 24.39 0.66
CA PRO A 38 16.93 24.49 0.12
C PRO A 38 17.04 24.18 -1.36
N GLY A 39 16.34 23.15 -1.83
CA GLY A 39 16.55 22.70 -3.20
C GLY A 39 15.35 22.85 -4.11
N GLU A 40 14.14 22.61 -3.59
CA GLU A 40 12.96 22.55 -4.44
C GLU A 40 12.60 23.91 -5.01
N LYS A 41 11.90 23.89 -6.14
CA LYS A 41 11.63 25.12 -6.88
C LYS A 41 10.63 26.02 -6.17
N MET A 42 9.76 25.44 -5.35
CA MET A 42 8.70 26.20 -4.69
C MET A 42 8.62 25.80 -3.23
N ASN A 43 8.26 26.77 -2.39
CA ASN A 43 8.15 26.53 -0.95
C ASN A 43 6.93 25.67 -0.67
N THR A 44 7.17 24.43 -0.25
CA THR A 44 6.11 23.51 0.16
C THR A 44 6.30 23.13 1.61
N LEU A 45 5.19 22.78 2.27
CA LEU A 45 5.20 22.43 3.69
C LEU A 45 5.54 20.95 3.81
N LYS A 46 6.83 20.64 3.86
CA LYS A 46 7.27 19.27 4.06
C LYS A 46 7.10 18.85 5.51
N ALA A 47 7.19 17.53 5.75
CA ALA A 47 7.16 17.02 7.11
C ALA A 47 8.41 17.39 7.89
N GLU A 48 9.52 17.67 7.19
CA GLU A 48 10.75 18.03 7.86
C GLU A 48 10.70 19.44 8.45
N PHE A 49 9.78 20.29 7.98
CA PHE A 49 9.73 21.66 8.46
C PHE A 49 9.14 21.78 9.85
N ALA A 50 8.45 20.74 10.34
CA ALA A 50 7.77 20.83 11.63
C ALA A 50 8.77 21.02 12.77
N SER A 51 9.83 20.22 12.79
CA SER A 51 10.83 20.35 13.86
C SER A 51 11.62 21.64 13.73
N GLN A 52 11.84 22.12 12.50
CA GLN A 52 12.61 23.34 12.30
C GLN A 52 11.88 24.56 12.85
N VAL A 53 10.61 24.71 12.50
CA VAL A 53 9.85 25.87 12.96
C VAL A 53 9.67 25.84 14.46
N ARG A 54 9.55 24.65 15.06
CA ARG A 54 9.52 24.56 16.51
C ARG A 54 10.83 25.05 17.12
N ALA A 55 11.96 24.68 16.52
CA ALA A 55 13.27 25.04 17.06
C ALA A 55 13.51 26.54 16.98
N ILE A 56 12.99 27.21 15.97
CA ILE A 56 13.18 28.65 15.84
C ILE A 56 12.11 29.44 16.60
N ILE A 57 10.86 28.95 16.64
CA ILE A 57 9.82 29.64 17.39
C ILE A 57 10.10 29.62 18.87
N LYS A 58 10.89 28.66 19.35
CA LYS A 58 11.34 28.68 20.73
C LYS A 58 12.45 29.70 20.94
N GLN A 59 13.25 29.97 19.90
CA GLN A 59 14.29 30.98 20.01
C GLN A 59 13.70 32.38 20.09
N LEU A 60 12.53 32.60 19.48
CA LEU A 60 11.85 33.88 19.61
C LEU A 60 11.40 34.12 21.04
N ARG A 61 10.80 33.11 21.67
CA ARG A 61 10.36 33.25 23.05
C ARG A 61 11.53 33.31 24.01
N GLU A 62 12.65 32.67 23.67
CA GLU A 62 13.77 32.57 24.60
C GLU A 62 14.35 33.94 24.92
N ASN A 63 14.50 34.80 23.91
CA ASN A 63 15.19 36.07 24.12
C ASN A 63 14.32 37.06 24.87
N LYS A 64 13.03 37.13 24.53
CA LYS A 64 12.08 38.08 25.11
C LYS A 64 12.50 39.53 24.88
N GLU A 65 13.39 39.77 23.92
CA GLU A 65 13.82 41.14 23.61
C GLU A 65 13.51 41.45 22.16
N LEU A 66 12.25 41.32 21.76
CA LEU A 66 11.83 41.58 20.40
C LEU A 66 10.47 42.27 20.42
N ARG A 67 10.19 43.00 19.34
CA ARG A 67 8.94 43.72 19.18
C ARG A 67 7.97 43.03 18.23
N GLY A 68 8.46 42.53 17.09
CA GLY A 68 7.62 41.86 16.12
C GLY A 68 8.43 40.84 15.35
N VAL A 69 7.73 40.05 14.53
CA VAL A 69 8.36 39.09 13.65
C VAL A 69 7.62 39.11 12.32
N VAL A 70 8.34 38.81 11.23
CA VAL A 70 7.78 38.81 9.89
C VAL A 70 8.13 37.51 9.20
N PHE A 71 7.30 37.14 8.22
CA PHE A 71 7.52 35.97 7.39
C PHE A 71 7.66 36.41 5.94
N VAL A 72 8.71 35.95 5.28
CA VAL A 72 8.99 36.29 3.90
C VAL A 72 9.45 35.05 3.15
N SER A 73 9.19 35.03 1.85
CA SER A 73 9.54 33.90 1.00
C SER A 73 10.60 34.35 0.00
N ALA A 74 11.84 33.87 0.20
CA ALA A 74 12.95 34.33 -0.61
C ALA A 74 12.79 33.98 -2.08
N LYS A 75 12.12 32.87 -2.36
CA LYS A 75 11.92 32.44 -3.74
C LYS A 75 11.07 33.46 -4.48
N PRO A 76 11.58 34.07 -5.55
CA PRO A 76 10.79 35.10 -6.25
C PRO A 76 9.54 34.55 -6.91
N ASP A 77 9.44 33.23 -7.06
CA ASP A 77 8.32 32.65 -7.79
C ASP A 77 7.04 32.76 -6.99
N ASN A 78 7.12 32.64 -5.66
CA ASN A 78 5.92 32.40 -4.88
C ASN A 78 6.19 32.70 -3.41
N PHE A 79 5.17 32.45 -2.58
CA PHE A 79 5.26 32.48 -1.12
C PHE A 79 5.38 31.06 -0.59
N ILE A 80 4.24 30.36 -0.47
CA ILE A 80 4.18 28.95 -0.07
C ILE A 80 3.04 28.29 -0.84
N ALA A 81 3.36 27.21 -1.55
CA ALA A 81 2.39 26.51 -2.37
C ALA A 81 1.59 25.45 -1.59
N GLY A 82 1.54 25.55 -0.27
CA GLY A 82 0.79 24.59 0.53
C GLY A 82 1.54 23.29 0.72
N ALA A 83 0.94 22.41 1.51
CA ALA A 83 1.54 21.12 1.82
C ALA A 83 1.60 20.23 0.58
N ASP A 84 2.63 19.39 0.53
CA ASP A 84 2.82 18.52 -0.62
C ASP A 84 1.85 17.35 -0.57
N ILE A 85 1.30 17.01 -1.74
CA ILE A 85 0.29 15.98 -1.84
C ILE A 85 0.88 14.58 -1.70
N ASN A 86 2.20 14.47 -1.64
CA ASN A 86 2.83 13.17 -1.44
C ASN A 86 2.82 12.74 0.02
N MET A 87 2.89 13.69 0.95
CA MET A 87 2.87 13.37 2.37
C MET A 87 1.56 12.70 2.77
N ILE A 88 0.45 13.09 2.15
CA ILE A 88 -0.83 12.44 2.41
C ILE A 88 -0.84 11.03 1.83
N GLY A 89 -0.15 10.82 0.72
CA GLY A 89 -0.08 9.49 0.12
C GLY A 89 0.70 8.49 0.94
N ASN A 90 1.60 8.95 1.80
CA ASN A 90 2.36 8.07 2.69
C ASN A 90 1.64 7.80 4.00
N CYS A 91 0.34 7.59 3.94
CA CYS A 91 -0.48 7.25 5.10
C CYS A 91 -1.46 6.16 4.70
N LYS A 92 -1.48 5.07 5.46
CA LYS A 92 -2.28 3.90 5.12
C LYS A 92 -3.56 3.79 5.95
N THR A 93 -3.82 4.75 6.84
CA THR A 93 -5.02 4.69 7.66
C THR A 93 -5.48 6.11 7.99
N ALA A 94 -6.75 6.22 8.38
CA ALA A 94 -7.30 7.53 8.71
C ALA A 94 -6.63 8.14 9.92
N GLN A 95 -6.12 7.30 10.83
CA GLN A 95 -5.47 7.81 12.03
C GLN A 95 -4.16 8.52 11.69
N GLU A 96 -3.41 7.98 10.74
CA GLU A 96 -2.16 8.62 10.33
C GLU A 96 -2.43 9.93 9.61
N ALA A 97 -3.41 9.94 8.69
CA ALA A 97 -3.74 11.19 7.99
C ALA A 97 -4.27 12.23 8.96
N GLU A 98 -5.09 11.80 9.92
CA GLU A 98 -5.57 12.72 10.95
C GLU A 98 -4.44 13.17 11.87
N ALA A 99 -3.41 12.33 12.04
CA ALA A 99 -2.32 12.65 12.95
C ALA A 99 -1.57 13.90 12.50
N LEU A 100 -1.04 13.88 11.27
CA LEU A 100 -0.35 15.06 10.75
C LEU A 100 -1.29 16.23 10.54
N ALA A 101 -2.59 15.97 10.41
CA ALA A 101 -3.56 17.06 10.37
C ALA A 101 -3.61 17.79 11.71
N ARG A 102 -3.82 17.04 12.80
CA ARG A 102 -3.86 17.66 14.13
C ARG A 102 -2.52 18.28 14.49
N GLN A 103 -1.41 17.65 14.08
CA GLN A 103 -0.10 18.24 14.28
C GLN A 103 0.04 19.55 13.52
N GLY A 104 -0.66 19.69 12.39
CA GLY A 104 -0.62 20.94 11.65
C GLY A 104 -1.33 22.07 12.37
N GLN A 105 -2.52 21.79 12.92
CA GLN A 105 -3.23 22.82 13.68
C GLN A 105 -2.49 23.18 14.95
N GLN A 106 -1.91 22.19 15.63
CA GLN A 106 -1.23 22.44 16.89
C GLN A 106 -0.03 23.35 16.71
N LEU A 107 0.75 23.13 15.65
CA LEU A 107 1.92 23.96 15.40
C LEU A 107 1.53 25.41 15.16
N MET A 108 0.52 25.62 14.31
CA MET A 108 0.11 26.98 13.98
C MET A 108 -0.66 27.65 15.11
N ALA A 109 -1.16 26.87 16.08
CA ALA A 109 -1.67 27.47 17.30
C ALA A 109 -0.56 28.09 18.12
N GLU A 110 0.64 27.50 18.10
CA GLU A 110 1.79 28.10 18.76
C GLU A 110 2.22 29.39 18.07
N ILE A 111 1.98 29.50 16.75
CA ILE A 111 2.30 30.72 16.04
C ILE A 111 1.31 31.82 16.39
N HIS A 112 0.03 31.47 16.51
CA HIS A 112 -0.98 32.45 16.91
C HIS A 112 -0.89 32.83 18.38
N ALA A 113 -0.30 31.96 19.20
CA ALA A 113 -0.16 32.21 20.63
C ALA A 113 1.08 33.04 20.96
N LEU A 114 1.79 33.52 19.97
CA LEU A 114 3.00 34.29 20.20
C LEU A 114 2.65 35.63 20.85
N PRO A 115 3.21 35.96 22.01
CA PRO A 115 2.95 37.29 22.58
C PRO A 115 3.42 38.41 21.68
N ILE A 116 4.44 38.14 20.87
CA ILE A 116 4.91 39.09 19.88
C ILE A 116 3.90 39.20 18.74
N GLN A 117 3.87 40.34 18.07
CA GLN A 117 3.03 40.50 16.90
C GLN A 117 3.72 39.87 15.68
N VAL A 118 3.00 39.00 14.99
CA VAL A 118 3.53 38.23 13.87
C VAL A 118 2.79 38.62 12.60
N ILE A 119 3.54 38.90 11.53
CA ILE A 119 2.99 39.32 10.25
C ILE A 119 3.55 38.42 9.16
N ALA A 120 2.72 38.08 8.18
CA ALA A 120 3.14 37.32 7.00
C ALA A 120 3.20 38.26 5.80
N ALA A 121 4.39 38.38 5.21
CA ALA A 121 4.60 39.18 4.00
C ALA A 121 4.59 38.22 2.81
N ILE A 122 3.54 38.30 1.99
CA ILE A 122 3.28 37.33 0.93
C ILE A 122 3.60 37.99 -0.40
N HIS A 123 4.60 37.47 -1.10
CA HIS A 123 4.84 37.76 -2.51
C HIS A 123 4.77 36.45 -3.27
N GLY A 124 3.85 36.35 -4.21
CA GLY A 124 3.65 35.14 -4.97
C GLY A 124 2.51 34.30 -4.42
N ALA A 125 2.35 33.12 -5.02
CA ALA A 125 1.23 32.26 -4.67
C ALA A 125 1.33 31.78 -3.23
N CYS A 126 0.17 31.73 -2.55
CA CYS A 126 0.07 31.32 -1.14
C CYS A 126 -1.24 30.55 -1.00
N LEU A 127 -1.20 29.27 -1.32
CA LEU A 127 -2.39 28.43 -1.39
C LEU A 127 -2.33 27.32 -0.36
N GLY A 128 -3.50 26.76 -0.06
CA GLY A 128 -3.56 25.58 0.79
C GLY A 128 -3.05 25.85 2.19
N GLY A 129 -2.18 24.97 2.68
CA GLY A 129 -1.61 25.14 4.01
C GLY A 129 -0.81 26.42 4.17
N GLY A 130 -0.33 26.99 3.08
CA GLY A 130 0.38 28.26 3.17
C GLY A 130 -0.53 29.41 3.57
N LEU A 131 -1.72 29.48 2.97
CA LEU A 131 -2.68 30.51 3.37
C LEU A 131 -3.08 30.35 4.82
N GLU A 132 -3.11 29.11 5.32
CA GLU A 132 -3.44 28.89 6.73
C GLU A 132 -2.38 29.51 7.64
N LEU A 133 -1.11 29.39 7.27
CA LEU A 133 -0.05 30.04 8.03
C LEU A 133 -0.25 31.56 8.07
N ALA A 134 -0.72 32.14 6.97
CA ALA A 134 -1.04 33.56 6.96
C ALA A 134 -2.21 33.86 7.88
N LEU A 135 -3.17 32.94 7.99
CA LEU A 135 -4.28 33.13 8.92
C LEU A 135 -3.82 33.10 10.37
N ALA A 136 -2.85 32.24 10.68
CA ALA A 136 -2.32 32.17 12.04
C ALA A 136 -1.62 33.46 12.44
N CYS A 137 -0.95 34.11 11.49
CA CYS A 137 -0.32 35.40 11.77
C CYS A 137 -1.38 36.46 12.04
N HIS A 138 -1.05 37.39 12.93
CA HIS A 138 -2.00 38.42 13.32
C HIS A 138 -2.32 39.36 12.15
N GLY A 139 -1.32 39.67 11.32
CA GLY A 139 -1.53 40.52 10.16
C GLY A 139 -0.90 39.91 8.94
N ARG A 140 -1.28 40.45 7.77
CA ARG A 140 -0.80 39.97 6.49
C ARG A 140 -0.57 41.15 5.56
N VAL A 141 0.52 41.08 4.79
CA VAL A 141 0.82 42.05 3.74
C VAL A 141 1.16 41.26 2.48
N CYS A 142 0.58 41.65 1.36
CA CYS A 142 0.84 40.97 0.10
C CYS A 142 1.19 41.98 -0.98
N THR A 143 1.74 41.48 -2.08
CA THR A 143 2.10 42.32 -3.22
C THR A 143 0.94 42.40 -4.20
N ASP A 144 1.03 43.39 -5.09
CA ASP A 144 0.04 43.59 -6.15
C ASP A 144 0.42 42.87 -7.44
N ASP A 145 1.32 41.88 -7.35
CA ASP A 145 1.76 41.16 -8.53
C ASP A 145 0.66 40.23 -9.03
N PRO A 146 0.55 40.02 -10.35
CA PRO A 146 -0.44 39.07 -10.86
C PRO A 146 -0.15 37.62 -10.49
N LYS A 147 1.04 37.31 -9.99
CA LYS A 147 1.39 35.93 -9.63
C LYS A 147 1.12 35.62 -8.17
N THR A 148 0.70 36.59 -7.36
CA THR A 148 0.34 36.34 -5.97
C THR A 148 -1.16 36.07 -5.89
N VAL A 149 -1.53 34.91 -5.34
CA VAL A 149 -2.92 34.48 -5.24
C VAL A 149 -3.10 33.73 -3.93
N LEU A 150 -4.21 34.00 -3.26
CA LEU A 150 -4.54 33.38 -1.98
C LEU A 150 -5.76 32.48 -2.16
N GLY A 151 -5.65 31.24 -1.71
CA GLY A 151 -6.76 30.31 -1.86
C GLY A 151 -6.56 29.08 -1.01
N LEU A 152 -7.63 28.29 -0.90
CA LEU A 152 -7.64 27.04 -0.16
C LEU A 152 -8.15 25.94 -1.08
N PRO A 153 -7.29 25.38 -1.94
CA PRO A 153 -7.76 24.43 -2.95
C PRO A 153 -7.65 22.98 -2.53
N GLU A 154 -7.71 22.70 -1.22
CA GLU A 154 -7.67 21.31 -0.78
C GLU A 154 -8.94 20.56 -1.17
N VAL A 155 -10.06 21.26 -1.31
CA VAL A 155 -11.29 20.60 -1.73
C VAL A 155 -11.17 20.04 -3.14
N GLN A 156 -10.26 20.60 -3.95
CA GLN A 156 -10.08 20.10 -5.31
C GLN A 156 -9.30 18.79 -5.34
N LEU A 157 -8.60 18.46 -4.26
CA LEU A 157 -7.95 17.16 -4.12
C LEU A 157 -8.80 16.17 -3.33
N GLY A 158 -10.10 16.43 -3.18
CA GLY A 158 -10.96 15.58 -2.39
C GLY A 158 -10.80 15.72 -0.89
N LEU A 159 -9.95 16.64 -0.43
CA LEU A 159 -9.66 16.81 1.00
C LEU A 159 -10.34 18.03 1.58
N LEU A 160 -9.64 18.73 2.46
CA LEU A 160 -10.16 19.86 3.21
C LEU A 160 -8.99 20.54 3.89
N PRO A 161 -9.12 21.83 4.25
CA PRO A 161 -7.94 22.58 4.75
C PRO A 161 -7.15 21.83 5.82
N GLY A 162 -7.80 21.30 6.85
CA GLY A 162 -7.15 20.34 7.72
C GLY A 162 -5.94 20.84 8.49
N SER A 163 -5.81 22.17 8.66
CA SER A 163 -4.78 22.69 9.56
C SER A 163 -5.18 23.99 10.26
N GLY A 164 -6.48 24.25 10.46
CA GLY A 164 -6.95 25.53 10.96
C GLY A 164 -7.67 26.38 9.93
N GLY A 165 -7.67 26.01 8.65
CA GLY A 165 -8.31 26.83 7.65
C GLY A 165 -9.83 26.86 7.73
N THR A 166 -10.42 25.79 8.27
CA THR A 166 -11.88 25.69 8.38
C THR A 166 -12.44 26.40 9.59
N GLN A 167 -11.60 27.02 10.39
CA GLN A 167 -12.11 27.84 11.49
C GLN A 167 -11.45 29.21 11.56
N ARG A 168 -10.16 29.32 11.25
CA ARG A 168 -9.49 30.61 11.33
C ARG A 168 -10.00 31.56 10.25
N LEU A 169 -10.25 31.04 9.05
CA LEU A 169 -10.70 31.85 7.92
C LEU A 169 -12.14 32.36 8.08
N PRO A 170 -13.09 31.52 8.52
CA PRO A 170 -14.47 32.05 8.67
C PRO A 170 -14.59 33.22 9.64
N ARG A 171 -13.82 33.23 10.73
CA ARG A 171 -13.90 34.33 11.68
C ARG A 171 -13.15 35.58 11.23
N LEU A 172 -12.52 35.56 10.05
CA LEU A 172 -11.80 36.71 9.53
C LEU A 172 -12.52 37.39 8.37
N ILE A 173 -13.21 36.63 7.53
CA ILE A 173 -13.91 37.17 6.37
C ILE A 173 -15.41 37.00 6.46
N GLY A 174 -15.91 36.25 7.43
CA GLY A 174 -17.33 35.93 7.48
C GLY A 174 -17.59 34.58 6.86
N VAL A 175 -18.53 33.83 7.43
CA VAL A 175 -18.79 32.47 6.97
C VAL A 175 -19.28 32.45 5.54
N SER A 176 -20.06 33.47 5.14
CA SER A 176 -20.72 33.45 3.83
C SER A 176 -19.71 33.43 2.70
N THR A 177 -18.71 34.32 2.75
CA THR A 177 -17.67 34.36 1.72
C THR A 177 -16.47 33.49 2.06
N ALA A 178 -16.36 32.99 3.30
CA ALA A 178 -15.33 32.00 3.59
C ALA A 178 -15.70 30.65 3.00
N LEU A 179 -16.97 30.25 3.11
CA LEU A 179 -17.40 28.95 2.62
C LEU A 179 -17.20 28.81 1.12
N GLU A 180 -17.30 29.90 0.36
CA GLU A 180 -17.01 29.83 -1.07
C GLU A 180 -15.57 29.41 -1.32
N MET A 181 -14.63 30.05 -0.61
CA MET A 181 -13.23 29.76 -0.79
C MET A 181 -12.90 28.32 -0.43
N ILE A 182 -13.62 27.74 0.54
CA ILE A 182 -13.28 26.40 1.01
C ILE A 182 -13.96 25.34 0.15
N LEU A 183 -15.18 25.60 -0.30
CA LEU A 183 -15.93 24.60 -1.07
C LEU A 183 -15.54 24.56 -2.54
N THR A 184 -14.96 25.63 -3.08
CA THR A 184 -14.50 25.65 -4.47
C THR A 184 -12.99 25.68 -4.60
N GLY A 185 -12.27 26.21 -3.62
CA GLY A 185 -10.84 26.40 -3.76
C GLY A 185 -10.46 27.54 -4.68
N LYS A 186 -11.37 28.48 -4.94
CA LYS A 186 -11.03 29.60 -5.81
C LYS A 186 -10.06 30.55 -5.13
N GLN A 187 -9.15 31.09 -5.91
CA GLN A 187 -8.12 31.98 -5.40
C GLN A 187 -8.43 33.43 -5.76
N LEU A 188 -8.01 34.33 -4.89
CA LEU A 188 -8.31 35.75 -5.03
C LEU A 188 -7.03 36.52 -5.31
N ARG A 189 -7.18 37.64 -5.99
CA ARG A 189 -6.06 38.51 -6.28
C ARG A 189 -5.99 39.62 -5.25
N ALA A 190 -4.85 40.31 -5.23
CA ALA A 190 -4.51 41.18 -4.12
C ALA A 190 -5.51 42.32 -3.95
N LYS A 191 -5.91 42.94 -5.06
CA LYS A 191 -6.91 44.00 -4.98
C LYS A 191 -8.24 43.47 -4.47
N GLN A 192 -8.61 42.25 -4.88
CA GLN A 192 -9.84 41.64 -4.39
C GLN A 192 -9.65 41.01 -3.02
N ALA A 193 -8.43 40.55 -2.70
CA ALA A 193 -8.17 39.99 -1.37
C ALA A 193 -8.28 41.05 -0.29
N LEU A 194 -7.94 42.30 -0.60
CA LEU A 194 -7.98 43.37 0.41
C LEU A 194 -9.40 43.74 0.77
N LYS A 195 -10.32 43.71 -0.21
CA LYS A 195 -11.71 44.02 0.07
C LYS A 195 -12.29 43.09 1.12
N LEU A 196 -12.01 41.80 1.01
CA LEU A 196 -12.56 40.83 1.95
C LEU A 196 -11.94 40.93 3.33
N GLY A 197 -10.84 41.67 3.48
CA GLY A 197 -10.13 41.74 4.73
C GLY A 197 -9.12 40.63 4.96
N LEU A 198 -8.97 39.70 4.00
CA LEU A 198 -7.97 38.63 4.14
C LEU A 198 -6.57 39.19 4.30
N VAL A 199 -6.19 40.17 3.47
CA VAL A 199 -4.91 40.83 3.59
C VAL A 199 -5.15 42.23 4.14
N ASP A 200 -4.24 42.69 5.02
CA ASP A 200 -4.44 43.98 5.66
C ASP A 200 -3.98 45.13 4.77
N ASP A 201 -3.06 44.86 3.85
CA ASP A 201 -2.57 45.87 2.93
C ASP A 201 -1.90 45.18 1.75
N VAL A 202 -2.03 45.79 0.57
CA VAL A 202 -1.40 45.30 -0.66
C VAL A 202 -0.46 46.39 -1.16
N VAL A 203 0.84 46.09 -1.16
CA VAL A 203 1.88 47.07 -1.47
C VAL A 203 2.82 46.48 -2.49
N PRO A 204 3.51 47.32 -3.26
CA PRO A 204 4.45 46.82 -4.28
C PRO A 204 5.54 45.97 -3.65
N HIS A 205 6.21 45.18 -4.51
CA HIS A 205 7.17 44.19 -4.03
C HIS A 205 8.37 44.85 -3.39
N SER A 206 8.72 46.07 -3.83
CA SER A 206 9.86 46.75 -3.24
C SER A 206 9.56 47.22 -1.83
N ILE A 207 8.34 47.69 -1.59
CA ILE A 207 7.95 48.19 -0.26
C ILE A 207 7.56 47.08 0.70
N LEU A 208 7.34 45.87 0.20
CA LEU A 208 6.77 44.75 0.96
C LEU A 208 7.40 44.57 2.33
N LEU A 209 8.65 44.09 2.36
CA LEU A 209 9.30 43.84 3.65
C LEU A 209 9.39 45.11 4.48
N GLU A 210 9.84 46.22 3.87
CA GLU A 210 9.95 47.48 4.58
C GLU A 210 8.61 47.89 5.20
N ALA A 211 7.51 47.70 4.45
CA ALA A 211 6.19 47.98 5.01
C ALA A 211 5.74 46.89 5.97
N ALA A 212 6.07 45.63 5.64
CA ALA A 212 5.63 44.51 6.48
C ALA A 212 6.14 44.64 7.90
N VAL A 213 7.42 44.96 8.07
CA VAL A 213 7.98 45.15 9.41
C VAL A 213 7.40 46.40 10.06
N GLU A 214 7.13 47.44 9.27
CA GLU A 214 6.51 48.66 9.81
C GLU A 214 5.16 48.33 10.44
N LEU A 215 4.32 47.55 9.74
CA LEU A 215 3.08 47.10 10.34
C LEU A 215 3.35 46.08 11.45
N ALA A 216 4.50 45.40 11.41
CA ALA A 216 4.78 44.39 12.42
C ALA A 216 5.24 45.03 13.73
N LYS A 217 5.82 46.22 13.68
CA LYS A 217 6.14 46.94 14.91
C LYS A 217 4.87 47.31 15.68
N LYS A 218 3.84 47.77 14.96
CA LYS A 218 2.59 48.20 15.59
C LYS A 218 2.03 47.11 16.51
N GLU A 219 1.59 47.53 17.69
CA GLU A 219 1.01 46.60 18.67
C GLU A 219 -0.26 45.97 18.12
N ARG A 229 -22.90 42.50 7.18
CA ARG A 229 -24.29 42.70 7.58
C ARG A 229 -24.59 42.04 8.91
N GLU A 230 -25.66 42.46 9.59
CA GLU A 230 -26.10 41.85 10.84
C GLU A 230 -27.41 41.07 10.70
N ARG A 231 -28.18 41.30 9.63
CA ARG A 231 -29.39 40.52 9.42
C ARG A 231 -29.08 39.05 9.21
N ILE A 232 -27.98 38.76 8.49
CA ILE A 232 -27.52 37.38 8.30
C ILE A 232 -26.60 36.92 9.41
N LEU A 233 -26.23 37.81 10.33
CA LEU A 233 -25.33 37.47 11.42
C LEU A 233 -26.03 36.89 12.63
N ALA A 234 -27.33 36.58 12.52
CA ALA A 234 -28.03 35.96 13.63
C ALA A 234 -27.41 34.59 13.92
N GLY A 235 -26.75 34.47 15.07
CA GLY A 235 -26.11 33.22 15.45
C GLY A 235 -26.90 31.96 15.28
N PRO A 236 -28.22 31.95 15.59
CA PRO A 236 -28.97 30.70 15.47
C PRO A 236 -29.78 30.52 14.19
N LEU A 237 -30.21 31.60 13.54
CA LEU A 237 -31.07 31.46 12.36
C LEU A 237 -30.53 32.18 11.14
N GLY A 238 -29.83 33.30 11.34
CA GLY A 238 -29.21 33.99 10.23
C GLY A 238 -28.13 33.14 9.57
N ARG A 239 -27.27 32.52 10.38
CA ARG A 239 -26.26 31.62 9.83
C ARG A 239 -26.85 30.25 9.53
N ALA A 240 -27.95 29.88 10.20
CA ALA A 240 -28.59 28.61 9.89
C ALA A 240 -29.16 28.63 8.47
N LEU A 241 -29.68 29.79 8.04
CA LEU A 241 -30.22 29.89 6.69
C LEU A 241 -29.13 29.78 5.64
N LEU A 242 -27.95 30.35 5.90
CA LEU A 242 -26.84 30.23 4.96
C LEU A 242 -26.50 28.77 4.70
N PHE A 243 -26.42 27.97 5.76
CA PHE A 243 -25.96 26.58 5.61
C PHE A 243 -27.04 25.72 4.98
N LYS A 244 -28.31 25.99 5.28
CA LYS A 244 -29.37 25.29 4.56
C LYS A 244 -29.38 25.69 3.08
N MET A 245 -29.00 26.93 2.78
CA MET A 245 -29.03 27.40 1.40
C MET A 245 -27.76 27.04 0.65
N VAL A 246 -26.61 27.12 1.30
CA VAL A 246 -25.37 26.70 0.66
C VAL A 246 -25.35 25.19 0.46
N GLY A 247 -25.89 24.45 1.42
CA GLY A 247 -25.88 22.99 1.30
C GLY A 247 -26.76 22.49 0.17
N LYS A 248 -27.86 23.18 -0.10
CA LYS A 248 -28.73 22.77 -1.21
C LYS A 248 -28.08 23.09 -2.55
N LYS A 249 -27.43 24.24 -2.66
CA LYS A 249 -26.69 24.57 -3.89
C LYS A 249 -25.56 23.56 -4.12
N THR A 250 -24.72 23.35 -3.12
CA THR A 250 -23.56 22.48 -3.28
C THR A 250 -23.97 21.04 -3.58
N GLU A 251 -25.11 20.60 -3.03
CA GLU A 251 -25.61 19.28 -3.38
C GLU A 251 -26.01 19.21 -4.85
N HIS A 252 -26.67 20.26 -5.34
CA HIS A 252 -27.15 20.23 -6.72
C HIS A 252 -26.01 20.31 -7.72
N LYS A 253 -24.96 21.10 -7.41
CA LYS A 253 -23.84 21.24 -8.34
C LYS A 253 -23.01 19.96 -8.42
N THR A 254 -22.76 19.33 -7.26
CA THR A 254 -21.93 18.13 -7.20
C THR A 254 -22.72 16.84 -7.28
N GLN A 255 -24.04 16.89 -7.06
CA GLN A 255 -24.91 15.71 -7.06
C GLN A 255 -24.54 14.73 -5.94
N GLY A 256 -23.90 15.21 -4.87
CA GLY A 256 -23.53 14.35 -3.77
C GLY A 256 -22.37 13.42 -4.02
N ASN A 257 -21.74 13.50 -5.20
CA ASN A 257 -20.67 12.58 -5.56
C ASN A 257 -19.31 12.98 -5.01
N TYR A 258 -19.22 14.06 -4.24
CA TYR A 258 -17.95 14.52 -3.69
C TYR A 258 -18.02 14.51 -2.17
N PRO A 259 -17.25 13.64 -1.50
CA PRO A 259 -17.45 13.46 -0.05
C PRO A 259 -17.02 14.65 0.77
N ALA A 260 -15.99 15.37 0.35
CA ALA A 260 -15.51 16.52 1.12
C ALA A 260 -16.58 17.62 1.21
N THR A 261 -17.41 17.74 0.17
CA THR A 261 -18.44 18.77 0.18
C THR A 261 -19.40 18.63 1.34
N GLU A 262 -19.69 17.39 1.76
CA GLU A 262 -20.53 17.19 2.93
C GLU A 262 -19.78 17.60 4.20
N ARG A 263 -18.49 17.29 4.27
CA ARG A 263 -17.72 17.44 5.49
C ARG A 263 -17.16 18.84 5.69
N ILE A 264 -17.12 19.68 4.65
CA ILE A 264 -16.71 21.07 4.83
C ILE A 264 -17.80 21.83 5.60
N LEU A 265 -19.05 21.69 5.17
CA LEU A 265 -20.15 22.33 5.88
C LEU A 265 -20.24 21.80 7.31
N GLU A 266 -20.17 20.48 7.46
CA GLU A 266 -20.28 19.88 8.79
C GLU A 266 -19.18 20.38 9.71
N VAL A 267 -17.94 20.42 9.21
CA VAL A 267 -16.82 20.84 10.05
C VAL A 267 -16.89 22.33 10.37
N VAL A 268 -17.26 23.15 9.39
CA VAL A 268 -17.29 24.58 9.63
C VAL A 268 -18.56 25.00 10.40
N GLU A 269 -19.65 24.24 10.26
CA GLU A 269 -20.88 24.58 10.98
C GLU A 269 -20.71 24.34 12.48
N THR A 270 -20.26 23.13 12.86
CA THR A 270 -20.08 22.84 14.27
C THR A 270 -18.98 23.70 14.87
N GLY A 271 -17.97 24.04 14.07
CA GLY A 271 -16.91 24.92 14.56
C GLY A 271 -17.41 26.30 14.95
N LEU A 272 -18.26 26.89 14.13
CA LEU A 272 -18.82 28.20 14.47
C LEU A 272 -19.88 28.09 15.56
N ALA A 273 -20.72 27.05 15.49
CA ALA A 273 -21.84 26.94 16.43
C ALA A 273 -21.36 26.49 17.80
N GLN A 274 -20.67 25.36 17.88
CA GLN A 274 -20.36 24.72 19.15
C GLN A 274 -18.97 25.04 19.69
N GLY A 275 -18.25 25.97 19.08
CA GLY A 275 -16.98 26.35 19.66
C GLY A 275 -15.81 25.97 18.78
N THR A 276 -14.74 26.77 18.89
CA THR A 276 -13.59 26.60 18.00
C THR A 276 -12.86 25.30 18.26
N SER A 277 -12.64 24.96 19.55
CA SER A 277 -11.81 23.80 19.86
C SER A 277 -12.50 22.51 19.48
N SER A 278 -13.81 22.40 19.71
CA SER A 278 -14.53 21.18 19.30
C SER A 278 -14.59 21.05 17.78
N GLY A 279 -14.60 22.17 17.05
CA GLY A 279 -14.59 22.10 15.60
C GLY A 279 -13.23 21.72 15.05
N TYR A 280 -12.16 22.23 15.67
CA TYR A 280 -10.81 21.85 15.27
C TYR A 280 -10.64 20.33 15.27
N ASP A 281 -11.16 19.67 16.30
CA ASP A 281 -11.06 18.21 16.38
C ASP A 281 -11.92 17.52 15.34
N ALA A 282 -12.97 18.19 14.86
CA ALA A 282 -13.76 17.65 13.76
C ALA A 282 -13.07 17.86 12.43
N GLU A 283 -12.36 18.99 12.28
CA GLU A 283 -11.56 19.22 11.07
C GLU A 283 -10.48 18.16 10.91
N ALA A 284 -9.85 17.76 12.01
CA ALA A 284 -8.83 16.72 11.95
C ALA A 284 -9.42 15.38 11.52
N ARG A 285 -10.53 14.98 12.14
CA ARG A 285 -11.15 13.71 11.79
C ARG A 285 -11.64 13.72 10.34
N ALA A 286 -12.09 14.88 9.86
CA ALA A 286 -12.49 15.00 8.46
C ALA A 286 -11.28 14.80 7.54
N PHE A 287 -10.17 15.48 7.84
CA PHE A 287 -8.95 15.33 7.05
C PHE A 287 -8.48 13.88 7.01
N GLY A 288 -8.66 13.15 8.10
CA GLY A 288 -8.25 11.76 8.17
C GLY A 288 -9.00 10.85 7.22
N GLU A 289 -10.31 10.72 7.42
CA GLU A 289 -11.08 9.78 6.60
C GLU A 289 -11.29 10.28 5.17
N LEU A 290 -11.20 11.59 4.93
CA LEU A 290 -11.27 12.07 3.56
C LEU A 290 -10.05 11.64 2.76
N ALA A 291 -8.90 11.47 3.41
CA ALA A 291 -7.69 11.08 2.70
C ALA A 291 -7.79 9.67 2.14
N MET A 292 -8.50 8.78 2.85
CA MET A 292 -8.67 7.40 2.41
C MET A 292 -9.92 7.20 1.56
N THR A 293 -10.68 8.25 1.29
CA THR A 293 -11.85 8.11 0.43
C THR A 293 -11.42 7.68 -0.97
N PRO A 294 -12.21 6.83 -1.64
CA PRO A 294 -11.87 6.47 -3.02
C PRO A 294 -11.95 7.65 -3.97
N GLN A 295 -12.76 8.66 -3.64
CA GLN A 295 -12.88 9.83 -4.50
C GLN A 295 -11.61 10.68 -4.46
N SER A 296 -11.07 10.91 -3.26
CA SER A 296 -9.92 11.81 -3.13
C SER A 296 -8.68 11.23 -3.81
N GLN A 297 -8.46 9.92 -3.67
CA GLN A 297 -7.31 9.30 -4.33
C GLN A 297 -7.43 9.37 -5.84
N ALA A 298 -8.65 9.31 -6.37
CA ALA A 298 -8.85 9.50 -7.80
C ALA A 298 -8.57 10.95 -8.20
N LEU A 299 -8.94 11.91 -7.35
CA LEU A 299 -8.71 13.32 -7.65
C LEU A 299 -7.23 13.66 -7.57
N ARG A 300 -6.51 13.09 -6.59
CA ARG A 300 -5.08 13.34 -6.48
C ARG A 300 -4.29 12.72 -7.62
N SER A 301 -4.82 11.65 -8.24
CA SER A 301 -4.09 11.02 -9.34
C SER A 301 -4.14 11.89 -10.58
N ILE A 302 -5.30 12.44 -10.93
CA ILE A 302 -5.39 13.33 -12.08
C ILE A 302 -4.65 14.64 -11.82
N PHE A 303 -4.49 15.02 -10.55
CA PHE A 303 -3.60 16.12 -10.24
C PHE A 303 -2.15 15.75 -10.55
N PHE A 304 -1.74 14.54 -10.19
CA PHE A 304 -0.40 14.06 -10.54
C PHE A 304 -0.26 13.86 -12.04
N ALA A 305 -1.33 13.41 -12.70
CA ALA A 305 -1.29 13.24 -14.15
C ALA A 305 -1.31 14.58 -14.87
N SER A 306 -1.91 15.61 -14.26
CA SER A 306 -1.95 16.92 -14.90
C SER A 306 -0.59 17.58 -14.90
N THR A 307 0.14 17.51 -13.78
CA THR A 307 1.52 18.01 -13.76
C THR A 307 2.46 17.14 -14.56
N ASP A 308 2.11 15.86 -14.79
CA ASP A 308 2.92 15.03 -15.67
C ASP A 308 2.78 15.47 -17.13
N VAL A 309 1.57 15.78 -17.56
CA VAL A 309 1.34 16.27 -18.92
C VAL A 309 1.93 17.66 -19.08
N LYS A 310 1.79 18.51 -18.06
CA LYS A 310 2.35 19.86 -18.12
C LYS A 310 3.87 19.86 -18.14
N LYS A 311 4.51 18.74 -17.79
CA LYS A 311 5.95 18.59 -17.84
C LYS A 311 6.43 17.88 -19.10
N ASP A 312 5.57 17.10 -19.75
CA ASP A 312 5.91 16.28 -20.90
C ASP A 312 5.88 17.13 -22.17
N PRO A 313 6.97 17.16 -22.94
CA PRO A 313 7.01 17.96 -24.18
C PRO A 313 6.61 17.22 -25.45
N GLY A 314 6.23 15.95 -25.38
CA GLY A 314 5.82 15.20 -26.55
C GLY A 314 6.95 14.77 -27.48
N SER A 315 8.10 15.43 -27.43
CA SER A 315 9.24 15.07 -28.27
C SER A 315 10.51 15.65 -27.64
N ASP A 316 11.63 14.97 -27.89
CA ASP A 316 12.91 15.35 -27.31
C ASP A 316 13.69 16.34 -28.17
N ALA A 317 13.08 16.87 -29.24
CA ALA A 317 13.77 17.83 -30.08
C ALA A 317 13.58 19.25 -29.56
N PRO A 318 14.57 20.11 -29.75
CA PRO A 318 14.44 21.50 -29.29
C PRO A 318 13.36 22.24 -30.05
N PRO A 319 12.52 23.00 -29.36
CA PRO A 319 11.42 23.70 -30.06
C PRO A 319 11.92 24.80 -30.97
N ALA A 320 11.15 25.05 -32.02
CA ALA A 320 11.41 26.14 -32.94
C ALA A 320 10.93 27.46 -32.34
N PRO A 321 11.43 28.59 -32.82
CA PRO A 321 10.97 29.88 -32.30
C PRO A 321 9.51 30.12 -32.64
N LEU A 322 8.83 30.85 -31.75
CA LEU A 322 7.40 31.14 -31.86
C LEU A 322 7.14 32.62 -31.59
N ASN A 323 7.89 33.49 -32.28
CA ASN A 323 7.78 34.91 -32.02
C ASN A 323 6.49 35.51 -32.57
N SER A 324 5.98 34.96 -33.67
CA SER A 324 4.76 35.49 -34.29
C SER A 324 4.02 34.36 -34.98
N VAL A 325 2.68 34.37 -34.85
CA VAL A 325 1.84 33.33 -35.43
C VAL A 325 0.74 33.98 -36.27
N GLY A 326 -0.01 33.13 -36.99
CA GLY A 326 -1.12 33.60 -37.79
C GLY A 326 -2.28 32.62 -37.73
N ILE A 327 -3.48 33.14 -37.99
CA ILE A 327 -4.71 32.38 -37.94
C ILE A 327 -5.37 32.43 -39.31
N LEU A 328 -5.74 31.26 -39.84
CA LEU A 328 -6.48 31.16 -41.09
C LEU A 328 -7.95 30.90 -40.75
N GLY A 329 -8.79 31.87 -41.07
CA GLY A 329 -10.21 31.74 -40.80
C GLY A 329 -10.68 32.74 -39.76
N GLY A 330 -11.93 33.17 -39.90
CA GLY A 330 -12.48 34.17 -39.00
C GLY A 330 -13.65 33.69 -38.17
N GLY A 331 -14.45 34.62 -37.66
CA GLY A 331 -15.58 34.28 -36.83
C GLY A 331 -15.19 34.03 -35.38
N LEU A 332 -16.15 33.54 -34.61
CA LEU A 332 -15.88 33.21 -33.21
C LEU A 332 -14.87 32.07 -33.10
N MET A 333 -14.79 31.21 -34.12
CA MET A 333 -13.80 30.14 -34.11
C MET A 333 -12.39 30.68 -34.17
N GLY A 334 -12.09 31.50 -35.18
CA GLY A 334 -10.77 32.09 -35.29
C GLY A 334 -10.47 33.10 -34.21
N GLY A 335 -11.50 33.81 -33.75
CA GLY A 335 -11.29 34.78 -32.68
C GLY A 335 -10.87 34.12 -31.38
N GLY A 336 -11.39 32.93 -31.10
CA GLY A 336 -10.99 32.23 -29.89
C GLY A 336 -9.54 31.80 -29.91
N ILE A 337 -9.08 31.29 -31.06
CA ILE A 337 -7.68 30.87 -31.16
C ILE A 337 -6.76 32.08 -31.04
N ALA A 338 -7.12 33.19 -31.68
CA ALA A 338 -6.30 34.39 -31.58
C ALA A 338 -6.35 35.00 -30.19
N TYR A 339 -7.49 34.88 -29.50
CA TYR A 339 -7.60 35.45 -28.16
C TYR A 339 -6.63 34.77 -27.20
N VAL A 340 -6.69 33.44 -27.11
CA VAL A 340 -5.81 32.74 -26.19
C VAL A 340 -4.36 32.79 -26.66
N THR A 341 -4.12 33.04 -27.95
CA THR A 341 -2.74 33.04 -28.44
C THR A 341 -2.00 34.32 -28.05
N ALA A 342 -2.67 35.46 -28.11
CA ALA A 342 -2.05 36.75 -27.80
C ALA A 342 -2.21 37.17 -26.34
N CYS A 343 -3.38 36.96 -25.74
CA CYS A 343 -3.60 37.40 -24.37
C CYS A 343 -3.00 36.43 -23.36
N LYS A 344 -3.26 35.14 -23.52
CA LYS A 344 -2.79 34.16 -22.55
C LYS A 344 -1.35 33.74 -22.83
N ALA A 345 -0.95 33.63 -24.10
CA ALA A 345 0.39 33.19 -24.44
C ALA A 345 1.35 34.33 -24.79
N GLY A 346 0.83 35.54 -25.02
CA GLY A 346 1.69 36.68 -25.28
C GLY A 346 2.39 36.65 -26.62
N ILE A 347 1.75 36.09 -27.64
CA ILE A 347 2.35 35.96 -28.97
C ILE A 347 1.53 36.79 -29.95
N PRO A 348 2.14 37.72 -30.68
CA PRO A 348 1.37 38.50 -31.66
C PRO A 348 0.81 37.59 -32.76
N VAL A 349 -0.44 37.83 -33.11
CA VAL A 349 -1.17 36.98 -34.04
C VAL A 349 -1.93 37.84 -35.04
N ARG A 350 -1.85 37.47 -36.31
CA ARG A 350 -2.68 38.06 -37.36
C ARG A 350 -3.69 37.03 -37.83
N ILE A 351 -4.86 37.51 -38.24
CA ILE A 351 -5.94 36.66 -38.74
C ILE A 351 -6.14 36.96 -40.21
N LYS A 352 -6.05 35.92 -41.04
CA LYS A 352 -6.25 36.04 -42.48
C LYS A 352 -7.60 35.43 -42.84
N ASP A 353 -8.46 36.23 -43.47
CA ASP A 353 -9.74 35.76 -43.96
C ASP A 353 -10.11 36.60 -45.17
N ILE A 354 -10.65 35.95 -46.20
CA ILE A 354 -11.04 36.66 -47.42
C ILE A 354 -12.38 37.36 -47.29
N ASN A 355 -13.16 37.04 -46.25
CA ASN A 355 -14.37 37.78 -45.97
C ASN A 355 -14.01 38.95 -45.06
N PRO A 356 -14.15 40.20 -45.50
CA PRO A 356 -13.85 41.32 -44.60
C PRO A 356 -14.74 41.34 -43.37
N GLN A 357 -16.01 40.95 -43.51
CA GLN A 357 -16.89 40.83 -42.36
C GLN A 357 -16.46 39.70 -41.44
N GLY A 358 -15.90 38.62 -42.00
CA GLY A 358 -15.44 37.52 -41.17
C GLY A 358 -14.25 37.89 -40.29
N ILE A 359 -13.51 38.93 -40.65
CA ILE A 359 -12.40 39.38 -39.82
C ILE A 359 -12.89 40.19 -38.63
N ASN A 360 -13.90 41.04 -38.85
CA ASN A 360 -14.41 41.88 -37.76
C ASN A 360 -14.98 41.03 -36.63
N HIS A 361 -15.71 39.96 -36.96
CA HIS A 361 -16.23 39.09 -35.91
C HIS A 361 -15.10 38.40 -35.15
N ALA A 362 -14.02 38.02 -35.85
CA ALA A 362 -12.87 37.45 -35.18
C ALA A 362 -12.14 38.48 -34.33
N LEU A 363 -12.11 39.74 -34.79
CA LEU A 363 -11.48 40.81 -34.02
C LEU A 363 -12.38 41.29 -32.89
N LYS A 364 -13.69 41.42 -33.16
CA LYS A 364 -14.61 41.90 -32.13
C LYS A 364 -14.70 40.92 -30.96
N TYR A 365 -14.68 39.62 -31.25
CA TYR A 365 -14.76 38.62 -30.18
C TYR A 365 -13.57 38.75 -29.22
N SER A 366 -12.39 39.07 -29.76
CA SER A 366 -11.23 39.25 -28.89
C SER A 366 -11.30 40.56 -28.13
N TRP A 367 -11.99 41.57 -28.68
CA TRP A 367 -12.19 42.82 -27.95
C TRP A 367 -13.09 42.60 -26.73
N ASP A 368 -14.25 41.98 -26.95
CA ASP A 368 -15.20 41.77 -25.85
C ASP A 368 -14.61 40.93 -24.74
N GLN A 369 -13.70 40.01 -25.08
CA GLN A 369 -12.99 39.27 -24.04
C GLN A 369 -12.16 40.21 -23.17
N LEU A 370 -11.37 41.09 -23.80
CA LEU A 370 -10.54 42.03 -23.07
C LEU A 370 -11.33 43.24 -22.56
N GLU A 371 -12.57 43.43 -23.00
CA GLU A 371 -13.46 44.39 -22.37
C GLU A 371 -14.12 43.81 -21.13
N GLY A 372 -13.55 42.74 -20.57
CA GLY A 372 -13.82 42.32 -19.22
C GLY A 372 -13.31 43.27 -18.16
N LYS A 373 -12.69 44.39 -18.58
CA LYS A 373 -12.32 45.46 -17.67
C LYS A 373 -13.53 46.14 -17.06
N VAL A 374 -14.71 45.99 -17.67
CA VAL A 374 -15.95 46.44 -17.03
C VAL A 374 -16.10 45.78 -15.67
N ARG A 375 -15.99 44.45 -15.63
CA ARG A 375 -15.89 43.77 -14.35
C ARG A 375 -14.59 44.17 -13.66
N ARG A 376 -14.66 44.37 -12.35
CA ARG A 376 -13.48 44.74 -11.57
C ARG A 376 -12.37 43.71 -11.74
N ARG A 377 -11.55 43.89 -12.78
CA ARG A 377 -10.48 42.97 -13.16
C ARG A 377 -9.80 43.49 -14.42
N HIS A 378 -9.04 42.62 -15.10
CA HIS A 378 -8.55 42.83 -16.46
C HIS A 378 -7.67 44.07 -16.60
N LEU A 379 -7.06 44.51 -15.51
CA LEU A 379 -6.19 45.70 -15.51
C LEU A 379 -6.97 46.90 -16.05
N LYS A 380 -6.48 47.51 -17.12
CA LYS A 380 -7.09 48.73 -17.67
C LYS A 380 -6.68 48.88 -19.14
N ALA A 381 -7.03 50.02 -19.73
CA ALA A 381 -6.66 50.31 -21.11
C ALA A 381 -5.15 50.25 -21.33
N SER A 382 -4.36 50.41 -20.28
CA SER A 382 -2.93 50.16 -20.38
C SER A 382 -2.65 48.75 -20.87
N GLU A 383 -3.16 47.75 -20.15
CA GLU A 383 -2.94 46.35 -20.51
C GLU A 383 -3.98 45.80 -21.47
N ARG A 384 -5.17 46.40 -21.55
CA ARG A 384 -6.16 45.93 -22.52
C ARG A 384 -5.70 46.20 -23.94
N ASP A 385 -5.23 47.42 -24.21
CA ASP A 385 -4.68 47.74 -25.52
C ASP A 385 -3.26 47.23 -25.71
N LYS A 386 -2.57 46.87 -24.62
CA LYS A 386 -1.24 46.26 -24.75
C LYS A 386 -1.37 44.85 -25.33
N GLN A 387 -2.25 44.03 -24.76
CA GLN A 387 -2.49 42.70 -25.31
C GLN A 387 -3.19 42.77 -26.67
N LEU A 388 -4.09 43.75 -26.84
CA LEU A 388 -4.83 43.87 -28.08
C LEU A 388 -3.93 44.31 -29.23
N ALA A 389 -2.87 45.06 -28.95
CA ALA A 389 -1.94 45.49 -30.00
C ALA A 389 -1.25 44.31 -30.67
N LEU A 390 -1.27 43.14 -30.05
CA LEU A 390 -0.74 41.91 -30.64
C LEU A 390 -1.73 41.24 -31.58
N ILE A 391 -2.96 41.75 -31.67
CA ILE A 391 -3.99 41.18 -32.52
C ILE A 391 -4.19 42.09 -33.72
N SER A 392 -4.26 41.49 -34.92
CA SER A 392 -4.48 42.23 -36.14
C SER A 392 -5.14 41.31 -37.16
N GLY A 393 -5.70 41.91 -38.20
CA GLY A 393 -6.39 41.15 -39.23
C GLY A 393 -6.27 41.80 -40.58
N THR A 394 -6.20 40.96 -41.61
CA THR A 394 -6.09 41.44 -42.99
C THR A 394 -6.57 40.35 -43.93
N THR A 395 -6.94 40.77 -45.13
CA THR A 395 -7.46 39.87 -46.16
C THR A 395 -6.46 39.63 -47.28
N ASP A 396 -5.21 40.10 -47.13
CA ASP A 396 -4.33 40.22 -48.29
C ASP A 396 -2.91 39.73 -48.05
N TYR A 397 -2.67 38.89 -47.04
CA TYR A 397 -1.42 38.12 -46.92
C TYR A 397 -0.17 39.00 -46.88
N ARG A 398 -0.27 40.24 -46.38
CA ARG A 398 0.83 41.17 -46.51
C ARG A 398 1.85 41.10 -45.39
N GLY A 399 1.54 40.47 -44.26
CA GLY A 399 2.48 40.40 -43.17
C GLY A 399 2.79 39.00 -42.70
N PHE A 400 2.65 38.03 -43.60
CA PHE A 400 2.81 36.62 -43.25
C PHE A 400 4.16 36.04 -43.66
N ALA A 401 5.05 36.85 -44.24
CA ALA A 401 6.30 36.31 -44.77
C ALA A 401 7.22 35.75 -43.70
N HIS A 402 6.98 36.04 -42.41
CA HIS A 402 7.88 35.60 -41.35
C HIS A 402 7.11 35.00 -40.17
N ARG A 403 5.99 34.32 -40.43
CA ARG A 403 5.18 33.75 -39.37
C ARG A 403 5.69 32.35 -39.03
N ASP A 404 6.15 32.18 -37.78
CA ASP A 404 6.80 30.94 -37.40
C ASP A 404 5.84 29.75 -37.38
N LEU A 405 4.55 30.01 -37.16
CA LEU A 405 3.55 28.95 -37.15
C LEU A 405 2.20 29.57 -37.47
N ILE A 406 1.39 28.87 -38.26
CA ILE A 406 0.09 29.37 -38.66
C ILE A 406 -0.96 28.30 -38.37
N ILE A 407 -1.97 28.67 -37.58
CA ILE A 407 -3.06 27.76 -37.23
C ILE A 407 -4.19 27.93 -38.23
N GLU A 408 -4.60 26.81 -38.84
CA GLU A 408 -5.67 26.80 -39.83
C GLU A 408 -6.99 26.46 -39.16
N ALA A 409 -8.01 27.27 -39.43
CA ALA A 409 -9.34 27.06 -38.84
C ALA A 409 -10.41 27.43 -39.86
N VAL A 410 -10.25 26.94 -41.09
CA VAL A 410 -11.20 27.22 -42.15
C VAL A 410 -12.18 26.05 -42.24
N PHE A 411 -12.96 26.01 -43.32
CA PHE A 411 -14.01 25.02 -43.48
C PHE A 411 -13.43 23.61 -43.48
N GLU A 412 -14.21 22.66 -42.96
CA GLU A 412 -13.80 21.26 -42.88
C GLU A 412 -13.96 20.64 -44.27
N ASN A 413 -12.95 20.86 -45.10
CA ASN A 413 -12.93 20.28 -46.45
C ASN A 413 -11.48 19.95 -46.80
N LEU A 414 -11.26 18.71 -47.26
CA LEU A 414 -9.90 18.25 -47.52
C LEU A 414 -9.25 19.05 -48.64
N GLU A 415 -9.94 19.19 -49.78
CA GLU A 415 -9.37 19.91 -50.91
C GLU A 415 -9.12 21.38 -50.58
N LEU A 416 -9.92 21.95 -49.67
CA LEU A 416 -9.67 23.33 -49.25
C LEU A 416 -8.45 23.40 -48.33
N LYS A 417 -8.31 22.42 -47.44
CA LYS A 417 -7.17 22.41 -46.51
C LYS A 417 -5.87 22.18 -47.26
N GLN A 418 -5.88 21.32 -48.28
CA GLN A 418 -4.69 21.13 -49.09
C GLN A 418 -4.29 22.43 -49.78
N GLN A 419 -5.27 23.20 -50.25
CA GLN A 419 -4.97 24.50 -50.84
C GLN A 419 -4.40 25.46 -49.80
N MET A 420 -4.90 25.40 -48.57
CA MET A 420 -4.36 26.25 -47.52
C MET A 420 -2.89 25.93 -47.26
N VAL A 421 -2.54 24.64 -47.22
CA VAL A 421 -1.13 24.25 -47.09
C VAL A 421 -0.32 24.82 -48.24
N ALA A 422 -0.87 24.77 -49.46
CA ALA A 422 -0.17 25.28 -50.61
C ALA A 422 -0.06 26.80 -50.61
N GLU A 423 -0.86 27.48 -49.80
CA GLU A 423 -0.80 28.94 -49.73
C GLU A 423 0.17 29.43 -48.67
N VAL A 424 0.23 28.74 -47.52
CA VAL A 424 1.14 29.18 -46.47
C VAL A 424 2.58 28.94 -46.87
N GLU A 425 2.86 27.87 -47.62
CA GLU A 425 4.22 27.60 -48.04
C GLU A 425 4.69 28.58 -49.10
N GLN A 426 3.77 29.18 -49.86
CA GLN A 426 4.13 30.14 -50.89
C GLN A 426 4.11 31.58 -50.41
N ASN A 427 3.36 31.88 -49.35
CA ASN A 427 3.26 33.25 -48.83
C ASN A 427 3.99 33.45 -47.52
N CYS A 428 4.55 32.41 -46.91
CA CYS A 428 5.27 32.52 -45.65
C CYS A 428 6.65 31.91 -45.80
N ALA A 429 7.39 31.88 -44.70
CA ALA A 429 8.77 31.41 -44.70
C ALA A 429 8.82 29.90 -44.98
N ALA A 430 10.04 29.40 -45.13
CA ALA A 430 10.27 27.99 -45.41
C ALA A 430 10.34 27.15 -44.14
N HIS A 431 10.19 27.77 -42.97
CA HIS A 431 10.27 27.06 -41.70
C HIS A 431 8.95 27.13 -40.94
N THR A 432 7.91 27.70 -41.54
CA THR A 432 6.62 27.81 -40.87
C THR A 432 6.01 26.44 -40.67
N ILE A 433 5.13 26.35 -39.66
CA ILE A 433 4.46 25.10 -39.31
C ILE A 433 2.97 25.29 -39.55
N PHE A 434 2.37 24.33 -40.27
CA PHE A 434 0.94 24.34 -40.57
C PHE A 434 0.22 23.51 -39.52
N ALA A 435 -0.60 24.15 -38.71
CA ALA A 435 -1.36 23.49 -37.65
C ALA A 435 -2.84 23.57 -38.00
N SER A 436 -3.43 22.44 -38.36
CA SER A 436 -4.81 22.36 -38.80
C SER A 436 -5.73 22.04 -37.64
N ASN A 437 -6.83 22.77 -37.54
CA ASN A 437 -7.85 22.54 -36.51
C ASN A 437 -9.00 21.72 -37.07
N THR A 438 -8.66 20.52 -37.54
CA THR A 438 -9.62 19.64 -38.19
C THR A 438 -10.30 18.73 -37.18
N SER A 439 -11.47 18.22 -37.57
CA SER A 439 -12.27 17.37 -36.72
C SER A 439 -12.46 15.96 -37.27
N SER A 440 -12.44 15.77 -38.59
CA SER A 440 -12.70 14.47 -39.17
C SER A 440 -11.84 14.17 -40.40
N LEU A 441 -10.80 14.96 -40.68
CA LEU A 441 -9.96 14.70 -41.84
C LEU A 441 -8.59 14.19 -41.40
N PRO A 442 -8.05 13.19 -42.09
CA PRO A 442 -6.72 12.68 -41.71
C PRO A 442 -5.62 13.67 -42.08
N ILE A 443 -4.65 13.81 -41.18
CA ILE A 443 -3.57 14.77 -41.39
C ILE A 443 -2.70 14.35 -42.56
N GLY A 444 -2.56 13.04 -42.80
CA GLY A 444 -1.77 12.58 -43.93
C GLY A 444 -2.33 13.01 -45.27
N ASP A 445 -3.66 13.13 -45.37
CA ASP A 445 -4.26 13.63 -46.60
C ASP A 445 -4.16 15.14 -46.72
N ILE A 446 -4.12 15.86 -45.59
CA ILE A 446 -3.90 17.30 -45.64
C ILE A 446 -2.46 17.60 -46.03
N ALA A 447 -1.53 16.73 -45.64
CA ALA A 447 -0.12 16.89 -45.94
C ALA A 447 0.31 16.18 -47.22
N ALA A 448 -0.64 15.64 -47.99
CA ALA A 448 -0.30 14.78 -49.10
C ALA A 448 0.47 15.55 -50.18
N HIS A 449 0.11 16.81 -50.40
CA HIS A 449 0.67 17.60 -51.50
C HIS A 449 1.47 18.79 -50.99
N ALA A 450 2.13 18.64 -49.84
CA ALA A 450 2.94 19.70 -49.28
C ALA A 450 4.38 19.58 -49.75
N THR A 451 4.99 20.72 -50.06
CA THR A 451 6.41 20.73 -50.42
C THR A 451 7.27 20.35 -49.24
N ARG A 452 6.97 20.88 -48.04
CA ARG A 452 7.62 20.49 -46.81
C ARG A 452 6.58 19.82 -45.91
N PRO A 453 6.35 18.51 -46.06
CA PRO A 453 5.37 17.83 -45.20
C PRO A 453 5.85 17.61 -43.77
N GLU A 454 7.09 17.99 -43.45
CA GLU A 454 7.60 17.82 -42.08
C GLU A 454 7.03 18.85 -41.12
N GLN A 455 6.50 19.96 -41.63
CA GLN A 455 6.07 21.08 -40.82
C GLN A 455 4.56 21.27 -40.86
N VAL A 456 3.82 20.17 -40.89
CA VAL A 456 2.36 20.21 -40.87
C VAL A 456 1.88 19.26 -39.78
N ILE A 457 0.95 19.74 -38.94
CA ILE A 457 0.51 19.00 -37.76
C ILE A 457 -0.96 19.31 -37.53
N GLY A 458 -1.59 18.50 -36.69
CA GLY A 458 -2.97 18.74 -36.27
C GLY A 458 -2.99 19.34 -34.88
N LEU A 459 -3.75 20.42 -34.73
CA LEU A 459 -3.91 21.12 -33.46
C LEU A 459 -5.41 21.33 -33.26
N HIS A 460 -6.03 20.46 -32.47
CA HIS A 460 -7.48 20.34 -32.39
C HIS A 460 -7.98 21.03 -31.14
N PHE A 461 -8.75 22.10 -31.32
CA PHE A 461 -9.39 22.83 -30.23
C PHE A 461 -10.85 22.43 -30.12
N PHE A 462 -11.51 22.94 -29.08
CA PHE A 462 -12.92 22.66 -28.86
C PHE A 462 -13.64 23.95 -28.52
N SER A 463 -14.75 24.22 -29.22
CA SER A 463 -15.49 25.46 -28.97
C SER A 463 -16.43 25.29 -27.77
N PRO A 464 -16.56 26.32 -26.92
CA PRO A 464 -15.86 27.62 -27.02
C PRO A 464 -14.37 27.51 -26.68
N VAL A 465 -13.54 28.20 -27.46
CA VAL A 465 -12.09 28.00 -27.34
C VAL A 465 -11.56 28.54 -26.02
N GLU A 466 -12.12 29.66 -25.54
CA GLU A 466 -11.64 30.23 -24.28
C GLU A 466 -11.97 29.33 -23.09
N LYS A 467 -13.13 28.66 -23.13
CA LYS A 467 -13.56 27.88 -21.98
C LYS A 467 -12.92 26.51 -21.94
N MET A 468 -12.90 25.80 -23.07
CA MET A 468 -12.41 24.42 -23.08
C MET A 468 -10.89 24.40 -22.89
N PRO A 469 -10.36 23.53 -22.03
CA PRO A 469 -8.93 23.56 -21.71
C PRO A 469 -8.08 22.49 -22.39
N LEU A 470 -8.67 21.57 -23.15
CA LEU A 470 -7.94 20.48 -23.77
C LEU A 470 -7.73 20.76 -25.24
N VAL A 471 -6.61 20.25 -25.77
CA VAL A 471 -6.34 20.28 -27.21
C VAL A 471 -5.73 18.94 -27.60
N GLU A 472 -6.02 18.52 -28.83
CA GLU A 472 -5.46 17.30 -29.40
C GLU A 472 -4.43 17.69 -30.45
N ILE A 473 -3.19 17.25 -30.25
CA ILE A 473 -2.09 17.53 -31.17
C ILE A 473 -1.81 16.24 -31.95
N ILE A 474 -2.15 16.25 -33.23
CA ILE A 474 -2.12 15.05 -34.05
C ILE A 474 -1.01 15.13 -35.09
N PRO A 475 0.12 14.47 -34.87
CA PRO A 475 1.15 14.41 -35.91
C PRO A 475 0.81 13.32 -36.93
N HIS A 476 1.10 13.59 -38.20
CA HIS A 476 0.89 12.59 -39.24
C HIS A 476 2.18 11.77 -39.39
N ALA A 477 2.24 10.95 -40.45
CA ALA A 477 3.35 10.02 -40.59
C ALA A 477 4.69 10.74 -40.72
N GLY A 478 4.70 11.90 -41.37
CA GLY A 478 5.92 12.64 -41.60
C GLY A 478 6.14 13.90 -40.79
N THR A 479 5.30 14.17 -39.79
CA THR A 479 5.49 15.33 -38.94
C THR A 479 6.81 15.22 -38.19
N SER A 480 7.62 16.27 -38.29
CA SER A 480 8.94 16.24 -37.66
C SER A 480 8.82 16.17 -36.15
N ALA A 481 9.81 15.54 -35.52
CA ALA A 481 9.87 15.55 -34.06
C ALA A 481 10.11 16.95 -33.52
N GLN A 482 10.63 17.87 -34.33
CA GLN A 482 10.81 19.24 -33.89
C GLN A 482 9.47 19.99 -33.84
N THR A 483 8.69 19.91 -34.94
CA THR A 483 7.40 20.60 -34.97
C THR A 483 6.39 19.98 -34.02
N ILE A 484 6.55 18.69 -33.67
CA ILE A 484 5.75 18.11 -32.59
C ILE A 484 6.03 18.84 -31.28
N ALA A 485 7.32 18.95 -30.91
CA ALA A 485 7.68 19.64 -29.69
C ALA A 485 7.38 21.13 -29.78
N THR A 486 7.38 21.70 -30.99
CA THR A 486 7.12 23.13 -31.13
C THR A 486 5.65 23.45 -30.90
N THR A 487 4.74 22.62 -31.46
CA THR A 487 3.31 22.91 -31.35
C THR A 487 2.83 22.80 -29.90
N VAL A 488 3.29 21.78 -29.17
CA VAL A 488 2.85 21.60 -27.80
C VAL A 488 3.35 22.74 -26.91
N LYS A 489 4.56 23.23 -27.18
CA LYS A 489 5.07 24.38 -26.43
C LYS A 489 4.15 25.59 -26.59
N LEU A 490 3.59 25.76 -27.79
CA LEU A 490 2.58 26.79 -27.99
C LEU A 490 1.28 26.43 -27.31
N ALA A 491 0.86 25.17 -27.40
CA ALA A 491 -0.39 24.73 -26.80
C ALA A 491 -0.36 24.91 -25.28
N LYS A 492 0.78 24.61 -24.65
CA LYS A 492 0.90 24.82 -23.22
C LYS A 492 0.99 26.30 -22.88
N LYS A 493 1.56 27.11 -23.78
CA LYS A 493 1.61 28.56 -23.57
C LYS A 493 0.22 29.18 -23.61
N GLN A 494 -0.71 28.57 -24.35
CA GLN A 494 -2.07 29.08 -24.44
C GLN A 494 -2.94 28.64 -23.27
N GLY A 495 -2.35 28.02 -22.25
CA GLY A 495 -3.09 27.57 -21.09
C GLY A 495 -3.82 26.27 -21.26
N LYS A 496 -3.56 25.54 -22.34
CA LYS A 496 -4.22 24.27 -22.64
C LYS A 496 -3.34 23.10 -22.20
N THR A 497 -3.99 22.02 -21.76
CA THR A 497 -3.28 20.79 -21.47
C THR A 497 -3.38 19.87 -22.67
N PRO A 498 -2.32 19.70 -23.45
CA PRO A 498 -2.41 18.93 -24.69
C PRO A 498 -2.11 17.46 -24.53
N ILE A 499 -2.75 16.67 -25.38
CA ILE A 499 -2.41 15.26 -25.56
C ILE A 499 -2.01 15.07 -27.02
N VAL A 500 -1.06 14.18 -27.25
CA VAL A 500 -0.59 13.86 -28.59
C VAL A 500 -1.20 12.51 -28.99
N VAL A 501 -2.04 12.52 -30.02
CA VAL A 501 -2.77 11.33 -30.44
C VAL A 501 -2.47 11.02 -31.90
N ARG A 502 -2.63 9.75 -32.25
CA ARG A 502 -2.28 9.26 -33.58
C ARG A 502 -3.27 9.76 -34.62
N ASP A 503 -2.84 9.70 -35.88
CA ASP A 503 -3.65 10.21 -37.00
C ASP A 503 -4.65 9.16 -37.49
N LYS A 504 -5.53 8.75 -36.58
CA LYS A 504 -6.64 7.88 -36.94
C LYS A 504 -7.94 8.65 -36.88
N ALA A 505 -8.96 8.11 -37.55
CA ALA A 505 -10.23 8.82 -37.68
C ALA A 505 -10.86 9.07 -36.31
N GLY A 506 -11.40 10.27 -36.13
CA GLY A 506 -11.98 10.66 -34.87
C GLY A 506 -10.99 11.00 -33.76
N PHE A 507 -9.70 10.66 -33.94
CA PHE A 507 -8.65 10.93 -32.96
C PHE A 507 -9.01 10.19 -31.68
N TYR A 508 -9.18 10.85 -30.54
CA TYR A 508 -9.47 10.17 -29.27
C TYR A 508 -10.74 10.68 -28.61
N VAL A 509 -10.83 11.98 -28.30
CA VAL A 509 -11.91 12.47 -27.46
C VAL A 509 -13.24 12.46 -28.23
N ASN A 510 -13.21 12.72 -29.53
CA ASN A 510 -14.43 12.63 -30.32
C ASN A 510 -14.80 11.18 -30.60
N ARG A 511 -13.81 10.30 -30.68
CA ARG A 511 -14.08 8.91 -31.00
C ARG A 511 -14.72 8.18 -29.82
N ILE A 512 -14.31 8.50 -28.60
CA ILE A 512 -14.90 7.89 -27.41
C ILE A 512 -16.17 8.60 -26.96
N LEU A 513 -16.63 9.61 -27.71
CA LEU A 513 -17.85 10.32 -27.38
C LEU A 513 -18.99 10.05 -28.36
N ALA A 514 -18.68 9.69 -29.60
CA ALA A 514 -19.73 9.39 -30.58
C ALA A 514 -20.60 8.21 -30.16
N PRO A 515 -20.06 7.05 -29.75
CA PRO A 515 -20.95 5.99 -29.26
C PRO A 515 -21.66 6.38 -27.98
N TYR A 516 -21.07 7.27 -27.19
CA TYR A 516 -21.69 7.76 -25.96
C TYR A 516 -22.96 8.55 -26.27
N ILE A 517 -22.93 9.36 -27.32
CA ILE A 517 -24.09 10.17 -27.67
C ILE A 517 -25.10 9.34 -28.48
N ASN A 518 -24.61 8.47 -29.36
CA ASN A 518 -25.52 7.65 -30.15
C ASN A 518 -26.38 6.75 -29.27
N GLU A 519 -25.83 6.26 -28.16
CA GLU A 519 -26.60 5.40 -27.28
C GLU A 519 -27.70 6.17 -26.57
N ALA A 520 -27.42 7.42 -26.18
CA ALA A 520 -28.46 8.25 -25.57
C ALA A 520 -29.59 8.54 -26.55
N ILE A 521 -29.24 8.77 -27.82
CA ILE A 521 -30.27 9.00 -28.83
C ILE A 521 -31.03 7.72 -29.12
N ARG A 522 -30.36 6.57 -29.08
CA ARG A 522 -31.06 5.31 -29.31
C ARG A 522 -32.06 5.01 -28.21
N MET A 523 -31.82 5.51 -27.00
CA MET A 523 -32.81 5.33 -25.94
C MET A 523 -34.02 6.22 -26.16
N LEU A 524 -33.84 7.38 -26.78
CA LEU A 524 -34.97 8.24 -27.11
C LEU A 524 -35.91 7.54 -28.09
N THR A 525 -35.35 6.85 -29.08
CA THR A 525 -36.17 6.07 -30.00
C THR A 525 -36.75 4.83 -29.35
N GLN A 526 -36.36 4.51 -28.12
CA GLN A 526 -36.89 3.38 -27.38
C GLN A 526 -37.85 3.79 -26.27
N GLY A 527 -38.42 5.00 -26.35
CA GLY A 527 -39.44 5.44 -25.44
C GLY A 527 -38.97 6.28 -24.28
N GLU A 528 -37.67 6.55 -24.17
CA GLU A 528 -37.17 7.31 -23.04
C GLU A 528 -37.48 8.79 -23.18
N ARG A 529 -37.47 9.48 -22.04
CA ARG A 529 -37.67 10.92 -21.97
C ARG A 529 -36.33 11.60 -21.75
N VAL A 530 -36.13 12.74 -22.43
CA VAL A 530 -34.82 13.40 -22.38
C VAL A 530 -34.57 14.01 -21.01
N GLU A 531 -35.62 14.35 -20.27
CA GLU A 531 -35.41 14.85 -18.91
C GLU A 531 -34.84 13.78 -18.01
N HIS A 532 -35.15 12.51 -18.28
CA HIS A 532 -34.65 11.41 -17.47
C HIS A 532 -33.22 11.05 -17.82
N ILE A 533 -32.88 11.07 -19.12
CA ILE A 533 -31.56 10.64 -19.54
C ILE A 533 -30.49 11.64 -19.11
N ASP A 534 -30.67 12.91 -19.45
CA ASP A 534 -29.66 13.92 -19.12
C ASP A 534 -29.44 14.01 -17.61
N ALA A 535 -30.51 13.92 -16.83
CA ALA A 535 -30.37 13.96 -15.37
C ALA A 535 -29.67 12.71 -14.85
N ALA A 536 -29.78 11.59 -15.58
CA ALA A 536 -29.19 10.35 -15.12
C ALA A 536 -27.66 10.35 -15.24
N LEU A 537 -27.13 11.04 -16.26
CA LEU A 537 -25.69 11.04 -16.47
C LEU A 537 -24.97 12.16 -15.74
N VAL A 538 -25.65 13.29 -15.50
CA VAL A 538 -25.03 14.32 -14.66
C VAL A 538 -24.96 13.84 -13.22
N LYS A 539 -25.93 13.04 -12.78
CA LYS A 539 -25.81 12.40 -11.47
C LYS A 539 -24.70 11.36 -11.47
N PHE A 540 -24.46 10.70 -12.60
CA PHE A 540 -23.35 9.76 -12.70
C PHE A 540 -22.01 10.45 -12.53
N GLY A 541 -21.90 11.71 -12.96
CA GLY A 541 -20.68 12.45 -12.77
C GLY A 541 -20.34 13.43 -13.88
N PHE A 542 -21.07 13.35 -14.99
CA PHE A 542 -20.82 14.23 -16.12
C PHE A 542 -21.35 15.64 -15.82
N PRO A 543 -20.81 16.65 -16.52
CA PRO A 543 -21.28 18.02 -16.30
C PRO A 543 -22.70 18.23 -16.81
N VAL A 544 -22.96 17.82 -18.05
CA VAL A 544 -24.28 17.93 -18.66
C VAL A 544 -24.60 16.62 -19.37
N GLY A 545 -25.89 16.40 -19.59
CA GLY A 545 -26.36 15.20 -20.26
C GLY A 545 -25.85 15.10 -21.68
N PRO A 546 -25.96 13.91 -22.28
CA PRO A 546 -25.40 13.72 -23.63
C PRO A 546 -26.07 14.58 -24.69
N ILE A 547 -27.39 14.71 -24.67
CA ILE A 547 -28.06 15.45 -25.74
C ILE A 547 -28.14 16.95 -25.44
N GLN A 548 -28.15 17.34 -24.17
CA GLN A 548 -27.92 18.75 -23.86
C GLN A 548 -26.54 19.18 -24.34
N LEU A 549 -25.54 18.33 -24.13
CA LEU A 549 -24.22 18.55 -24.72
C LEU A 549 -24.33 18.64 -26.24
N LEU A 550 -25.11 17.76 -26.86
CA LEU A 550 -25.28 17.80 -28.31
C LEU A 550 -25.94 19.08 -28.76
N ASP A 551 -26.87 19.60 -27.95
CA ASP A 551 -27.54 20.86 -28.30
C ASP A 551 -26.60 22.05 -28.16
N GLU A 552 -25.89 22.13 -27.03
CA GLU A 552 -24.98 23.26 -26.80
C GLU A 552 -23.89 23.31 -27.86
N VAL A 553 -23.26 22.16 -28.15
CA VAL A 553 -22.21 22.13 -29.15
C VAL A 553 -22.76 22.21 -30.57
N GLY A 554 -24.05 21.94 -30.76
CA GLY A 554 -24.64 21.98 -32.08
C GLY A 554 -24.90 20.60 -32.65
N ILE A 555 -26.14 20.37 -33.09
CA ILE A 555 -26.47 19.08 -33.71
C ILE A 555 -25.81 18.95 -35.07
N ASP A 556 -25.52 20.08 -35.73
CA ASP A 556 -24.76 20.04 -36.98
C ASP A 556 -23.37 19.48 -36.75
N THR A 557 -22.64 20.03 -35.78
CA THR A 557 -21.25 19.65 -35.55
C THR A 557 -21.14 18.29 -34.87
N GLY A 558 -22.05 17.98 -33.94
CA GLY A 558 -21.97 16.74 -33.19
C GLY A 558 -22.33 15.50 -33.99
N THR A 559 -22.88 15.67 -35.19
CA THR A 559 -23.30 14.54 -36.01
C THR A 559 -22.59 14.47 -37.35
N LYS A 560 -21.65 15.38 -37.63
CA LYS A 560 -20.89 15.30 -38.88
C LYS A 560 -19.77 14.27 -38.82
N ILE A 561 -19.48 13.72 -37.65
CA ILE A 561 -18.40 12.75 -37.50
C ILE A 561 -18.89 11.30 -37.40
N ILE A 562 -20.20 11.08 -37.27
CA ILE A 562 -20.73 9.73 -37.23
C ILE A 562 -20.58 9.01 -38.56
N PRO A 563 -20.57 9.68 -39.76
CA PRO A 563 -20.30 8.93 -40.99
C PRO A 563 -18.82 8.61 -41.16
N VAL A 564 -17.95 9.50 -40.68
CA VAL A 564 -16.52 9.28 -40.79
C VAL A 564 -16.10 8.08 -39.93
N LEU A 565 -16.63 7.99 -38.71
CA LEU A 565 -16.32 6.88 -37.83
C LEU A 565 -17.01 5.59 -38.22
N GLU A 566 -18.06 5.66 -39.03
CA GLU A 566 -18.71 4.45 -39.50
C GLU A 566 -17.84 3.72 -40.52
N ALA A 567 -17.39 4.43 -41.56
CA ALA A 567 -16.56 3.80 -42.58
C ALA A 567 -15.17 3.41 -42.07
N ALA A 568 -14.67 4.08 -41.02
CA ALA A 568 -13.35 3.80 -40.48
C ALA A 568 -13.33 2.64 -39.49
N TYR A 569 -14.44 2.38 -38.80
CA TYR A 569 -14.46 1.35 -37.76
C TYR A 569 -15.68 0.44 -37.82
N GLY A 570 -16.55 0.60 -38.81
CA GLY A 570 -17.67 -0.30 -38.99
C GLY A 570 -18.95 0.24 -38.39
N GLU A 571 -19.92 -0.66 -38.25
CA GLU A 571 -21.24 -0.33 -37.71
C GLU A 571 -21.23 -0.10 -36.22
N ARG A 572 -20.08 -0.18 -35.54
CA ARG A 572 -20.04 0.03 -34.10
C ARG A 572 -20.44 1.46 -33.74
N PHE A 573 -20.14 2.42 -34.61
CA PHE A 573 -20.49 3.82 -34.41
C PHE A 573 -21.81 4.20 -35.04
N SER A 574 -22.67 3.21 -35.33
CA SER A 574 -23.94 3.49 -35.98
C SER A 574 -24.87 4.27 -35.05
N ALA A 575 -25.85 4.93 -35.65
CA ALA A 575 -26.88 5.68 -34.94
C ALA A 575 -28.24 5.08 -35.31
N PRO A 576 -29.33 5.50 -34.66
CA PRO A 576 -30.65 5.06 -35.13
C PRO A 576 -30.87 5.43 -36.59
N ALA A 577 -31.83 4.72 -37.20
CA ALA A 577 -31.96 4.69 -38.65
C ALA A 577 -32.01 6.09 -39.26
N ASN A 578 -32.99 6.90 -38.86
CA ASN A 578 -33.17 8.21 -39.47
C ASN A 578 -33.51 9.28 -38.44
N VAL A 579 -32.93 9.21 -37.24
CA VAL A 579 -33.23 10.19 -36.21
C VAL A 579 -32.59 11.54 -36.55
N VAL A 580 -31.26 11.54 -36.73
CA VAL A 580 -30.57 12.79 -37.03
C VAL A 580 -30.94 13.30 -38.42
N SER A 581 -31.27 12.38 -39.33
CA SER A 581 -31.75 12.80 -40.65
C SER A 581 -33.07 13.54 -40.56
N SER A 582 -33.90 13.23 -39.56
CA SER A 582 -35.19 13.88 -39.42
C SER A 582 -35.13 15.18 -38.62
N ILE A 583 -34.14 15.32 -37.73
CA ILE A 583 -34.11 16.49 -36.84
C ILE A 583 -33.66 17.73 -37.61
N LEU A 584 -32.49 17.67 -38.24
CA LEU A 584 -31.95 18.85 -38.91
C LEU A 584 -32.57 19.08 -40.28
N ASN A 585 -33.29 18.10 -40.84
CA ASN A 585 -34.11 18.38 -42.01
C ASN A 585 -35.37 19.16 -41.64
N ASP A 586 -35.72 19.20 -40.36
CA ASP A 586 -36.65 20.17 -39.81
C ASP A 586 -35.95 21.48 -39.45
N ASP A 587 -34.68 21.62 -39.83
CA ASP A 587 -33.85 22.77 -39.49
C ASP A 587 -33.85 23.02 -37.98
N ARG A 588 -33.42 21.99 -37.25
CA ARG A 588 -33.29 22.04 -35.79
C ARG A 588 -31.81 21.76 -35.48
N LYS A 589 -30.98 22.79 -35.63
CA LYS A 589 -29.54 22.67 -35.47
C LYS A 589 -29.09 22.72 -34.00
N GLY A 590 -30.01 22.88 -33.06
CA GLY A 590 -29.64 22.99 -31.67
C GLY A 590 -29.79 24.41 -31.14
N ARG A 591 -28.93 24.80 -30.20
CA ARG A 591 -29.00 26.15 -29.65
C ARG A 591 -28.42 27.20 -30.58
N LYS A 592 -27.56 26.80 -31.52
CA LYS A 592 -26.95 27.78 -32.42
C LYS A 592 -28.01 28.50 -33.26
N ASN A 593 -29.09 27.80 -33.63
CA ASN A 593 -30.22 28.44 -34.26
C ASN A 593 -31.38 28.49 -33.25
N GLY A 594 -32.61 28.54 -33.76
CA GLY A 594 -33.79 28.71 -32.93
C GLY A 594 -33.95 27.72 -31.81
N ARG A 595 -34.04 26.43 -32.15
CA ARG A 595 -34.34 25.41 -31.15
C ARG A 595 -33.71 24.09 -31.57
N GLY A 596 -33.71 23.15 -30.64
CA GLY A 596 -33.15 21.83 -30.88
C GLY A 596 -33.81 20.77 -30.01
N PHE A 597 -33.01 19.93 -29.36
CA PHE A 597 -33.57 19.00 -28.38
C PHE A 597 -34.25 19.74 -27.24
N TYR A 598 -33.73 20.91 -26.86
CA TYR A 598 -34.35 21.79 -25.89
C TYR A 598 -34.94 23.00 -26.60
N LEU A 599 -35.84 23.70 -25.91
CA LEU A 599 -36.61 24.79 -26.50
C LEU A 599 -35.77 26.01 -26.87
N TYR A 600 -35.27 26.72 -25.85
CA TYR A 600 -34.56 27.99 -25.93
C TYR A 600 -35.47 29.16 -26.31
N GLY A 601 -36.76 28.92 -26.49
CA GLY A 601 -37.71 29.99 -26.73
C GLY A 601 -38.53 30.27 -25.48
N GLN A 602 -37.97 29.92 -24.32
CA GLN A 602 -38.65 30.09 -23.04
C GLN A 602 -38.31 31.46 -22.46
N LYS A 603 -38.91 32.49 -23.04
CA LYS A 603 -38.80 33.85 -22.51
C LYS A 603 -39.82 34.04 -21.39
N GLY A 604 -39.37 34.71 -20.32
CA GLY A 604 -40.09 34.75 -19.06
C GLY A 604 -39.36 33.97 -17.98
N ARG A 605 -38.79 32.82 -18.36
CA ARG A 605 -37.76 32.14 -17.56
C ARG A 605 -38.27 31.75 -16.18
N LYS A 606 -39.54 31.36 -16.09
CA LYS A 606 -40.05 30.78 -14.84
C LYS A 606 -39.34 29.47 -14.54
N SER A 607 -39.21 28.59 -15.52
CA SER A 607 -38.46 27.35 -15.40
C SER A 607 -37.31 27.37 -16.39
N LYS A 608 -36.12 26.99 -15.92
CA LYS A 608 -34.93 27.12 -16.75
C LYS A 608 -34.89 26.05 -17.84
N LYS A 609 -35.00 24.78 -17.44
CA LYS A 609 -34.77 23.68 -18.38
C LYS A 609 -35.84 23.65 -19.45
N GLN A 610 -35.40 23.75 -20.70
CA GLN A 610 -36.29 24.03 -21.82
C GLN A 610 -37.08 22.80 -22.26
N VAL A 611 -36.41 21.65 -22.37
CA VAL A 611 -36.99 20.34 -22.70
C VAL A 611 -38.10 20.44 -23.74
N ASP A 612 -37.72 20.66 -25.00
CA ASP A 612 -38.67 20.80 -26.09
C ASP A 612 -39.50 19.53 -26.22
N PRO A 613 -40.82 19.61 -26.23
CA PRO A 613 -41.65 18.41 -26.42
C PRO A 613 -42.03 18.11 -27.86
N ALA A 614 -41.58 18.91 -28.83
CA ALA A 614 -41.79 18.58 -30.24
C ALA A 614 -40.79 17.54 -30.76
N ILE A 615 -39.71 17.26 -30.02
CA ILE A 615 -38.71 16.29 -30.45
C ILE A 615 -39.25 14.88 -30.37
N TYR A 616 -40.03 14.58 -29.32
CA TYR A 616 -40.59 13.23 -29.16
C TYR A 616 -41.41 12.78 -30.36
N PRO A 617 -42.39 13.55 -30.87
CA PRO A 617 -43.13 13.08 -32.06
C PRO A 617 -42.31 13.11 -33.33
N LEU A 618 -41.22 13.87 -33.37
CA LEU A 618 -40.43 13.98 -34.59
C LEU A 618 -39.70 12.67 -34.92
N ILE A 619 -39.34 11.90 -33.90
CA ILE A 619 -38.60 10.67 -34.08
C ILE A 619 -39.39 9.53 -33.45
N GLY A 620 -39.34 8.36 -34.08
CA GLY A 620 -40.15 7.24 -33.62
C GLY A 620 -39.74 6.81 -32.22
N THR A 621 -40.75 6.52 -31.40
CA THR A 621 -40.54 6.17 -29.99
C THR A 621 -41.65 5.24 -29.55
N GLN A 622 -41.45 3.94 -29.79
CA GLN A 622 -42.47 2.94 -29.43
C GLN A 622 -42.49 2.67 -27.93
N GLY A 623 -41.33 2.54 -27.29
CA GLY A 623 -41.26 2.16 -25.90
C GLY A 623 -41.95 3.14 -24.96
N GLN A 624 -42.00 2.75 -23.68
CA GLN A 624 -42.66 3.53 -22.63
C GLN A 624 -41.85 3.41 -21.33
N GLY A 625 -40.55 3.67 -21.42
CA GLY A 625 -39.69 3.84 -20.26
C GLY A 625 -39.54 2.66 -19.33
N ARG A 626 -39.17 1.49 -19.88
CA ARG A 626 -38.80 0.36 -19.02
C ARG A 626 -37.54 0.66 -18.24
N ILE A 627 -36.57 1.31 -18.89
CA ILE A 627 -35.22 1.46 -18.37
C ILE A 627 -35.24 2.29 -17.09
N SER A 628 -34.25 2.06 -16.23
CA SER A 628 -34.16 2.71 -14.94
C SER A 628 -33.31 3.98 -15.03
N ALA A 629 -32.71 4.38 -13.90
CA ALA A 629 -31.96 5.63 -13.83
C ALA A 629 -30.45 5.40 -13.91
N PRO A 630 -29.85 4.42 -13.17
CA PRO A 630 -28.42 4.14 -13.39
C PRO A 630 -28.18 3.21 -14.58
N GLN A 631 -29.19 2.43 -14.97
CA GLN A 631 -29.07 1.61 -16.17
C GLN A 631 -28.87 2.45 -17.41
N VAL A 632 -29.44 3.66 -17.44
CA VAL A 632 -29.27 4.54 -18.58
C VAL A 632 -27.86 5.10 -18.63
N ALA A 633 -27.39 5.66 -17.51
CA ALA A 633 -26.04 6.24 -17.48
C ALA A 633 -24.97 5.17 -17.68
N GLU A 634 -25.24 3.95 -17.23
CA GLU A 634 -24.26 2.88 -17.40
C GLU A 634 -24.23 2.37 -18.83
N ARG A 635 -25.36 2.44 -19.55
CA ARG A 635 -25.42 1.88 -20.89
C ARG A 635 -24.49 2.62 -21.84
N CYS A 636 -24.44 3.95 -21.75
CA CYS A 636 -23.59 4.70 -22.67
C CYS A 636 -22.19 4.92 -22.14
N VAL A 637 -21.99 4.91 -20.82
CA VAL A 637 -20.62 5.02 -20.31
C VAL A 637 -19.85 3.74 -20.57
N MET A 638 -20.54 2.61 -20.67
CA MET A 638 -19.87 1.37 -21.03
C MET A 638 -19.49 1.35 -22.50
N LEU A 639 -20.37 1.86 -23.36
CA LEU A 639 -20.01 2.03 -24.77
C LEU A 639 -18.80 2.95 -24.91
N MET A 640 -18.71 3.97 -24.05
CA MET A 640 -17.59 4.89 -24.12
C MET A 640 -16.33 4.26 -23.55
N LEU A 641 -16.46 3.52 -22.44
CA LEU A 641 -15.31 2.82 -21.89
C LEU A 641 -14.75 1.79 -22.87
N ASN A 642 -15.63 1.10 -23.59
CA ASN A 642 -15.19 0.15 -24.61
C ASN A 642 -14.32 0.84 -25.64
N GLU A 643 -14.81 1.96 -26.20
CA GLU A 643 -14.04 2.68 -27.20
C GLU A 643 -12.80 3.34 -26.61
N ALA A 644 -12.78 3.59 -25.30
CA ALA A 644 -11.62 4.22 -24.68
C ALA A 644 -10.43 3.28 -24.66
N VAL A 645 -10.61 2.07 -24.13
CA VAL A 645 -9.53 1.10 -24.09
C VAL A 645 -9.13 0.65 -25.49
N ARG A 646 -10.01 0.82 -26.49
CA ARG A 646 -9.65 0.48 -27.85
C ARG A 646 -8.48 1.34 -28.35
N CYS A 647 -8.54 2.66 -28.13
CA CYS A 647 -7.50 3.52 -28.67
C CYS A 647 -6.17 3.39 -27.93
N VAL A 648 -6.19 2.96 -26.66
CA VAL A 648 -4.91 2.72 -25.99
C VAL A 648 -4.30 1.41 -26.48
N ASP A 649 -5.13 0.48 -26.96
CA ASP A 649 -4.61 -0.74 -27.57
C ASP A 649 -4.14 -0.51 -28.99
N GLU A 650 -4.81 0.38 -29.73
CA GLU A 650 -4.40 0.78 -31.07
C GLU A 650 -3.33 1.85 -31.06
N GLN A 651 -2.81 2.21 -29.87
CA GLN A 651 -1.79 3.24 -29.71
C GLN A 651 -2.22 4.57 -30.32
N VAL A 652 -3.52 4.88 -30.24
CA VAL A 652 -3.99 6.20 -30.62
C VAL A 652 -3.53 7.23 -29.59
N ILE A 653 -3.76 6.95 -28.30
CA ILE A 653 -3.17 7.74 -27.23
C ILE A 653 -1.83 7.13 -26.85
N ARG A 654 -0.87 7.99 -26.51
CA ARG A 654 0.49 7.51 -26.26
C ARG A 654 0.58 6.72 -24.95
N SER A 655 -0.30 7.00 -24.00
CA SER A 655 -0.23 6.33 -22.70
C SER A 655 -1.64 6.29 -22.10
N VAL A 656 -1.77 5.46 -21.05
CA VAL A 656 -3.02 5.40 -20.31
C VAL A 656 -3.24 6.67 -19.50
N ARG A 657 -2.17 7.41 -19.19
CA ARG A 657 -2.33 8.70 -18.53
C ARG A 657 -2.89 9.75 -19.49
N ASP A 658 -2.42 9.76 -20.74
CA ASP A 658 -2.96 10.69 -21.72
C ASP A 658 -4.45 10.42 -21.99
N GLY A 659 -4.89 9.18 -21.78
CA GLY A 659 -6.30 8.88 -21.97
C GLY A 659 -7.17 9.31 -20.81
N ASP A 660 -6.62 9.29 -19.59
CA ASP A 660 -7.40 9.71 -18.43
C ASP A 660 -7.68 11.21 -18.46
N ILE A 661 -6.63 12.02 -18.47
CA ILE A 661 -6.83 13.46 -18.54
C ILE A 661 -7.38 13.87 -19.91
N GLY A 662 -7.20 13.03 -20.93
CA GLY A 662 -7.81 13.32 -22.22
C GLY A 662 -9.31 13.24 -22.20
N ALA A 663 -9.87 12.40 -21.33
CA ALA A 663 -11.31 12.30 -21.16
C ALA A 663 -11.83 13.10 -19.97
N VAL A 664 -10.99 13.35 -18.97
CA VAL A 664 -11.42 14.13 -17.82
C VAL A 664 -11.58 15.59 -18.21
N PHE A 665 -10.56 16.17 -18.85
CA PHE A 665 -10.66 17.54 -19.32
C PHE A 665 -11.32 17.65 -20.69
N GLY A 666 -11.44 16.54 -21.40
CA GLY A 666 -11.97 16.55 -22.75
C GLY A 666 -13.48 16.60 -22.82
N ILE A 667 -14.15 15.62 -22.23
CA ILE A 667 -15.61 15.55 -22.27
C ILE A 667 -16.17 15.50 -20.86
N GLY A 668 -15.42 16.06 -19.92
CA GLY A 668 -15.90 16.15 -18.55
C GLY A 668 -16.20 14.82 -17.89
N PHE A 669 -15.34 13.83 -18.09
CA PHE A 669 -15.50 12.57 -17.38
C PHE A 669 -15.45 12.83 -15.88
N PRO A 670 -16.30 12.17 -15.09
CA PRO A 670 -16.39 12.47 -13.65
C PRO A 670 -15.03 12.44 -12.98
N PRO A 671 -14.55 13.59 -12.50
CA PRO A 671 -13.20 13.64 -11.91
C PRO A 671 -13.07 12.81 -10.65
N PHE A 672 -14.14 12.63 -9.88
CA PHE A 672 -14.06 11.82 -8.67
C PHE A 672 -13.84 10.34 -8.96
N LEU A 673 -13.98 9.93 -10.23
CA LEU A 673 -13.63 8.57 -10.64
C LEU A 673 -12.20 8.46 -11.14
N GLY A 674 -11.53 9.57 -11.42
CA GLY A 674 -10.14 9.57 -11.81
C GLY A 674 -9.87 9.43 -13.29
N GLY A 675 -10.90 9.26 -14.11
CA GLY A 675 -10.72 9.02 -15.52
C GLY A 675 -11.30 7.69 -15.93
N PRO A 676 -11.45 7.46 -17.23
CA PRO A 676 -12.06 6.20 -17.69
C PRO A 676 -11.21 4.98 -17.39
N PHE A 677 -9.88 5.14 -17.33
CA PHE A 677 -9.01 4.00 -17.10
C PHE A 677 -8.80 3.70 -15.62
N ARG A 678 -8.83 4.72 -14.76
CA ARG A 678 -8.84 4.47 -13.33
C ARG A 678 -10.23 4.04 -12.85
N TYR A 679 -11.27 4.30 -13.64
CA TYR A 679 -12.60 3.79 -13.30
C TYR A 679 -12.70 2.29 -13.54
N ILE A 680 -11.99 1.78 -14.54
CA ILE A 680 -11.99 0.34 -14.80
C ILE A 680 -11.23 -0.40 -13.71
N ASP A 681 -10.11 0.16 -13.25
CA ASP A 681 -9.32 -0.51 -12.23
C ASP A 681 -10.09 -0.65 -10.93
N SER A 682 -10.81 0.41 -10.51
CA SER A 682 -11.61 0.31 -9.30
C SER A 682 -12.82 -0.61 -9.52
N LEU A 683 -13.43 -0.53 -10.70
CA LEU A 683 -14.59 -1.37 -10.99
C LEU A 683 -14.19 -2.84 -11.15
N GLY A 684 -12.99 -3.08 -11.66
CA GLY A 684 -12.52 -4.45 -11.89
C GLY A 684 -12.54 -4.82 -13.36
N ALA A 685 -11.37 -5.13 -13.91
CA ALA A 685 -11.29 -5.47 -15.32
C ALA A 685 -12.13 -6.70 -15.66
N GLY A 686 -12.19 -7.66 -14.74
CA GLY A 686 -13.00 -8.84 -14.97
C GLY A 686 -14.49 -8.59 -14.83
N GLU A 687 -14.87 -7.64 -13.97
CA GLU A 687 -16.28 -7.32 -13.79
C GLU A 687 -16.84 -6.51 -14.96
N VAL A 688 -16.07 -5.57 -15.49
CA VAL A 688 -16.56 -4.74 -16.59
C VAL A 688 -16.73 -5.57 -17.85
N VAL A 689 -15.86 -6.55 -18.08
CA VAL A 689 -16.05 -7.46 -19.21
C VAL A 689 -17.33 -8.27 -19.06
N ALA A 690 -17.69 -8.61 -17.82
CA ALA A 690 -18.93 -9.35 -17.60
C ALA A 690 -20.16 -8.47 -17.81
N ILE A 691 -20.05 -7.17 -17.53
CA ILE A 691 -21.18 -6.27 -17.71
C ILE A 691 -21.49 -6.10 -19.20
N MET A 692 -20.45 -5.87 -20.00
CA MET A 692 -20.65 -5.61 -21.43
C MET A 692 -21.06 -6.88 -22.16
N GLN A 693 -20.54 -8.03 -21.75
CA GLN A 693 -21.05 -9.29 -22.26
C GLN A 693 -22.51 -9.47 -21.86
N ARG A 694 -22.87 -9.01 -20.68
CA ARG A 694 -24.28 -9.03 -20.26
C ARG A 694 -25.10 -8.02 -21.03
N LEU A 695 -24.54 -6.83 -21.27
CA LEU A 695 -25.23 -5.81 -22.06
C LEU A 695 -25.36 -6.25 -23.52
N ALA A 696 -24.37 -6.98 -24.04
CA ALA A 696 -24.41 -7.39 -25.45
C ALA A 696 -25.55 -8.36 -25.72
N THR A 697 -25.82 -9.27 -24.77
CA THR A 697 -26.91 -10.21 -24.95
C THR A 697 -28.26 -9.49 -25.01
N GLN A 698 -28.40 -8.41 -24.26
CA GLN A 698 -29.68 -7.74 -24.10
C GLN A 698 -29.92 -6.68 -25.17
N TYR A 699 -28.89 -5.92 -25.54
CA TYR A 699 -29.07 -4.75 -26.38
C TYR A 699 -28.40 -4.84 -27.75
N GLY A 700 -27.67 -5.90 -28.04
CA GLY A 700 -27.00 -6.07 -29.32
C GLY A 700 -25.49 -6.13 -29.18
N SER A 701 -24.85 -6.47 -30.29
CA SER A 701 -23.43 -6.79 -30.31
C SER A 701 -22.53 -5.55 -30.37
N ARG A 702 -23.08 -4.34 -30.28
CA ARG A 702 -22.23 -3.17 -30.19
C ARG A 702 -21.58 -3.02 -28.81
N PHE A 703 -22.10 -3.73 -27.82
CA PHE A 703 -21.61 -3.67 -26.45
C PHE A 703 -20.52 -4.69 -26.14
N THR A 704 -20.28 -5.65 -27.03
CA THR A 704 -19.36 -6.75 -26.73
C THR A 704 -18.01 -6.19 -26.30
N PRO A 705 -17.34 -6.80 -25.33
CA PRO A 705 -16.12 -6.22 -24.77
C PRO A 705 -15.05 -6.01 -25.83
N CYS A 706 -14.20 -5.02 -25.58
CA CYS A 706 -13.10 -4.72 -26.48
C CYS A 706 -12.20 -5.94 -26.64
N GLU A 707 -11.54 -6.02 -27.80
CA GLU A 707 -10.69 -7.17 -28.08
C GLU A 707 -9.59 -7.34 -27.03
N ARG A 708 -9.11 -6.24 -26.46
CA ARG A 708 -8.09 -6.29 -25.44
C ARG A 708 -8.66 -6.34 -24.03
N LEU A 709 -9.90 -5.90 -23.83
CA LEU A 709 -10.49 -5.94 -22.50
C LEU A 709 -10.75 -7.37 -22.05
N VAL A 710 -11.11 -8.25 -22.98
CA VAL A 710 -11.32 -9.66 -22.64
C VAL A 710 -10.03 -10.28 -22.14
N GLU A 711 -8.90 -9.91 -22.76
CA GLU A 711 -7.61 -10.39 -22.29
C GLU A 711 -7.30 -9.90 -20.89
N MET A 712 -7.62 -8.63 -20.60
CA MET A 712 -7.42 -8.10 -19.26
C MET A 712 -8.44 -8.63 -18.26
N GLY A 713 -9.58 -9.13 -18.75
CA GLY A 713 -10.54 -9.73 -17.84
C GLY A 713 -10.10 -11.11 -17.36
N ALA A 714 -9.30 -11.81 -18.16
CA ALA A 714 -8.81 -13.12 -17.76
C ALA A 714 -7.65 -13.01 -16.77
N ARG A 715 -6.69 -12.14 -17.07
CA ARG A 715 -5.49 -11.98 -16.26
C ARG A 715 -5.66 -10.84 -15.25
N GLY A 716 -4.88 -10.90 -14.19
CA GLY A 716 -4.92 -9.87 -13.17
C GLY A 716 -4.29 -8.58 -13.64
N GLU A 717 -4.84 -8.00 -14.70
CA GLU A 717 -4.25 -6.83 -15.35
C GLU A 717 -4.94 -5.56 -14.89
N SER A 718 -4.16 -4.62 -14.38
CA SER A 718 -4.62 -3.28 -14.06
C SER A 718 -3.97 -2.28 -15.01
N PHE A 719 -4.70 -1.20 -15.31
CA PHE A 719 -4.15 -0.17 -16.18
C PHE A 719 -3.11 0.70 -15.48
N TRP A 720 -3.06 0.67 -14.15
CA TRP A 720 -2.19 1.55 -13.38
C TRP A 720 -1.43 0.76 -12.32
N LYS A 721 -0.33 1.34 -11.87
CA LYS A 721 0.48 0.72 -10.82
C LYS A 721 -0.26 0.79 -9.48
N THR A 722 0.22 -0.03 -8.53
CA THR A 722 -0.40 -0.18 -7.21
C THR A 722 -1.87 -0.58 -7.35
N THR A 723 -2.06 -1.78 -7.90
CA THR A 723 -3.41 -2.26 -8.23
C THR A 723 -4.22 -2.55 -6.98
N ALA A 724 -3.62 -3.20 -5.99
CA ALA A 724 -4.33 -3.59 -4.77
C ALA A 724 -4.66 -2.39 -3.91
N THR B 18 8.93 2.65 -13.14
CA THR B 18 9.97 1.69 -12.80
C THR B 18 9.35 0.48 -12.08
N SER B 19 9.23 -0.62 -12.81
CA SER B 19 8.54 -1.81 -12.31
C SER B 19 9.50 -2.71 -11.52
N ALA B 20 8.96 -3.84 -11.06
CA ALA B 20 9.79 -4.81 -10.34
C ALA B 20 10.68 -5.60 -11.29
N PHE B 21 10.29 -5.73 -12.55
CA PHE B 21 11.04 -6.47 -13.55
C PHE B 21 11.40 -5.53 -14.69
N THR B 22 12.68 -5.23 -14.84
CA THR B 22 13.17 -4.33 -15.87
C THR B 22 14.20 -5.08 -16.72
N LEU B 23 13.95 -5.15 -18.02
CA LEU B 23 14.83 -5.87 -18.93
C LEU B 23 15.98 -4.98 -19.38
N ASN B 24 17.12 -5.61 -19.65
CA ASN B 24 18.29 -4.91 -20.19
C ASN B 24 19.00 -5.88 -21.13
N VAL B 25 19.42 -5.37 -22.28
CA VAL B 25 20.11 -6.17 -23.29
C VAL B 25 21.56 -5.72 -23.34
N ARG B 26 22.47 -6.61 -22.99
CA ARG B 26 23.89 -6.33 -23.16
C ARG B 26 24.28 -6.55 -24.62
N LEU B 27 25.45 -6.02 -24.98
CA LEU B 27 25.87 -6.03 -26.38
C LEU B 27 26.06 -7.46 -26.88
N ASP B 28 26.77 -8.29 -26.11
CA ASP B 28 26.68 -9.73 -26.29
C ASP B 28 25.27 -10.18 -25.99
N ASN B 29 24.66 -10.89 -26.94
CA ASN B 29 23.22 -11.09 -26.96
C ASN B 29 22.75 -11.98 -25.81
N ILE B 30 22.85 -11.46 -24.59
CA ILE B 30 22.24 -12.05 -23.41
C ILE B 30 21.60 -10.92 -22.61
N ALA B 31 20.34 -11.12 -22.23
CA ALA B 31 19.55 -10.07 -21.59
C ALA B 31 19.54 -10.26 -20.08
N VAL B 32 19.69 -9.16 -19.35
CA VAL B 32 19.64 -9.16 -17.90
C VAL B 32 18.27 -8.66 -17.45
N ILE B 33 17.73 -9.29 -16.42
CA ILE B 33 16.41 -8.96 -15.89
C ILE B 33 16.59 -8.84 -14.37
N THR B 34 16.85 -7.63 -13.90
CA THR B 34 17.04 -7.41 -12.47
C THR B 34 15.69 -7.25 -11.78
N ILE B 35 15.55 -7.89 -10.62
CA ILE B 35 14.28 -8.00 -9.92
C ILE B 35 14.33 -7.10 -8.71
N ASP B 36 13.80 -5.87 -8.82
CA ASP B 36 13.79 -4.92 -7.71
C ASP B 36 12.37 -4.37 -7.56
N VAL B 37 11.68 -4.78 -6.50
CA VAL B 37 10.36 -4.26 -6.18
C VAL B 37 10.57 -3.01 -5.32
N PRO B 38 9.85 -1.91 -5.58
CA PRO B 38 10.22 -0.65 -4.91
C PRO B 38 9.80 -0.59 -3.45
N GLY B 39 8.61 -1.09 -3.10
CA GLY B 39 8.03 -0.85 -1.80
C GLY B 39 8.89 -1.19 -0.61
N GLU B 40 9.21 -2.47 -0.44
CA GLU B 40 9.97 -2.94 0.70
C GLU B 40 11.27 -3.60 0.23
N LYS B 41 12.06 -4.06 1.20
CA LYS B 41 13.41 -4.53 0.96
C LYS B 41 13.47 -6.00 0.54
N MET B 42 12.34 -6.61 0.20
CA MET B 42 12.32 -8.03 -0.14
C MET B 42 11.55 -8.23 -1.44
N ASN B 43 12.22 -8.78 -2.45
CA ASN B 43 11.54 -9.19 -3.67
C ASN B 43 10.47 -10.21 -3.35
N THR B 44 9.21 -9.81 -3.40
CA THR B 44 8.10 -10.71 -3.15
C THR B 44 7.24 -10.79 -4.40
N LEU B 45 6.65 -11.96 -4.63
CA LEU B 45 5.97 -12.26 -5.89
C LEU B 45 4.50 -11.89 -5.79
N LYS B 46 4.23 -10.59 -5.96
CA LYS B 46 2.85 -10.12 -6.00
C LYS B 46 2.25 -10.35 -7.39
N ALA B 47 0.92 -10.53 -7.42
CA ALA B 47 0.24 -10.85 -8.66
C ALA B 47 0.19 -9.68 -9.63
N GLU B 48 0.44 -8.46 -9.14
CA GLU B 48 0.51 -7.31 -10.03
C GLU B 48 1.58 -7.48 -11.10
N PHE B 49 2.67 -8.18 -10.76
CA PHE B 49 3.79 -8.40 -11.65
C PHE B 49 3.57 -9.55 -12.63
N ALA B 50 2.36 -10.13 -12.66
CA ALA B 50 2.15 -11.30 -13.52
C ALA B 50 2.15 -10.93 -14.99
N SER B 51 1.77 -9.70 -15.34
CA SER B 51 1.59 -9.32 -16.73
C SER B 51 2.72 -8.45 -17.27
N GLN B 52 3.68 -8.04 -16.44
CA GLN B 52 4.79 -7.24 -16.94
C GLN B 52 6.10 -8.01 -17.02
N VAL B 53 6.23 -9.12 -16.29
CA VAL B 53 7.21 -10.13 -16.70
C VAL B 53 6.79 -10.70 -18.05
N ARG B 54 5.47 -10.74 -18.30
CA ARG B 54 4.96 -11.12 -19.61
C ARG B 54 5.26 -10.07 -20.66
N ALA B 55 5.30 -8.79 -20.26
CA ALA B 55 5.53 -7.72 -21.23
C ALA B 55 6.93 -7.81 -21.83
N ILE B 56 7.94 -8.06 -20.99
CA ILE B 56 9.30 -8.14 -21.50
C ILE B 56 9.58 -9.46 -22.21
N ILE B 57 8.74 -10.48 -22.00
CA ILE B 57 8.89 -11.72 -22.75
C ILE B 57 8.61 -11.49 -24.22
N LYS B 58 7.61 -10.67 -24.54
CA LYS B 58 7.35 -10.32 -25.94
C LYS B 58 8.51 -9.56 -26.54
N GLN B 59 9.11 -8.64 -25.78
CA GLN B 59 10.33 -7.98 -26.22
C GLN B 59 11.49 -8.96 -26.31
N LEU B 60 11.44 -10.03 -25.52
CA LEU B 60 12.50 -11.04 -25.48
C LEU B 60 12.43 -12.03 -26.64
N ARG B 61 11.44 -11.90 -27.51
CA ARG B 61 11.25 -12.85 -28.60
C ARG B 61 11.03 -12.14 -29.94
N GLU B 62 11.67 -11.00 -30.13
CA GLU B 62 11.68 -10.31 -31.41
C GLU B 62 13.05 -10.24 -32.07
N ASN B 63 14.10 -9.92 -31.31
CA ASN B 63 15.46 -10.01 -31.81
C ASN B 63 15.93 -11.44 -31.62
N LYS B 64 15.73 -12.28 -32.65
CA LYS B 64 16.12 -13.68 -32.64
C LYS B 64 17.62 -13.90 -32.47
N GLU B 65 18.44 -12.84 -32.38
CA GLU B 65 19.88 -12.98 -32.19
C GLU B 65 20.28 -13.21 -30.75
N LEU B 66 19.34 -13.24 -29.82
CA LEU B 66 19.63 -13.46 -28.41
C LEU B 66 20.16 -14.86 -28.16
N ARG B 67 20.97 -14.99 -27.11
CA ARG B 67 21.56 -16.26 -26.71
C ARG B 67 21.03 -16.77 -25.38
N GLY B 68 20.81 -15.88 -24.42
CA GLY B 68 20.31 -16.29 -23.12
C GLY B 68 19.75 -15.11 -22.35
N VAL B 69 19.31 -15.41 -21.12
CA VAL B 69 18.80 -14.40 -20.21
C VAL B 69 19.22 -14.75 -18.79
N VAL B 70 19.36 -13.73 -17.94
CA VAL B 70 19.81 -13.90 -16.57
C VAL B 70 18.83 -13.19 -15.64
N PHE B 71 18.46 -13.87 -14.55
CA PHE B 71 17.62 -13.29 -13.51
C PHE B 71 18.52 -12.96 -12.32
N VAL B 72 18.80 -11.67 -12.14
CA VAL B 72 19.58 -11.20 -11.01
C VAL B 72 18.65 -10.47 -10.04
N SER B 73 19.09 -10.41 -8.78
CA SER B 73 18.27 -9.83 -7.72
C SER B 73 18.47 -8.33 -7.57
N ALA B 74 19.71 -7.85 -7.63
CA ALA B 74 20.02 -6.43 -7.48
C ALA B 74 19.46 -5.87 -6.17
N LYS B 75 19.62 -6.64 -5.10
CA LYS B 75 19.28 -6.21 -3.75
C LYS B 75 20.07 -7.08 -2.78
N PRO B 76 20.68 -6.50 -1.74
CA PRO B 76 21.69 -7.27 -0.99
C PRO B 76 21.15 -8.45 -0.21
N ASP B 77 19.88 -8.42 0.21
CA ASP B 77 19.39 -9.37 1.19
C ASP B 77 18.88 -10.67 0.58
N ASN B 78 18.20 -10.61 -0.57
CA ASN B 78 17.53 -11.78 -1.09
C ASN B 78 17.49 -11.76 -2.62
N PHE B 79 17.27 -12.95 -3.19
CA PHE B 79 16.90 -13.05 -4.60
C PHE B 79 15.40 -12.80 -4.75
N ILE B 80 14.58 -13.76 -4.32
CA ILE B 80 13.14 -13.60 -4.19
C ILE B 80 12.71 -14.28 -2.90
N ALA B 81 12.19 -13.50 -1.96
CA ALA B 81 11.78 -14.06 -0.67
C ALA B 81 10.69 -15.11 -0.82
N GLY B 82 9.89 -15.02 -1.88
CA GLY B 82 8.86 -15.99 -2.14
C GLY B 82 7.60 -15.30 -2.62
N ALA B 83 6.54 -16.09 -2.77
CA ALA B 83 5.25 -15.53 -3.10
C ALA B 83 4.70 -14.74 -1.92
N ASP B 84 3.91 -13.71 -2.21
CA ASP B 84 3.37 -12.89 -1.15
C ASP B 84 2.17 -13.58 -0.51
N ILE B 85 2.11 -13.49 0.83
CA ILE B 85 1.09 -14.21 1.58
C ILE B 85 -0.17 -13.36 1.78
N ASN B 86 -0.03 -12.03 1.80
CA ASN B 86 -1.21 -11.17 1.79
C ASN B 86 -2.01 -11.31 0.51
N MET B 87 -1.38 -11.84 -0.55
CA MET B 87 -2.10 -12.14 -1.79
C MET B 87 -3.14 -13.22 -1.58
N ILE B 88 -2.75 -14.29 -0.87
CA ILE B 88 -3.67 -15.41 -0.64
C ILE B 88 -4.74 -15.03 0.37
N GLY B 89 -4.37 -14.25 1.39
CA GLY B 89 -5.31 -13.86 2.42
C GLY B 89 -6.46 -13.01 1.92
N ASN B 90 -6.31 -12.40 0.75
CA ASN B 90 -7.37 -11.59 0.14
C ASN B 90 -8.21 -12.37 -0.85
N CYS B 91 -8.00 -13.69 -0.96
CA CYS B 91 -8.82 -14.55 -1.81
C CYS B 91 -9.98 -15.08 -0.98
N LYS B 92 -11.18 -14.57 -1.23
CA LYS B 92 -12.34 -14.92 -0.41
C LYS B 92 -12.98 -16.25 -0.79
N THR B 93 -12.40 -17.01 -1.71
CA THR B 93 -12.88 -18.34 -2.02
C THR B 93 -11.76 -19.13 -2.66
N ALA B 94 -11.99 -20.44 -2.83
CA ALA B 94 -10.94 -21.35 -3.29
C ALA B 94 -10.65 -21.20 -4.77
N GLN B 95 -11.65 -20.89 -5.59
CA GLN B 95 -11.40 -20.77 -7.03
C GLN B 95 -10.52 -19.55 -7.31
N GLU B 96 -10.70 -18.46 -6.57
CA GLU B 96 -9.78 -17.33 -6.70
C GLU B 96 -8.39 -17.71 -6.19
N ALA B 97 -8.31 -18.58 -5.19
CA ALA B 97 -7.02 -19.02 -4.68
C ALA B 97 -6.34 -20.01 -5.60
N GLU B 98 -7.08 -20.63 -6.52
CA GLU B 98 -6.47 -21.43 -7.58
C GLU B 98 -6.30 -20.66 -8.88
N ALA B 99 -6.94 -19.50 -8.99
CA ALA B 99 -6.77 -18.66 -10.17
C ALA B 99 -5.33 -18.20 -10.31
N LEU B 100 -4.75 -17.64 -9.24
CA LEU B 100 -3.35 -17.27 -9.26
C LEU B 100 -2.43 -18.49 -9.21
N ALA B 101 -2.92 -19.62 -8.71
CA ALA B 101 -2.14 -20.85 -8.79
C ALA B 101 -1.99 -21.31 -10.24
N ARG B 102 -2.99 -21.06 -11.07
CA ARG B 102 -2.86 -21.31 -12.51
C ARG B 102 -2.25 -20.13 -13.25
N GLN B 103 -2.50 -18.90 -12.78
CA GLN B 103 -1.88 -17.73 -13.39
C GLN B 103 -0.37 -17.77 -13.23
N GLY B 104 0.11 -18.21 -12.07
CA GLY B 104 1.54 -18.39 -11.88
C GLY B 104 2.10 -19.66 -12.50
N GLN B 105 1.26 -20.67 -12.70
CA GLN B 105 1.71 -21.92 -13.30
C GLN B 105 2.10 -21.73 -14.76
N GLN B 106 1.17 -21.21 -15.56
CA GLN B 106 1.45 -20.95 -16.97
C GLN B 106 2.45 -19.81 -17.16
N LEU B 107 2.62 -18.95 -16.15
CA LEU B 107 3.62 -17.89 -16.26
C LEU B 107 5.03 -18.46 -16.17
N MET B 108 5.26 -19.40 -15.26
CA MET B 108 6.53 -20.11 -15.24
C MET B 108 6.73 -20.93 -16.51
N ALA B 109 5.64 -21.40 -17.12
CA ALA B 109 5.76 -22.25 -18.30
C ALA B 109 6.29 -21.46 -19.49
N GLU B 110 5.89 -20.19 -19.61
CA GLU B 110 6.37 -19.38 -20.72
C GLU B 110 7.85 -19.06 -20.59
N ILE B 111 8.35 -18.96 -19.35
CA ILE B 111 9.78 -18.73 -19.14
C ILE B 111 10.57 -19.97 -19.51
N HIS B 112 10.10 -21.15 -19.11
CA HIS B 112 10.74 -22.39 -19.51
C HIS B 112 10.59 -22.65 -21.00
N ALA B 113 9.54 -22.12 -21.62
CA ALA B 113 9.29 -22.32 -23.04
C ALA B 113 10.10 -21.41 -23.94
N LEU B 114 10.92 -20.52 -23.38
CA LEU B 114 11.72 -19.63 -24.20
C LEU B 114 12.73 -20.44 -25.02
N PRO B 115 12.90 -20.15 -26.31
CA PRO B 115 13.83 -20.96 -27.12
C PRO B 115 15.29 -20.79 -26.74
N ILE B 116 15.64 -19.77 -25.96
CA ILE B 116 17.03 -19.54 -25.56
C ILE B 116 17.26 -20.14 -24.18
N GLN B 117 18.44 -19.92 -23.62
CA GLN B 117 18.79 -20.44 -22.31
C GLN B 117 18.46 -19.42 -21.22
N VAL B 118 17.73 -19.85 -20.20
CA VAL B 118 17.31 -19.00 -19.10
C VAL B 118 18.09 -19.41 -17.86
N ILE B 119 18.86 -18.48 -17.30
CA ILE B 119 19.67 -18.73 -16.12
C ILE B 119 19.21 -17.79 -15.01
N ALA B 120 19.34 -18.25 -13.77
CA ALA B 120 18.99 -17.47 -12.59
C ALA B 120 20.23 -17.30 -11.73
N ALA B 121 20.68 -16.05 -11.57
CA ALA B 121 21.77 -15.72 -10.67
C ALA B 121 21.16 -15.35 -9.32
N ILE B 122 21.37 -16.20 -8.33
CA ILE B 122 20.69 -16.10 -7.05
C ILE B 122 21.66 -15.59 -6.00
N HIS B 123 21.37 -14.43 -5.44
CA HIS B 123 22.09 -13.93 -4.27
C HIS B 123 21.06 -13.59 -3.20
N GLY B 124 21.18 -14.24 -2.05
CA GLY B 124 20.22 -14.06 -0.97
C GLY B 124 19.18 -15.16 -0.96
N ALA B 125 18.20 -14.98 -0.07
CA ALA B 125 17.14 -15.96 0.08
C ALA B 125 16.34 -16.09 -1.21
N CYS B 126 16.07 -17.34 -1.60
CA CYS B 126 15.27 -17.64 -2.79
C CYS B 126 14.37 -18.82 -2.42
N LEU B 127 13.17 -18.51 -1.94
CA LEU B 127 12.25 -19.50 -1.42
C LEU B 127 10.92 -19.44 -2.16
N GLY B 128 10.13 -20.50 -1.98
CA GLY B 128 8.76 -20.56 -2.48
C GLY B 128 8.61 -20.22 -3.95
N GLY B 129 7.80 -19.20 -4.23
CA GLY B 129 7.65 -18.69 -5.59
C GLY B 129 8.96 -18.27 -6.23
N GLY B 130 9.96 -17.87 -5.44
CA GLY B 130 11.26 -17.56 -6.01
C GLY B 130 11.97 -18.81 -6.50
N LEU B 131 12.06 -19.84 -5.65
CA LEU B 131 12.68 -21.09 -6.08
C LEU B 131 11.94 -21.70 -7.26
N GLU B 132 10.61 -21.55 -7.30
CA GLU B 132 9.86 -22.05 -8.45
C GLU B 132 10.19 -21.26 -9.71
N LEU B 133 10.63 -20.01 -9.56
CA LEU B 133 11.08 -19.26 -10.72
C LEU B 133 12.43 -19.77 -11.22
N ALA B 134 13.36 -20.03 -10.31
CA ALA B 134 14.64 -20.59 -10.71
C ALA B 134 14.49 -22.02 -11.23
N LEU B 135 13.51 -22.76 -10.70
CA LEU B 135 13.26 -24.11 -11.21
C LEU B 135 12.80 -24.08 -12.66
N ALA B 136 11.97 -23.09 -13.02
CA ALA B 136 11.52 -22.94 -14.39
C ALA B 136 12.67 -22.60 -15.33
N CYS B 137 13.75 -22.01 -14.82
CA CYS B 137 14.91 -21.73 -15.63
C CYS B 137 15.63 -23.02 -16.01
N HIS B 138 16.51 -22.91 -17.01
CA HIS B 138 17.29 -24.05 -17.47
C HIS B 138 18.58 -24.24 -16.68
N GLY B 139 19.08 -23.19 -16.04
CA GLY B 139 20.28 -23.30 -15.24
C GLY B 139 20.22 -22.33 -14.07
N ARG B 140 20.98 -22.68 -13.03
CA ARG B 140 21.02 -21.87 -11.82
C ARG B 140 22.44 -21.82 -11.29
N VAL B 141 22.77 -20.69 -10.65
CA VAL B 141 24.06 -20.50 -10.01
C VAL B 141 23.94 -19.41 -8.95
N CYS B 142 24.31 -19.73 -7.73
CA CYS B 142 24.14 -18.83 -6.59
C CYS B 142 25.49 -18.49 -5.97
N THR B 143 25.45 -17.87 -4.80
CA THR B 143 26.64 -17.42 -4.09
C THR B 143 26.84 -18.26 -2.83
N ASP B 144 28.07 -18.21 -2.31
CA ASP B 144 28.46 -19.01 -1.15
C ASP B 144 28.15 -18.32 0.18
N ASP B 145 27.48 -17.19 0.16
CA ASP B 145 27.04 -16.55 1.39
C ASP B 145 26.00 -17.43 2.08
N PRO B 146 26.20 -17.78 3.36
CA PRO B 146 25.18 -18.60 4.06
C PRO B 146 23.84 -17.92 4.20
N LYS B 147 23.73 -16.62 3.91
CA LYS B 147 22.46 -15.93 3.92
C LYS B 147 21.60 -16.28 2.71
N THR B 148 22.18 -16.86 1.67
CA THR B 148 21.46 -17.25 0.47
C THR B 148 21.01 -18.70 0.62
N VAL B 149 19.72 -18.92 0.79
CA VAL B 149 19.18 -20.25 1.04
C VAL B 149 18.04 -20.51 0.04
N LEU B 150 17.77 -21.79 -0.18
CA LEU B 150 16.77 -22.24 -1.12
C LEU B 150 15.82 -23.22 -0.43
N GLY B 151 14.58 -23.26 -0.88
CA GLY B 151 13.60 -24.17 -0.33
C GLY B 151 12.20 -23.76 -0.69
N LEU B 152 11.25 -24.62 -0.33
CA LEU B 152 9.83 -24.41 -0.55
C LEU B 152 9.12 -24.44 0.79
N PRO B 153 9.04 -23.31 1.50
CA PRO B 153 8.44 -23.32 2.84
C PRO B 153 6.95 -23.04 2.81
N GLU B 154 6.32 -23.28 1.65
CA GLU B 154 4.89 -23.05 1.51
C GLU B 154 4.10 -23.99 2.40
N VAL B 155 4.67 -25.15 2.73
CA VAL B 155 3.95 -26.12 3.55
C VAL B 155 3.81 -25.61 4.98
N GLN B 156 4.74 -24.78 5.44
CA GLN B 156 4.67 -24.27 6.81
C GLN B 156 3.52 -23.30 7.00
N LEU B 157 2.92 -22.81 5.92
CA LEU B 157 1.72 -21.99 5.98
C LEU B 157 0.47 -22.78 5.61
N GLY B 158 0.54 -24.10 5.68
CA GLY B 158 -0.59 -24.93 5.30
C GLY B 158 -0.93 -24.91 3.83
N LEU B 159 -0.02 -24.40 2.98
CA LEU B 159 -0.21 -24.39 1.54
C LEU B 159 0.75 -25.40 0.90
N LEU B 160 1.00 -25.23 -0.39
CA LEU B 160 1.97 -26.04 -1.10
C LEU B 160 2.42 -25.26 -2.33
N PRO B 161 3.57 -25.61 -2.92
CA PRO B 161 4.04 -24.88 -4.11
C PRO B 161 3.00 -24.84 -5.21
N GLY B 162 2.42 -23.65 -5.43
CA GLY B 162 1.34 -23.47 -6.38
C GLY B 162 1.73 -22.90 -7.72
N SER B 163 3.04 -22.74 -8.00
CA SER B 163 3.51 -22.26 -9.29
C SER B 163 4.29 -23.33 -10.04
N GLY B 164 4.06 -24.59 -9.73
CA GLY B 164 4.76 -25.68 -10.38
C GLY B 164 5.94 -26.25 -9.63
N GLY B 165 6.05 -26.02 -8.33
CA GLY B 165 7.18 -26.54 -7.58
C GLY B 165 7.06 -28.02 -7.27
N THR B 166 5.84 -28.53 -7.14
CA THR B 166 5.65 -29.95 -6.85
C THR B 166 5.95 -30.85 -8.03
N GLN B 167 6.27 -30.28 -9.19
CA GLN B 167 6.54 -31.07 -10.39
C GLN B 167 7.95 -30.89 -10.92
N ARG B 168 8.47 -29.67 -10.97
CA ARG B 168 9.81 -29.46 -11.49
C ARG B 168 10.87 -29.97 -10.52
N LEU B 169 10.65 -29.79 -9.22
CA LEU B 169 11.65 -30.23 -8.25
C LEU B 169 11.87 -31.74 -8.26
N PRO B 170 10.84 -32.60 -8.29
CA PRO B 170 11.12 -34.05 -8.42
C PRO B 170 11.79 -34.42 -9.73
N ARG B 171 11.66 -33.60 -10.78
CA ARG B 171 12.32 -33.91 -12.04
C ARG B 171 13.80 -33.55 -11.99
N LEU B 172 14.14 -32.41 -11.39
CA LEU B 172 15.52 -31.95 -11.28
C LEU B 172 16.31 -32.84 -10.33
N ILE B 173 15.95 -32.80 -9.05
CA ILE B 173 16.59 -33.61 -8.03
C ILE B 173 15.68 -34.79 -7.69
N GLY B 174 16.23 -35.74 -6.95
CA GLY B 174 15.50 -36.98 -6.71
C GLY B 174 14.21 -36.73 -5.93
N VAL B 175 13.15 -37.45 -6.33
CA VAL B 175 11.86 -37.31 -5.67
C VAL B 175 11.93 -37.73 -4.21
N SER B 176 12.90 -38.56 -3.84
CA SER B 176 13.07 -38.93 -2.43
C SER B 176 13.40 -37.70 -1.60
N THR B 177 14.40 -36.92 -2.02
CA THR B 177 14.77 -35.70 -1.33
C THR B 177 13.94 -34.50 -1.75
N ALA B 178 13.31 -34.55 -2.93
CA ALA B 178 12.38 -33.49 -3.28
C ALA B 178 11.09 -33.56 -2.46
N LEU B 179 10.77 -34.72 -1.91
CA LEU B 179 9.60 -34.83 -1.04
C LEU B 179 9.83 -34.09 0.27
N GLU B 180 10.90 -34.45 0.99
CA GLU B 180 11.13 -33.85 2.30
C GLU B 180 11.37 -32.35 2.21
N MET B 181 11.86 -31.87 1.08
CA MET B 181 12.01 -30.42 0.91
C MET B 181 10.65 -29.74 0.85
N ILE B 182 9.66 -30.39 0.25
CA ILE B 182 8.33 -29.82 0.17
C ILE B 182 7.47 -30.18 1.38
N LEU B 183 7.66 -31.38 1.95
CA LEU B 183 6.85 -31.81 3.07
C LEU B 183 7.20 -31.06 4.34
N THR B 184 8.46 -30.66 4.51
CA THR B 184 8.90 -30.01 5.73
C THR B 184 9.20 -28.52 5.56
N GLY B 185 9.26 -28.02 4.33
CA GLY B 185 9.66 -26.64 4.14
C GLY B 185 11.09 -26.37 4.52
N LYS B 186 11.95 -27.38 4.41
CA LYS B 186 13.35 -27.23 4.79
C LYS B 186 14.08 -26.28 3.84
N GLN B 187 15.04 -25.54 4.38
CA GLN B 187 15.88 -24.66 3.61
C GLN B 187 17.22 -25.33 3.35
N LEU B 188 17.78 -25.09 2.16
CA LEU B 188 19.08 -25.64 1.77
C LEU B 188 20.06 -24.51 1.50
N ARG B 189 21.24 -24.59 2.10
CA ARG B 189 22.30 -23.66 1.78
C ARG B 189 22.90 -24.00 0.43
N ALA B 190 23.64 -23.03 -0.13
CA ALA B 190 24.18 -23.20 -1.48
C ALA B 190 25.16 -24.38 -1.55
N LYS B 191 25.80 -24.71 -0.42
CA LYS B 191 26.75 -25.83 -0.42
C LYS B 191 26.03 -27.15 -0.61
N GLN B 192 24.99 -27.41 0.18
CA GLN B 192 24.24 -28.65 0.04
C GLN B 192 23.39 -28.65 -1.22
N ALA B 193 22.87 -27.50 -1.63
CA ALA B 193 22.07 -27.42 -2.86
C ALA B 193 22.91 -27.72 -4.09
N LEU B 194 24.23 -27.57 -4.01
CA LEU B 194 25.09 -27.89 -5.15
C LEU B 194 25.28 -29.39 -5.30
N LYS B 195 25.52 -30.10 -4.19
CA LYS B 195 25.67 -31.56 -4.27
C LYS B 195 24.37 -32.22 -4.72
N LEU B 196 23.24 -31.74 -4.23
CA LEU B 196 21.95 -32.34 -4.60
C LEU B 196 21.57 -32.02 -6.04
N GLY B 197 22.06 -30.91 -6.58
CA GLY B 197 21.79 -30.55 -7.95
C GLY B 197 20.76 -29.46 -8.15
N LEU B 198 20.31 -28.79 -7.08
CA LEU B 198 19.31 -27.74 -7.22
C LEU B 198 19.86 -26.56 -8.00
N VAL B 199 21.14 -26.24 -7.81
CA VAL B 199 21.83 -25.24 -8.61
C VAL B 199 23.01 -25.91 -9.29
N ASP B 200 23.42 -25.33 -10.42
CA ASP B 200 24.48 -25.93 -11.23
C ASP B 200 25.88 -25.50 -10.80
N ASP B 201 26.03 -24.35 -10.13
CA ASP B 201 27.34 -23.88 -9.73
C ASP B 201 27.19 -22.90 -8.59
N VAL B 202 28.27 -22.74 -7.81
CA VAL B 202 28.33 -21.82 -6.69
C VAL B 202 29.59 -20.98 -6.83
N VAL B 203 29.43 -19.67 -6.97
CA VAL B 203 30.55 -18.76 -7.17
C VAL B 203 30.41 -17.59 -6.21
N PRO B 204 31.51 -16.92 -5.83
CA PRO B 204 31.40 -15.77 -4.93
C PRO B 204 30.57 -14.65 -5.55
N HIS B 205 30.04 -13.78 -4.67
CA HIS B 205 29.14 -12.71 -5.11
C HIS B 205 29.85 -11.68 -5.98
N SER B 206 31.18 -11.55 -5.86
CA SER B 206 31.94 -10.64 -6.71
C SER B 206 31.89 -11.05 -8.17
N ILE B 207 31.62 -12.32 -8.46
CA ILE B 207 31.63 -12.86 -9.81
C ILE B 207 30.27 -13.44 -10.19
N LEU B 208 29.23 -13.10 -9.44
CA LEU B 208 27.92 -13.74 -9.62
C LEU B 208 27.35 -13.46 -11.01
N LEU B 209 27.33 -12.19 -11.41
CA LEU B 209 26.72 -11.83 -12.68
C LEU B 209 27.47 -12.44 -13.86
N GLU B 210 28.77 -12.13 -13.98
CA GLU B 210 29.53 -12.54 -15.15
C GLU B 210 29.74 -14.05 -15.22
N ALA B 211 29.59 -14.78 -14.11
CA ALA B 211 29.65 -16.23 -14.18
C ALA B 211 28.34 -16.80 -14.70
N ALA B 212 27.22 -16.31 -14.17
CA ALA B 212 25.92 -16.69 -14.71
C ALA B 212 25.70 -16.15 -16.11
N VAL B 213 26.39 -15.06 -16.46
CA VAL B 213 26.21 -14.43 -17.76
C VAL B 213 26.77 -15.31 -18.87
N GLU B 214 27.88 -16.00 -18.61
CA GLU B 214 28.44 -16.91 -19.60
C GLU B 214 27.73 -18.26 -19.60
N LEU B 215 27.17 -18.64 -18.44
CA LEU B 215 26.38 -19.87 -18.38
C LEU B 215 25.22 -19.83 -19.37
N ALA B 216 24.64 -18.65 -19.59
CA ALA B 216 23.57 -18.51 -20.58
C ALA B 216 24.07 -18.68 -22.00
N LYS B 217 25.36 -18.41 -22.26
CA LYS B 217 25.87 -18.45 -23.62
C LYS B 217 26.12 -19.87 -24.12
N LYS B 218 26.30 -20.85 -23.23
CA LYS B 218 26.53 -22.21 -23.69
C LYS B 218 25.27 -22.79 -24.31
N GLU B 219 25.47 -23.79 -25.16
CA GLU B 219 24.41 -24.26 -26.05
C GLU B 219 23.25 -24.87 -25.27
N ARG B 220 23.52 -25.95 -24.53
CA ARG B 220 22.48 -26.80 -23.95
C ARG B 220 22.92 -27.19 -22.55
N PRO B 221 21.99 -27.19 -21.57
CA PRO B 221 22.41 -27.41 -20.18
C PRO B 221 22.94 -28.81 -19.95
N SER B 222 22.10 -29.81 -20.23
CA SER B 222 22.49 -31.22 -20.09
C SER B 222 21.46 -32.11 -20.78
N SER B 223 21.83 -32.67 -21.94
CA SER B 223 20.98 -33.67 -22.57
C SER B 223 20.99 -34.99 -21.81
N ARG B 224 21.90 -35.16 -20.85
CA ARG B 224 21.92 -36.32 -19.97
C ARG B 224 21.95 -35.81 -18.53
N PRO B 225 20.81 -35.35 -18.00
CA PRO B 225 20.77 -34.85 -16.62
C PRO B 225 20.88 -35.99 -15.63
N LEU B 226 21.88 -35.91 -14.74
CA LEU B 226 22.22 -37.05 -13.90
C LEU B 226 21.23 -37.23 -12.77
N PRO B 227 20.88 -38.46 -12.43
CA PRO B 227 20.17 -38.70 -11.19
C PRO B 227 21.11 -39.19 -10.10
N VAL B 228 20.59 -39.29 -8.87
CA VAL B 228 21.33 -39.89 -7.78
C VAL B 228 21.05 -41.40 -7.80
N ARG B 229 21.85 -42.15 -7.03
CA ARG B 229 21.77 -43.60 -7.12
C ARG B 229 20.43 -44.12 -6.64
N GLU B 230 19.68 -43.30 -5.91
CA GLU B 230 18.33 -43.69 -5.51
C GLU B 230 17.35 -43.53 -6.66
N ARG B 231 17.80 -43.91 -7.85
CA ARG B 231 16.91 -44.30 -8.92
C ARG B 231 16.37 -45.71 -8.70
N ILE B 232 16.80 -46.37 -7.61
CA ILE B 232 16.28 -47.68 -7.22
C ILE B 232 14.76 -47.66 -7.11
N LEU B 233 14.22 -46.56 -6.59
CA LEU B 233 12.80 -46.43 -6.31
C LEU B 233 12.01 -45.94 -7.52
N ALA B 234 12.56 -46.08 -8.72
CA ALA B 234 11.85 -45.72 -9.93
C ALA B 234 11.00 -46.91 -10.40
N GLY B 235 10.03 -46.61 -11.26
CA GLY B 235 9.15 -47.63 -11.79
C GLY B 235 7.80 -47.61 -11.14
N PRO B 236 6.86 -48.41 -11.66
CA PRO B 236 5.51 -48.43 -11.07
C PRO B 236 5.50 -48.82 -9.60
N LEU B 237 6.13 -49.94 -9.25
CA LEU B 237 6.15 -50.34 -7.85
C LEU B 237 7.10 -49.48 -7.03
N GLY B 238 8.09 -48.87 -7.68
CA GLY B 238 9.07 -48.05 -7.01
C GLY B 238 8.46 -46.89 -6.25
N ARG B 239 7.81 -45.98 -6.98
CA ARG B 239 7.17 -44.84 -6.36
C ARG B 239 6.03 -45.28 -5.44
N ALA B 240 5.27 -46.30 -5.86
CA ALA B 240 4.09 -46.71 -5.13
C ALA B 240 4.41 -47.08 -3.69
N LEU B 241 5.54 -47.75 -3.46
CA LEU B 241 5.94 -48.12 -2.11
C LEU B 241 6.61 -46.98 -1.36
N LEU B 242 7.17 -46.00 -2.07
CA LEU B 242 7.80 -44.88 -1.39
C LEU B 242 6.76 -43.96 -0.77
N PHE B 243 5.78 -43.52 -1.57
CA PHE B 243 4.75 -42.63 -1.05
C PHE B 243 3.92 -43.30 0.03
N LYS B 244 3.77 -44.62 -0.04
CA LYS B 244 3.10 -45.33 1.05
C LYS B 244 3.93 -45.29 2.33
N MET B 245 5.25 -45.36 2.19
CA MET B 245 6.11 -45.31 3.36
C MET B 245 6.25 -43.89 3.91
N VAL B 246 6.52 -42.92 3.03
CA VAL B 246 6.64 -41.54 3.46
C VAL B 246 5.33 -41.05 4.06
N GLY B 247 4.20 -41.39 3.44
CA GLY B 247 2.92 -41.01 3.99
C GLY B 247 2.68 -41.62 5.36
N LYS B 248 3.12 -42.86 5.56
CA LYS B 248 2.96 -43.49 6.86
C LYS B 248 3.87 -42.87 7.91
N LYS B 249 4.99 -42.28 7.48
CA LYS B 249 5.92 -41.67 8.43
C LYS B 249 5.47 -40.26 8.83
N THR B 250 4.92 -39.50 7.89
CA THR B 250 4.56 -38.11 8.17
C THR B 250 3.27 -38.02 8.98
N GLU B 251 2.30 -38.90 8.70
CA GLU B 251 1.09 -38.92 9.52
C GLU B 251 1.37 -39.37 10.95
N HIS B 252 2.53 -39.95 11.23
CA HIS B 252 2.92 -40.22 12.60
C HIS B 252 3.42 -38.95 13.30
N LYS B 253 4.09 -38.06 12.57
CA LYS B 253 4.59 -36.82 13.15
C LYS B 253 3.55 -35.70 13.13
N THR B 254 2.65 -35.69 12.15
CA THR B 254 1.63 -34.66 12.07
C THR B 254 0.29 -35.10 12.66
N GLN B 255 0.12 -36.40 12.93
CA GLN B 255 -1.12 -36.95 13.47
C GLN B 255 -2.31 -36.64 12.57
N GLY B 256 -2.05 -36.43 11.27
CA GLY B 256 -3.12 -36.14 10.33
C GLY B 256 -3.74 -34.78 10.50
N ASN B 257 -3.23 -33.94 11.38
CA ASN B 257 -3.84 -32.64 11.63
C ASN B 257 -3.50 -31.61 10.55
N TYR B 258 -2.49 -31.87 9.73
CA TYR B 258 -2.10 -30.92 8.68
C TYR B 258 -2.60 -31.44 7.34
N PRO B 259 -3.63 -30.83 6.75
CA PRO B 259 -4.15 -31.34 5.47
C PRO B 259 -3.20 -31.15 4.32
N ALA B 260 -2.22 -30.25 4.43
CA ALA B 260 -1.32 -30.00 3.31
C ALA B 260 -0.38 -31.16 3.07
N THR B 261 0.01 -31.88 4.13
CA THR B 261 1.00 -32.95 3.98
C THR B 261 0.50 -34.05 3.05
N GLU B 262 -0.69 -34.59 3.33
CA GLU B 262 -1.19 -35.68 2.50
C GLU B 262 -1.60 -35.21 1.12
N ARG B 263 -2.01 -33.94 0.98
CA ARG B 263 -2.31 -33.41 -0.35
C ARG B 263 -1.06 -33.11 -1.15
N ILE B 264 0.08 -32.88 -0.50
CA ILE B 264 1.34 -32.77 -1.23
C ILE B 264 1.80 -34.13 -1.72
N LEU B 265 1.58 -35.18 -0.90
CA LEU B 265 1.89 -36.53 -1.35
C LEU B 265 1.05 -36.94 -2.55
N GLU B 266 -0.25 -36.62 -2.52
CA GLU B 266 -1.13 -37.01 -3.60
C GLU B 266 -0.84 -36.23 -4.88
N VAL B 267 -0.41 -34.97 -4.75
CA VAL B 267 -0.17 -34.14 -5.93
C VAL B 267 1.16 -34.50 -6.59
N VAL B 268 2.21 -34.73 -5.78
CA VAL B 268 3.54 -34.92 -6.32
C VAL B 268 3.58 -36.10 -7.28
N GLU B 269 2.95 -37.21 -6.90
CA GLU B 269 3.01 -38.41 -7.71
C GLU B 269 1.95 -38.46 -8.81
N THR B 270 0.84 -37.72 -8.64
CA THR B 270 -0.15 -37.66 -9.71
C THR B 270 0.43 -37.01 -10.96
N GLY B 271 1.35 -36.07 -10.80
CA GLY B 271 2.11 -35.58 -11.93
C GLY B 271 3.16 -36.56 -12.39
N LEU B 272 3.72 -37.35 -11.46
CA LEU B 272 4.68 -38.37 -11.82
C LEU B 272 4.04 -39.59 -12.47
N ALA B 273 2.72 -39.77 -12.30
CA ALA B 273 2.03 -40.94 -12.80
C ALA B 273 1.15 -40.68 -14.01
N GLN B 274 0.75 -39.43 -14.26
CA GLN B 274 -0.13 -39.11 -15.37
C GLN B 274 0.34 -37.94 -16.22
N GLY B 275 1.48 -37.35 -15.92
CA GLY B 275 1.96 -36.23 -16.69
C GLY B 275 1.99 -34.95 -15.85
N THR B 276 2.88 -34.04 -16.22
CA THR B 276 3.06 -32.81 -15.44
C THR B 276 1.82 -31.94 -15.50
N SER B 277 1.28 -31.72 -16.70
CA SER B 277 0.07 -30.92 -16.83
C SER B 277 -1.15 -31.62 -16.24
N SER B 278 -1.10 -32.94 -16.08
CA SER B 278 -2.12 -33.63 -15.30
C SER B 278 -1.93 -33.45 -13.81
N GLY B 279 -0.73 -33.05 -13.39
CA GLY B 279 -0.47 -32.76 -11.99
C GLY B 279 -0.35 -31.28 -11.74
N TYR B 280 -0.20 -30.49 -12.80
CA TYR B 280 -0.20 -29.04 -12.67
C TYR B 280 -1.53 -28.54 -12.14
N ASP B 281 -2.64 -29.01 -12.72
CA ASP B 281 -3.94 -28.65 -12.17
C ASP B 281 -4.20 -29.34 -10.84
N ALA B 282 -3.47 -30.40 -10.52
CA ALA B 282 -3.66 -31.08 -9.25
C ALA B 282 -3.18 -30.22 -8.09
N GLU B 283 -1.98 -29.63 -8.21
CA GLU B 283 -1.53 -28.71 -7.17
C GLU B 283 -2.28 -27.39 -7.22
N ALA B 284 -2.68 -26.94 -8.42
CA ALA B 284 -3.51 -25.75 -8.51
C ALA B 284 -4.82 -25.93 -7.75
N ARG B 285 -5.47 -27.08 -7.93
CA ARG B 285 -6.63 -27.41 -7.10
C ARG B 285 -6.25 -27.54 -5.63
N ALA B 286 -5.06 -28.09 -5.36
CA ALA B 286 -4.63 -28.24 -3.98
C ALA B 286 -4.31 -26.89 -3.34
N PHE B 287 -3.78 -25.95 -4.12
CA PHE B 287 -3.45 -24.65 -3.54
C PHE B 287 -4.70 -23.84 -3.24
N GLY B 288 -5.70 -23.91 -4.12
CA GLY B 288 -6.93 -23.18 -3.88
C GLY B 288 -7.70 -23.70 -2.67
N GLU B 289 -7.83 -25.02 -2.56
CA GLU B 289 -8.58 -25.59 -1.44
C GLU B 289 -7.81 -25.47 -0.13
N LEU B 290 -6.48 -25.60 -0.18
CA LEU B 290 -5.70 -25.46 1.05
C LEU B 290 -5.70 -24.03 1.57
N ALA B 291 -5.82 -23.05 0.67
CA ALA B 291 -5.82 -21.66 1.11
C ALA B 291 -7.05 -21.31 1.93
N MET B 292 -8.16 -22.04 1.73
CA MET B 292 -9.37 -21.82 2.51
C MET B 292 -9.46 -22.70 3.75
N THR B 293 -8.53 -23.63 3.92
CA THR B 293 -8.60 -24.53 5.07
C THR B 293 -8.36 -23.75 6.37
N PRO B 294 -9.05 -24.12 7.46
CA PRO B 294 -8.81 -23.44 8.73
C PRO B 294 -7.39 -23.61 9.25
N GLN B 295 -6.76 -24.74 8.94
CA GLN B 295 -5.38 -24.96 9.39
C GLN B 295 -4.43 -23.95 8.77
N SER B 296 -4.54 -23.77 7.44
CA SER B 296 -3.63 -22.84 6.78
C SER B 296 -3.94 -21.39 7.14
N GLN B 297 -5.20 -21.08 7.41
CA GLN B 297 -5.53 -19.73 7.84
C GLN B 297 -4.95 -19.43 9.21
N ALA B 298 -4.91 -20.42 10.09
CA ALA B 298 -4.27 -20.23 11.40
C ALA B 298 -2.76 -20.13 11.28
N LEU B 299 -2.17 -20.95 10.40
CA LEU B 299 -0.72 -20.91 10.21
C LEU B 299 -0.26 -19.59 9.60
N ARG B 300 -1.08 -18.98 8.74
CA ARG B 300 -0.73 -17.66 8.23
C ARG B 300 -0.89 -16.59 9.31
N SER B 301 -1.78 -16.81 10.27
CA SER B 301 -1.97 -15.84 11.34
C SER B 301 -0.73 -15.72 12.22
N ILE B 302 -0.21 -16.85 12.71
CA ILE B 302 0.94 -16.79 13.59
C ILE B 302 2.20 -16.37 12.85
N PHE B 303 2.22 -16.53 11.52
CA PHE B 303 3.34 -16.00 10.75
C PHE B 303 3.41 -14.49 10.86
N PHE B 304 2.30 -13.80 10.57
CA PHE B 304 2.27 -12.35 10.74
C PHE B 304 2.39 -11.96 12.21
N ALA B 305 1.92 -12.82 13.12
CA ALA B 305 2.08 -12.55 14.54
C ALA B 305 3.56 -12.61 14.95
N SER B 306 4.29 -13.60 14.43
CA SER B 306 5.73 -13.68 14.71
C SER B 306 6.52 -12.60 14.00
N THR B 307 5.99 -12.08 12.89
CA THR B 307 6.59 -10.92 12.24
C THR B 307 6.28 -9.62 13.00
N ASP B 308 5.03 -9.46 13.45
CA ASP B 308 4.65 -8.22 14.12
C ASP B 308 5.39 -8.01 15.43
N VAL B 309 5.81 -9.09 16.10
CA VAL B 309 6.52 -8.94 17.36
C VAL B 309 8.00 -8.63 17.11
N LYS B 310 8.57 -9.11 16.00
CA LYS B 310 9.90 -8.65 15.59
C LYS B 310 9.91 -7.15 15.35
N LYS B 311 8.80 -6.61 14.83
CA LYS B 311 8.71 -5.17 14.58
C LYS B 311 8.43 -4.39 15.86
N ASP B 312 7.79 -5.03 16.84
CA ASP B 312 7.46 -4.38 18.11
C ASP B 312 8.72 -4.20 18.95
N PRO B 313 9.19 -2.97 19.17
CA PRO B 313 10.47 -2.76 19.85
C PRO B 313 10.40 -2.69 21.38
N GLY B 314 9.28 -3.06 21.98
CA GLY B 314 9.14 -3.03 23.42
C GLY B 314 8.57 -1.74 23.98
N SER B 315 9.18 -0.61 23.63
CA SER B 315 8.67 0.69 24.04
C SER B 315 9.26 1.74 23.09
N ASP B 316 8.84 2.99 23.28
CA ASP B 316 9.27 4.08 22.41
C ASP B 316 10.70 4.52 22.71
N ALA B 317 11.22 4.25 23.89
CA ALA B 317 12.52 4.77 24.28
C ALA B 317 13.63 4.10 23.49
N PRO B 318 14.69 4.84 23.17
CA PRO B 318 15.82 4.24 22.46
C PRO B 318 16.54 3.24 23.34
N PRO B 319 17.11 2.18 22.76
CA PRO B 319 17.80 1.19 23.58
C PRO B 319 19.14 1.71 24.09
N ALA B 320 19.60 1.08 25.17
CA ALA B 320 20.87 1.42 25.77
C ALA B 320 22.02 0.72 25.04
N PRO B 321 23.25 1.18 25.26
CA PRO B 321 24.40 0.43 24.74
C PRO B 321 24.39 -1.01 25.23
N LEU B 322 24.78 -1.92 24.36
CA LEU B 322 24.66 -3.35 24.63
C LEU B 322 25.80 -4.10 23.95
N ASN B 323 27.04 -3.73 24.30
CA ASN B 323 28.22 -4.32 23.68
C ASN B 323 28.88 -5.40 24.54
N SER B 324 28.51 -5.50 25.81
CA SER B 324 29.06 -6.54 26.68
C SER B 324 28.03 -6.87 27.75
N VAL B 325 27.80 -8.17 27.96
CA VAL B 325 26.87 -8.63 28.99
C VAL B 325 27.58 -9.64 29.89
N GLY B 326 26.94 -9.93 31.02
CA GLY B 326 27.48 -10.89 31.97
C GLY B 326 26.36 -11.70 32.59
N ILE B 327 26.71 -12.90 33.05
CA ILE B 327 25.75 -13.86 33.58
C ILE B 327 26.15 -14.22 35.00
N LEU B 328 25.17 -14.20 35.91
CA LEU B 328 25.35 -14.68 37.28
C LEU B 328 24.78 -16.09 37.36
N GLY B 329 25.64 -17.06 37.62
CA GLY B 329 25.20 -18.44 37.72
C GLY B 329 25.58 -19.28 36.51
N GLY B 330 26.15 -20.46 36.76
CA GLY B 330 26.58 -21.33 35.68
C GLY B 330 25.62 -22.47 35.42
N GLY B 331 26.15 -23.69 35.29
CA GLY B 331 25.33 -24.84 34.99
C GLY B 331 24.83 -24.83 33.55
N LEU B 332 23.87 -25.72 33.30
CA LEU B 332 23.27 -25.78 31.96
C LEU B 332 22.41 -24.56 31.67
N MET B 333 21.98 -23.83 32.71
CA MET B 333 21.18 -22.63 32.49
C MET B 333 22.05 -21.47 32.03
N GLY B 334 23.09 -21.15 32.80
CA GLY B 334 23.96 -20.04 32.43
C GLY B 334 24.69 -20.27 31.12
N GLY B 335 25.13 -21.50 30.88
CA GLY B 335 25.77 -21.81 29.61
C GLY B 335 24.83 -21.64 28.43
N GLY B 336 23.56 -21.99 28.61
CA GLY B 336 22.59 -21.79 27.56
C GLY B 336 22.31 -20.33 27.27
N ILE B 337 22.45 -19.48 28.29
CA ILE B 337 22.31 -18.04 28.08
C ILE B 337 23.54 -17.47 27.40
N ALA B 338 24.73 -17.95 27.77
CA ALA B 338 25.95 -17.47 27.14
C ALA B 338 26.06 -17.97 25.70
N TYR B 339 25.60 -19.19 25.44
CA TYR B 339 25.68 -19.75 24.09
C TYR B 339 24.89 -18.89 23.10
N VAL B 340 23.65 -18.55 23.45
CA VAL B 340 22.82 -17.74 22.56
C VAL B 340 23.24 -16.28 22.53
N THR B 341 24.09 -15.84 23.46
CA THR B 341 24.54 -14.45 23.49
C THR B 341 25.78 -14.23 22.62
N ALA B 342 26.66 -15.22 22.52
CA ALA B 342 27.87 -15.11 21.71
C ALA B 342 27.75 -15.78 20.35
N CYS B 343 27.09 -16.95 20.28
CA CYS B 343 26.98 -17.65 19.02
C CYS B 343 25.85 -17.12 18.15
N LYS B 344 24.82 -16.54 18.76
CA LYS B 344 23.68 -15.98 18.03
C LYS B 344 23.68 -14.47 17.99
N ALA B 345 23.95 -13.80 19.12
CA ALA B 345 23.98 -12.35 19.16
C ALA B 345 25.37 -11.77 18.95
N GLY B 346 26.43 -12.55 19.20
CA GLY B 346 27.78 -12.09 18.97
C GLY B 346 28.30 -11.10 19.99
N ILE B 347 27.76 -11.10 21.19
CA ILE B 347 28.15 -10.18 22.25
C ILE B 347 29.05 -10.93 23.23
N PRO B 348 30.22 -10.40 23.59
CA PRO B 348 31.07 -11.10 24.56
C PRO B 348 30.40 -11.16 25.93
N VAL B 349 30.37 -12.36 26.50
CA VAL B 349 29.70 -12.60 27.78
C VAL B 349 30.66 -13.32 28.71
N ARG B 350 30.55 -13.02 30.01
CA ARG B 350 31.34 -13.65 31.05
C ARG B 350 30.41 -14.14 32.15
N ILE B 351 30.72 -15.32 32.69
CA ILE B 351 29.86 -16.00 33.66
C ILE B 351 30.54 -15.96 35.02
N LYS B 352 29.79 -15.55 36.05
CA LYS B 352 30.29 -15.48 37.42
C LYS B 352 29.49 -16.46 38.26
N ASP B 353 30.07 -17.62 38.56
CA ASP B 353 29.48 -18.59 39.47
C ASP B 353 30.55 -19.00 40.46
N ILE B 354 30.23 -18.90 41.75
CA ILE B 354 31.22 -19.09 42.81
C ILE B 354 31.43 -20.58 43.01
N ASN B 355 30.71 -21.37 42.23
CA ASN B 355 30.90 -22.81 42.20
C ASN B 355 31.87 -23.17 41.09
N PRO B 356 32.98 -23.85 41.40
CA PRO B 356 33.96 -24.15 40.34
C PRO B 356 33.40 -25.02 39.22
N GLN B 357 32.73 -26.13 39.58
CA GLN B 357 32.15 -27.00 38.56
C GLN B 357 31.03 -26.31 37.78
N GLY B 358 30.44 -25.25 38.33
CA GLY B 358 29.40 -24.52 37.61
C GLY B 358 29.94 -23.73 36.44
N ILE B 359 31.17 -23.23 36.55
CA ILE B 359 31.79 -22.57 35.41
C ILE B 359 32.18 -23.59 34.34
N ASN B 360 32.70 -24.75 34.78
CA ASN B 360 33.13 -25.77 33.82
C ASN B 360 31.94 -26.35 33.06
N HIS B 361 30.81 -26.56 33.74
CA HIS B 361 29.62 -27.06 33.05
C HIS B 361 29.08 -26.03 32.07
N ALA B 362 29.18 -24.74 32.40
CA ALA B 362 28.68 -23.71 31.51
C ALA B 362 29.53 -23.59 30.25
N LEU B 363 30.86 -23.70 30.39
CA LEU B 363 31.74 -23.61 29.23
C LEU B 363 31.74 -24.91 28.43
N LYS B 364 31.69 -26.05 29.11
CA LYS B 364 31.61 -27.33 28.41
C LYS B 364 30.31 -27.45 27.62
N TYR B 365 29.23 -26.86 28.12
CA TYR B 365 27.93 -26.99 27.47
C TYR B 365 27.92 -26.32 26.09
N SER B 366 28.60 -25.18 25.97
CA SER B 366 28.66 -24.52 24.67
C SER B 366 29.68 -25.17 23.75
N TRP B 367 30.72 -25.81 24.31
CA TRP B 367 31.67 -26.56 23.49
C TRP B 367 31.01 -27.79 22.88
N ASP B 368 30.09 -28.43 23.60
CA ASP B 368 29.43 -29.62 23.08
C ASP B 368 28.42 -29.28 21.99
N GLN B 369 27.77 -28.12 22.09
CA GLN B 369 26.79 -27.72 21.08
C GLN B 369 27.45 -27.24 19.78
N LEU B 370 28.71 -26.80 19.83
CA LEU B 370 29.42 -26.43 18.62
C LEU B 370 30.12 -27.62 17.98
N GLU B 371 30.75 -28.47 18.78
CA GLU B 371 31.31 -29.72 18.25
C GLU B 371 30.24 -30.65 17.68
N GLY B 372 29.00 -30.53 18.17
CA GLY B 372 27.92 -31.30 17.57
C GLY B 372 27.63 -30.86 16.15
N LYS B 373 27.70 -29.54 15.89
CA LYS B 373 27.51 -29.04 14.54
C LYS B 373 28.73 -29.29 13.66
N VAL B 374 29.91 -29.47 14.27
CA VAL B 374 31.10 -29.82 13.49
C VAL B 374 31.10 -31.30 13.12
N ARG B 375 30.46 -32.14 13.93
CA ARG B 375 30.38 -33.58 13.62
C ARG B 375 29.70 -33.81 12.28
N ARG B 376 28.48 -33.29 12.12
CA ARG B 376 27.78 -33.28 10.84
C ARG B 376 28.39 -32.27 9.87
N ARG B 377 29.38 -31.48 10.30
CA ARG B 377 30.09 -30.54 9.42
C ARG B 377 29.13 -29.55 8.78
N HIS B 378 28.11 -29.16 9.52
CA HIS B 378 27.17 -28.12 9.10
C HIS B 378 27.66 -26.73 9.48
N LEU B 379 28.79 -26.62 10.17
CA LEU B 379 29.40 -25.33 10.46
C LEU B 379 30.76 -25.25 9.78
N LYS B 380 31.74 -24.67 10.45
CA LYS B 380 33.10 -24.73 9.99
C LYS B 380 33.80 -25.88 10.73
N ALA B 381 35.13 -25.83 10.81
CA ALA B 381 35.88 -26.81 11.56
C ALA B 381 36.78 -26.18 12.62
N SER B 382 37.46 -25.09 12.28
CA SER B 382 38.31 -24.36 13.22
C SER B 382 37.72 -23.00 13.56
N GLU B 383 36.40 -22.87 13.45
CA GLU B 383 35.70 -21.69 13.92
C GLU B 383 35.02 -21.91 15.26
N ARG B 384 35.20 -23.07 15.88
CA ARG B 384 34.67 -23.28 17.22
C ARG B 384 35.29 -22.30 18.21
N ASP B 385 36.61 -22.22 18.23
CA ASP B 385 37.30 -21.31 19.14
C ASP B 385 37.28 -19.86 18.66
N LYS B 386 36.87 -19.61 17.41
CA LYS B 386 36.79 -18.24 16.92
C LYS B 386 35.70 -17.46 17.62
N GLN B 387 34.55 -18.10 17.88
CA GLN B 387 33.48 -17.47 18.63
C GLN B 387 33.37 -17.99 20.06
N LEU B 388 34.21 -18.95 20.45
CA LEU B 388 34.30 -19.35 21.85
C LEU B 388 35.19 -18.43 22.66
N ALA B 389 36.03 -17.62 21.99
CA ALA B 389 36.74 -16.56 22.70
C ALA B 389 35.80 -15.47 23.17
N LEU B 390 34.57 -15.44 22.67
CA LEU B 390 33.57 -14.46 23.11
C LEU B 390 33.06 -14.76 24.51
N ILE B 391 33.22 -15.98 25.01
CA ILE B 391 32.70 -16.40 26.31
C ILE B 391 33.86 -16.74 27.23
N SER B 392 33.74 -16.35 28.49
CA SER B 392 34.74 -16.63 29.52
C SER B 392 34.02 -16.91 30.83
N GLY B 393 34.70 -17.63 31.71
CA GLY B 393 34.13 -18.00 32.99
C GLY B 393 35.08 -17.70 34.13
N THR B 394 34.50 -17.25 35.24
CA THR B 394 35.29 -16.88 36.41
C THR B 394 34.49 -17.16 37.67
N THR B 395 35.21 -17.34 38.76
CA THR B 395 34.63 -17.45 40.09
C THR B 395 34.89 -16.22 40.95
N ASP B 396 35.65 -15.25 40.45
CA ASP B 396 35.96 -14.03 41.17
C ASP B 396 35.12 -12.87 40.62
N TYR B 397 35.52 -11.64 40.95
CA TYR B 397 34.74 -10.46 40.62
C TYR B 397 35.36 -9.63 39.51
N ARG B 398 36.40 -10.14 38.85
CA ARG B 398 37.07 -9.38 37.81
C ARG B 398 36.37 -9.57 36.46
N GLY B 399 36.30 -8.48 35.69
CA GLY B 399 35.72 -8.54 34.37
C GLY B 399 34.24 -8.22 34.29
N PHE B 400 33.72 -7.40 35.20
CA PHE B 400 32.30 -7.07 35.21
C PHE B 400 31.99 -5.59 35.39
N ALA B 401 32.99 -4.74 35.67
CA ALA B 401 32.73 -3.33 35.93
C ALA B 401 32.33 -2.55 34.69
N HIS B 402 32.28 -3.17 33.52
CA HIS B 402 31.90 -2.46 32.30
C HIS B 402 30.82 -3.20 31.50
N ARG B 403 30.23 -4.25 32.06
CA ARG B 403 29.16 -4.95 31.38
C ARG B 403 27.93 -4.04 31.23
N ASP B 404 27.27 -4.15 30.10
CA ASP B 404 26.09 -3.30 29.82
C ASP B 404 24.79 -3.90 30.33
N LEU B 405 24.74 -5.22 30.56
CA LEU B 405 23.56 -5.86 31.09
C LEU B 405 23.99 -7.13 31.81
N ILE B 406 23.38 -7.41 32.96
CA ILE B 406 23.71 -8.56 33.78
C ILE B 406 22.48 -9.46 33.86
N ILE B 407 22.64 -10.72 33.44
CA ILE B 407 21.58 -11.72 33.54
C ILE B 407 21.84 -12.57 34.77
N GLU B 408 20.78 -12.85 35.52
CA GLU B 408 20.87 -13.54 36.79
C GLU B 408 20.22 -14.91 36.64
N ALA B 409 21.04 -15.97 36.71
CA ALA B 409 20.57 -17.34 36.64
C ALA B 409 20.94 -18.10 37.90
N VAL B 410 20.75 -17.48 39.06
CA VAL B 410 21.12 -18.07 40.34
C VAL B 410 19.91 -18.75 40.95
N PHE B 411 20.02 -19.13 42.22
CA PHE B 411 18.97 -19.88 42.89
C PHE B 411 17.69 -19.06 42.98
N GLU B 412 16.58 -19.77 43.12
CA GLU B 412 15.25 -19.13 43.18
C GLU B 412 14.91 -18.78 44.62
N ASN B 413 15.68 -17.83 45.16
CA ASN B 413 15.50 -17.33 46.51
C ASN B 413 15.44 -15.82 46.47
N LEU B 414 14.42 -15.23 47.09
CA LEU B 414 14.22 -13.79 47.03
C LEU B 414 15.37 -13.05 47.69
N GLU B 415 15.76 -13.47 48.90
CA GLU B 415 16.84 -12.79 49.60
C GLU B 415 18.16 -12.89 48.85
N LEU B 416 18.35 -13.95 48.06
CA LEU B 416 19.58 -14.10 47.29
C LEU B 416 19.61 -13.12 46.13
N LYS B 417 18.52 -13.04 45.37
CA LYS B 417 18.48 -12.16 44.20
C LYS B 417 18.57 -10.70 44.60
N GLN B 418 17.95 -10.33 45.73
CA GLN B 418 18.03 -8.95 46.20
C GLN B 418 19.47 -8.56 46.51
N GLN B 419 20.26 -9.50 47.04
CA GLN B 419 21.64 -9.21 47.36
C GLN B 419 22.48 -8.99 46.10
N MET B 420 22.21 -9.76 45.06
CA MET B 420 22.98 -9.63 43.84
C MET B 420 22.54 -8.47 42.96
N VAL B 421 21.39 -7.86 43.25
CA VAL B 421 21.09 -6.56 42.65
C VAL B 421 22.06 -5.51 43.17
N ALA B 422 22.17 -5.38 44.49
CA ALA B 422 23.11 -4.45 45.08
C ALA B 422 24.57 -4.84 44.83
N GLU B 423 24.83 -6.07 44.38
CA GLU B 423 26.19 -6.45 44.09
C GLU B 423 26.62 -6.00 42.69
N VAL B 424 25.71 -6.07 41.72
CA VAL B 424 26.03 -5.50 40.41
C VAL B 424 25.92 -3.99 40.44
N GLU B 425 25.10 -3.44 41.33
CA GLU B 425 25.06 -1.99 41.50
C GLU B 425 26.33 -1.46 42.14
N GLN B 426 27.07 -2.31 42.86
CA GLN B 426 28.28 -1.89 43.54
C GLN B 426 29.53 -2.11 42.69
N ASN B 427 29.55 -3.16 41.88
CA ASN B 427 30.75 -3.52 41.14
C ASN B 427 30.70 -3.18 39.66
N CYS B 428 29.52 -2.90 39.12
CA CYS B 428 29.36 -2.54 37.71
C CYS B 428 29.04 -1.06 37.58
N ALA B 429 28.86 -0.62 36.33
CA ALA B 429 28.57 0.78 36.05
C ALA B 429 27.17 1.16 36.52
N ALA B 430 26.89 2.45 36.46
CA ALA B 430 25.63 3.00 36.95
C ALA B 430 24.52 2.96 35.90
N HIS B 431 24.76 2.32 34.76
CA HIS B 431 23.78 2.21 33.71
C HIS B 431 23.48 0.77 33.32
N THR B 432 24.14 -0.21 33.92
CA THR B 432 23.97 -1.60 33.53
C THR B 432 22.60 -2.11 33.98
N ILE B 433 22.04 -2.99 33.16
CA ILE B 433 20.71 -3.56 33.41
C ILE B 433 20.88 -4.85 34.20
N PHE B 434 19.95 -5.08 35.12
CA PHE B 434 19.88 -6.33 35.88
C PHE B 434 18.63 -7.08 35.42
N ALA B 435 18.83 -8.17 34.68
CA ALA B 435 17.75 -8.97 34.13
C ALA B 435 17.78 -10.34 34.76
N SER B 436 16.83 -10.61 35.67
CA SER B 436 16.82 -11.85 36.44
C SER B 436 15.95 -12.89 35.76
N ASN B 437 16.54 -14.04 35.45
CA ASN B 437 15.80 -15.19 34.92
C ASN B 437 15.12 -15.90 36.08
N THR B 438 13.96 -15.37 36.46
CA THR B 438 13.22 -15.87 37.60
C THR B 438 11.87 -16.39 37.14
N SER B 439 11.40 -17.45 37.79
CA SER B 439 10.15 -18.10 37.41
C SER B 439 9.02 -17.87 38.41
N SER B 440 9.33 -17.84 39.71
CA SER B 440 8.32 -17.76 40.75
C SER B 440 8.36 -16.47 41.56
N LEU B 441 9.42 -15.67 41.43
CA LEU B 441 9.49 -14.49 42.28
C LEU B 441 9.12 -13.23 41.51
N PRO B 442 8.39 -12.32 42.14
CA PRO B 442 8.01 -11.08 41.46
C PRO B 442 9.20 -10.16 41.24
N ILE B 443 9.12 -9.35 40.19
CA ILE B 443 10.22 -8.47 39.84
C ILE B 443 10.26 -7.25 40.75
N GLY B 444 9.11 -6.79 41.23
CA GLY B 444 9.11 -5.65 42.14
C GLY B 444 9.79 -5.95 43.47
N ASP B 445 9.75 -7.20 43.91
CA ASP B 445 10.40 -7.57 45.16
C ASP B 445 11.90 -7.78 44.99
N ILE B 446 12.35 -8.15 43.79
CA ILE B 446 13.78 -8.29 43.55
C ILE B 446 14.46 -6.92 43.58
N ALA B 447 13.82 -5.90 42.99
CA ALA B 447 14.35 -4.55 42.98
C ALA B 447 13.84 -3.70 44.13
N ALA B 448 13.49 -4.34 45.26
CA ALA B 448 12.93 -3.59 46.38
C ALA B 448 13.94 -2.60 46.95
N HIS B 449 15.13 -3.09 47.30
CA HIS B 449 16.17 -2.26 47.90
C HIS B 449 17.19 -1.79 46.88
N ALA B 450 16.81 -1.75 45.60
CA ALA B 450 17.70 -1.30 44.55
C ALA B 450 17.83 0.22 44.60
N THR B 451 19.08 0.70 44.63
CA THR B 451 19.30 2.14 44.55
C THR B 451 18.93 2.69 43.18
N ARG B 452 19.00 1.86 42.15
CA ARG B 452 18.54 2.21 40.80
C ARG B 452 17.58 1.13 40.32
N PRO B 453 16.35 1.10 40.86
CA PRO B 453 15.41 0.03 40.50
C PRO B 453 14.82 0.18 39.11
N GLU B 454 14.99 1.34 38.45
CA GLU B 454 14.48 1.50 37.09
C GLU B 454 15.26 0.69 36.06
N GLN B 455 16.34 0.01 36.48
CA GLN B 455 17.16 -0.78 35.57
C GLN B 455 17.11 -2.27 35.89
N VAL B 456 16.17 -2.69 36.73
CA VAL B 456 16.00 -4.09 37.09
C VAL B 456 14.76 -4.62 36.40
N ILE B 457 14.91 -5.71 35.64
CA ILE B 457 13.84 -6.30 34.86
C ILE B 457 13.94 -7.82 34.97
N GLY B 458 12.89 -8.50 34.53
CA GLY B 458 12.86 -9.96 34.49
C GLY B 458 12.95 -10.43 33.05
N LEU B 459 13.91 -11.33 32.80
CA LEU B 459 14.17 -11.91 31.48
C LEU B 459 14.08 -13.42 31.62
N HIS B 460 12.90 -13.96 31.34
CA HIS B 460 12.60 -15.37 31.60
C HIS B 460 13.01 -16.21 30.38
N PHE B 461 13.88 -17.17 30.60
CA PHE B 461 14.24 -18.17 29.60
C PHE B 461 13.61 -19.51 29.99
N PHE B 462 13.73 -20.47 29.07
CA PHE B 462 13.23 -21.82 29.30
C PHE B 462 14.29 -22.84 28.91
N SER B 463 14.39 -23.91 29.70
CA SER B 463 15.39 -24.95 29.42
C SER B 463 14.81 -26.00 28.48
N PRO B 464 15.55 -26.43 27.44
CA PRO B 464 16.88 -25.92 27.06
C PRO B 464 16.81 -24.57 26.35
N VAL B 465 17.87 -23.76 26.48
CA VAL B 465 17.80 -22.38 26.01
C VAL B 465 17.87 -22.31 24.49
N GLU B 466 18.73 -23.12 23.87
CA GLU B 466 18.90 -23.04 22.42
C GLU B 466 17.74 -23.64 21.65
N LYS B 467 16.87 -24.43 22.31
CA LYS B 467 15.73 -25.04 21.64
C LYS B 467 14.44 -24.25 21.81
N MET B 468 14.26 -23.55 22.93
CA MET B 468 13.04 -22.81 23.19
C MET B 468 13.17 -21.39 22.64
N PRO B 469 12.35 -20.98 21.67
CA PRO B 469 12.51 -19.64 21.10
C PRO B 469 11.84 -18.54 21.89
N LEU B 470 10.86 -18.85 22.75
CA LEU B 470 10.13 -17.83 23.49
C LEU B 470 10.89 -17.41 24.74
N VAL B 471 10.83 -16.13 25.05
CA VAL B 471 11.35 -15.59 26.31
C VAL B 471 10.35 -14.54 26.81
N GLU B 472 10.22 -14.47 28.14
CA GLU B 472 9.32 -13.52 28.78
C GLU B 472 10.11 -12.35 29.36
N ILE B 473 9.69 -11.14 29.03
CA ILE B 473 10.29 -9.92 29.53
C ILE B 473 9.30 -9.31 30.53
N ILE B 474 9.67 -9.30 31.80
CA ILE B 474 8.76 -8.94 32.88
C ILE B 474 9.29 -7.69 33.57
N PRO B 475 8.77 -6.51 33.21
CA PRO B 475 9.14 -5.29 33.95
C PRO B 475 8.23 -5.05 35.14
N HIS B 476 8.81 -4.45 36.18
CA HIS B 476 8.04 -4.05 37.34
C HIS B 476 7.62 -2.58 37.20
N ALA B 477 6.92 -2.08 38.22
CA ALA B 477 6.24 -0.79 38.08
C ALA B 477 7.21 0.35 37.81
N GLY B 478 8.45 0.25 38.29
CA GLY B 478 9.42 1.30 38.15
C GLY B 478 10.43 1.13 37.03
N THR B 479 10.32 0.07 36.24
CA THR B 479 11.28 -0.17 35.17
C THR B 479 11.13 0.88 34.07
N SER B 480 12.22 1.59 33.78
CA SER B 480 12.18 2.64 32.77
C SER B 480 11.95 2.04 31.39
N ALA B 481 11.39 2.86 30.50
CA ALA B 481 11.12 2.40 29.14
C ALA B 481 12.40 2.10 28.38
N GLN B 482 13.50 2.78 28.72
CA GLN B 482 14.77 2.47 28.10
C GLN B 482 15.25 1.08 28.48
N THR B 483 15.04 0.68 29.74
CA THR B 483 15.43 -0.66 30.17
C THR B 483 14.60 -1.73 29.48
N ILE B 484 13.32 -1.44 29.23
CA ILE B 484 12.47 -2.40 28.52
C ILE B 484 12.93 -2.57 27.08
N ALA B 485 13.17 -1.45 26.39
CA ALA B 485 13.56 -1.52 24.98
C ALA B 485 14.94 -2.14 24.79
N THR B 486 15.82 -2.00 25.78
CA THR B 486 17.16 -2.57 25.66
C THR B 486 17.13 -4.09 25.80
N THR B 487 16.25 -4.61 26.66
CA THR B 487 16.21 -6.05 26.89
C THR B 487 15.57 -6.77 25.71
N VAL B 488 14.45 -6.26 25.20
CA VAL B 488 13.78 -6.90 24.07
C VAL B 488 14.68 -6.85 22.84
N LYS B 489 15.46 -5.79 22.68
CA LYS B 489 16.45 -5.75 21.61
C LYS B 489 17.49 -6.85 21.77
N LEU B 490 17.90 -7.11 23.01
CA LEU B 490 18.81 -8.22 23.29
C LEU B 490 18.13 -9.56 23.07
N ALA B 491 16.84 -9.66 23.41
CA ALA B 491 16.11 -10.91 23.21
C ALA B 491 15.98 -11.22 21.73
N LYS B 492 15.80 -10.20 20.90
CA LYS B 492 15.77 -10.43 19.45
C LYS B 492 17.15 -10.72 18.89
N LYS B 493 18.20 -10.12 19.45
CA LYS B 493 19.55 -10.44 19.03
C LYS B 493 19.89 -11.90 19.29
N GLN B 494 19.49 -12.41 20.45
CA GLN B 494 19.73 -13.80 20.81
C GLN B 494 18.85 -14.79 20.04
N GLY B 495 18.07 -14.34 19.06
CA GLY B 495 17.24 -15.25 18.29
C GLY B 495 15.97 -15.70 18.97
N LYS B 496 15.48 -14.95 19.95
CA LYS B 496 14.29 -15.31 20.69
C LYS B 496 13.11 -14.43 20.26
N THR B 497 11.90 -14.98 20.42
CA THR B 497 10.67 -14.26 20.17
C THR B 497 10.13 -13.79 21.51
N PRO B 498 10.32 -12.52 21.90
CA PRO B 498 9.98 -12.11 23.27
C PRO B 498 8.60 -11.47 23.40
N ILE B 499 7.90 -11.82 24.48
CA ILE B 499 6.64 -11.19 24.85
C ILE B 499 6.85 -10.48 26.18
N VAL B 500 6.25 -9.30 26.33
CA VAL B 500 6.39 -8.51 27.53
C VAL B 500 5.18 -8.79 28.44
N VAL B 501 5.44 -9.37 29.60
CA VAL B 501 4.40 -9.84 30.49
C VAL B 501 4.41 -9.01 31.76
N ARG B 502 3.24 -8.88 32.38
CA ARG B 502 3.10 -8.15 33.64
C ARG B 502 3.70 -8.95 34.80
N ASP B 503 4.22 -8.22 35.79
CA ASP B 503 4.82 -8.82 36.99
C ASP B 503 3.70 -9.39 37.87
N LYS B 504 3.21 -10.56 37.49
CA LYS B 504 2.21 -11.29 38.24
C LYS B 504 2.67 -12.74 38.41
N ALA B 505 2.25 -13.34 39.52
CA ALA B 505 2.69 -14.68 39.87
C ALA B 505 2.36 -15.67 38.76
N GLY B 506 3.38 -16.41 38.32
CA GLY B 506 3.22 -17.33 37.21
C GLY B 506 3.43 -16.74 35.84
N PHE B 507 3.45 -15.42 35.70
CA PHE B 507 3.65 -14.72 34.42
C PHE B 507 2.55 -15.19 33.48
N TYR B 508 2.86 -15.69 32.28
CA TYR B 508 1.85 -16.10 31.32
C TYR B 508 1.96 -17.58 30.96
N VAL B 509 3.11 -18.02 30.46
CA VAL B 509 3.22 -19.37 29.94
C VAL B 509 3.19 -20.40 31.06
N ASN B 510 3.89 -20.12 32.17
CA ASN B 510 3.86 -21.05 33.29
C ASN B 510 2.50 -21.10 33.96
N ARG B 511 1.81 -19.96 34.02
CA ARG B 511 0.53 -19.89 34.72
C ARG B 511 -0.53 -20.73 34.00
N ILE B 512 -0.68 -20.55 32.69
CA ILE B 512 -1.69 -21.29 31.95
C ILE B 512 -1.28 -22.74 31.76
N LEU B 513 -0.01 -23.07 31.91
CA LEU B 513 0.45 -24.44 31.76
C LEU B 513 0.19 -25.28 33.00
N ALA B 514 0.20 -24.66 34.18
CA ALA B 514 0.10 -25.42 35.43
C ALA B 514 -1.18 -26.25 35.54
N PRO B 515 -2.39 -25.72 35.31
CA PRO B 515 -3.57 -26.59 35.41
C PRO B 515 -3.64 -27.60 34.29
N TYR B 516 -3.05 -27.30 33.14
CA TYR B 516 -2.98 -28.27 32.04
C TYR B 516 -2.20 -29.51 32.44
N ILE B 517 -1.18 -29.35 33.28
CA ILE B 517 -0.44 -30.50 33.78
C ILE B 517 -1.15 -31.12 34.98
N ASN B 518 -1.74 -30.29 35.85
CA ASN B 518 -2.45 -30.81 37.02
C ASN B 518 -3.56 -31.76 36.62
N GLU B 519 -4.32 -31.42 35.57
CA GLU B 519 -5.39 -32.30 35.13
C GLU B 519 -4.84 -33.62 34.58
N ALA B 520 -3.69 -33.60 33.92
CA ALA B 520 -3.08 -34.85 33.48
C ALA B 520 -2.71 -35.73 34.67
N ILE B 521 -2.11 -35.13 35.71
CA ILE B 521 -1.85 -35.85 36.94
C ILE B 521 -3.16 -36.24 37.60
N ARG B 522 -4.21 -35.44 37.42
CA ARG B 522 -5.49 -35.73 38.05
C ARG B 522 -6.04 -37.08 37.60
N MET B 523 -6.32 -37.21 36.30
CA MET B 523 -6.89 -38.47 35.81
C MET B 523 -5.91 -39.63 35.85
N LEU B 524 -4.62 -39.37 36.09
CA LEU B 524 -3.73 -40.47 36.44
C LEU B 524 -4.12 -41.08 37.78
N THR B 525 -4.52 -40.24 38.74
CA THR B 525 -5.05 -40.73 40.00
C THR B 525 -6.44 -41.33 39.85
N GLN B 526 -7.09 -41.11 38.71
CA GLN B 526 -8.44 -41.60 38.47
C GLN B 526 -8.47 -42.84 37.59
N GLY B 527 -7.32 -43.50 37.41
CA GLY B 527 -7.27 -44.78 36.75
C GLY B 527 -6.87 -44.78 35.29
N GLU B 528 -6.34 -43.68 34.77
CA GLU B 528 -5.94 -43.62 33.38
C GLU B 528 -4.47 -43.98 33.22
N ARG B 529 -4.14 -44.52 32.06
CA ARG B 529 -2.76 -44.87 31.74
C ARG B 529 -1.98 -43.63 31.34
N VAL B 530 -0.68 -43.65 31.64
CA VAL B 530 0.20 -42.57 31.22
C VAL B 530 0.20 -42.44 29.70
N GLU B 531 0.24 -43.58 29.00
CA GLU B 531 0.31 -43.57 27.54
C GLU B 531 -0.98 -43.01 26.94
N HIS B 532 -2.12 -43.38 27.50
CA HIS B 532 -3.40 -42.89 26.99
C HIS B 532 -3.55 -41.39 27.19
N ILE B 533 -2.90 -40.83 28.22
CA ILE B 533 -2.96 -39.40 28.45
C ILE B 533 -2.13 -38.65 27.41
N ASP B 534 -0.88 -39.07 27.22
CA ASP B 534 0.03 -38.34 26.34
C ASP B 534 -0.35 -38.54 24.88
N ALA B 535 -0.57 -39.79 24.46
CA ALA B 535 -0.91 -40.05 23.07
C ALA B 535 -2.18 -39.33 22.63
N ALA B 536 -3.05 -38.97 23.58
CA ALA B 536 -4.27 -38.25 23.27
C ALA B 536 -4.06 -36.74 23.23
N LEU B 537 -2.98 -36.23 23.82
CA LEU B 537 -2.67 -34.81 23.77
C LEU B 537 -1.78 -34.45 22.58
N VAL B 538 -0.88 -35.36 22.18
CA VAL B 538 -0.10 -35.12 20.97
C VAL B 538 -0.97 -35.27 19.72
N LYS B 539 -1.94 -36.19 19.76
CA LYS B 539 -2.92 -36.27 18.69
C LYS B 539 -3.74 -34.98 18.59
N PHE B 540 -4.00 -34.33 19.73
CA PHE B 540 -4.72 -33.07 19.69
C PHE B 540 -3.93 -31.98 18.97
N GLY B 541 -2.60 -32.04 19.05
CA GLY B 541 -1.77 -31.08 18.36
C GLY B 541 -0.49 -30.72 19.09
N PHE B 542 -0.40 -31.09 20.36
CA PHE B 542 0.77 -30.78 21.16
C PHE B 542 1.97 -31.61 20.72
N PRO B 543 3.19 -31.18 21.05
CA PRO B 543 4.38 -31.90 20.58
C PRO B 543 4.64 -33.20 21.33
N VAL B 544 4.57 -33.19 22.66
CA VAL B 544 4.98 -34.32 23.50
C VAL B 544 3.81 -34.87 24.31
N GLY B 545 3.14 -34.01 25.07
CA GLY B 545 2.10 -34.46 25.97
C GLY B 545 2.48 -34.15 27.40
N PRO B 546 1.47 -33.97 28.27
CA PRO B 546 1.75 -33.37 29.58
C PRO B 546 2.65 -34.21 30.47
N ILE B 547 2.43 -35.52 30.53
CA ILE B 547 3.23 -36.37 31.43
C ILE B 547 4.68 -36.40 30.97
N GLN B 548 4.91 -36.70 29.70
CA GLN B 548 6.28 -36.68 29.17
C GLN B 548 6.89 -35.29 29.24
N LEU B 549 6.08 -34.25 29.14
CA LEU B 549 6.59 -32.88 29.30
C LEU B 549 7.11 -32.66 30.70
N LEU B 550 6.27 -32.91 31.72
CA LEU B 550 6.66 -32.70 33.10
C LEU B 550 7.90 -33.50 33.49
N ASP B 551 8.17 -34.58 32.77
CA ASP B 551 9.32 -35.43 33.11
C ASP B 551 10.61 -34.87 32.54
N GLU B 552 10.63 -34.56 31.24
CA GLU B 552 11.84 -34.00 30.63
C GLU B 552 12.11 -32.58 31.09
N VAL B 553 11.08 -31.86 31.55
CA VAL B 553 11.32 -30.58 32.20
C VAL B 553 11.88 -30.78 33.60
N GLY B 554 11.56 -31.92 34.22
CA GLY B 554 11.90 -32.15 35.60
C GLY B 554 10.68 -32.05 36.49
N ILE B 555 10.45 -33.06 37.33
CA ILE B 555 9.25 -33.09 38.16
C ILE B 555 9.25 -31.91 39.13
N ASP B 556 10.33 -31.75 39.90
CA ASP B 556 10.38 -30.69 40.90
C ASP B 556 10.42 -29.32 40.23
N THR B 557 11.12 -29.20 39.09
CA THR B 557 11.18 -27.91 38.40
C THR B 557 9.82 -27.52 37.84
N GLY B 558 9.10 -28.49 37.26
CA GLY B 558 7.79 -28.22 36.69
C GLY B 558 6.66 -28.09 37.69
N THR B 559 6.91 -28.38 38.97
CA THR B 559 5.89 -28.26 40.00
C THR B 559 6.29 -27.33 41.14
N LYS B 560 7.50 -26.79 41.12
CA LYS B 560 7.90 -25.84 42.16
C LYS B 560 7.07 -24.56 42.12
N ILE B 561 6.47 -24.24 40.97
CA ILE B 561 5.64 -23.06 40.84
C ILE B 561 4.19 -23.32 41.26
N ILE B 562 3.84 -24.56 41.59
CA ILE B 562 2.48 -24.85 42.04
C ILE B 562 2.13 -24.15 43.34
N PRO B 563 2.98 -24.14 44.38
CA PRO B 563 2.57 -23.46 45.62
C PRO B 563 2.35 -21.97 45.46
N VAL B 564 3.19 -21.28 44.70
CA VAL B 564 3.01 -19.83 44.55
C VAL B 564 1.76 -19.53 43.71
N LEU B 565 1.44 -20.39 42.75
CA LEU B 565 0.27 -20.14 41.92
C LEU B 565 -1.03 -20.32 42.71
N GLU B 566 -1.12 -21.39 43.50
CA GLU B 566 -2.33 -21.58 44.30
C GLU B 566 -2.43 -20.55 45.41
N ALA B 567 -1.31 -19.96 45.84
CA ALA B 567 -1.33 -18.95 46.88
C ALA B 567 -1.82 -17.61 46.37
N ALA B 568 -1.59 -17.33 45.09
CA ALA B 568 -2.03 -16.06 44.51
C ALA B 568 -3.41 -16.12 43.87
N TYR B 569 -3.87 -17.30 43.42
CA TYR B 569 -5.09 -17.38 42.65
C TYR B 569 -6.10 -18.38 43.20
N GLY B 570 -5.68 -19.28 44.08
CA GLY B 570 -6.59 -20.12 44.81
C GLY B 570 -6.50 -21.58 44.43
N GLU B 571 -7.62 -22.29 44.64
CA GLU B 571 -7.67 -23.73 44.54
C GLU B 571 -7.68 -24.26 43.11
N ARG B 572 -7.84 -23.39 42.11
CA ARG B 572 -7.90 -23.87 40.74
C ARG B 572 -6.55 -24.35 40.24
N PHE B 573 -5.46 -23.97 40.91
CA PHE B 573 -4.12 -24.43 40.55
C PHE B 573 -3.64 -25.58 41.43
N SER B 574 -4.42 -25.99 42.42
CA SER B 574 -3.99 -27.07 43.31
C SER B 574 -3.96 -28.40 42.55
N ALA B 575 -3.08 -29.27 43.02
CA ALA B 575 -2.83 -30.59 42.44
C ALA B 575 -3.54 -31.67 43.24
N PRO B 576 -3.68 -32.87 42.69
CA PRO B 576 -4.21 -33.99 43.49
C PRO B 576 -3.41 -34.14 44.78
N ALA B 577 -4.14 -34.36 45.87
CA ALA B 577 -3.52 -34.33 47.20
C ALA B 577 -2.48 -35.44 47.35
N ASN B 578 -1.33 -35.07 47.91
CA ASN B 578 -0.28 -36.00 48.37
C ASN B 578 0.58 -36.56 47.24
N VAL B 579 0.06 -36.59 46.01
CA VAL B 579 0.86 -37.11 44.90
C VAL B 579 1.96 -36.12 44.50
N VAL B 580 1.78 -34.84 44.81
CA VAL B 580 2.81 -33.85 44.46
C VAL B 580 4.10 -34.13 45.21
N SER B 581 4.01 -34.75 46.38
CA SER B 581 5.18 -35.07 47.20
C SER B 581 5.67 -36.50 47.02
N SER B 582 4.75 -37.46 46.88
CA SER B 582 5.14 -38.86 46.78
C SER B 582 6.02 -39.14 45.57
N ILE B 583 5.97 -38.30 44.54
CA ILE B 583 6.76 -38.52 43.34
C ILE B 583 8.24 -38.28 43.61
N LEU B 584 8.57 -37.31 44.47
CA LEU B 584 9.95 -37.06 44.85
C LEU B 584 10.30 -37.60 46.22
N ASN B 585 9.43 -38.44 46.80
CA ASN B 585 9.81 -39.19 48.01
C ASN B 585 10.72 -40.35 47.64
N ASP B 586 10.20 -41.32 46.89
CA ASP B 586 11.03 -42.12 46.02
C ASP B 586 11.65 -41.15 45.01
N ASP B 587 12.93 -40.83 45.17
CA ASP B 587 13.54 -39.70 44.48
C ASP B 587 13.47 -39.93 42.97
N ARG B 588 12.40 -39.40 42.38
CA ARG B 588 12.20 -39.32 40.94
C ARG B 588 12.08 -37.87 40.54
N LYS B 589 12.91 -37.43 39.61
CA LYS B 589 12.87 -36.04 39.16
C LYS B 589 12.83 -35.93 37.64
N GLY B 590 12.51 -37.00 36.94
CA GLY B 590 12.49 -37.01 35.49
C GLY B 590 13.66 -37.78 34.91
N ARG B 591 13.97 -37.47 33.65
CA ARG B 591 15.16 -38.03 33.02
C ARG B 591 16.44 -37.35 33.47
N LYS B 592 16.35 -36.38 34.39
CA LYS B 592 17.54 -35.76 34.95
C LYS B 592 18.41 -36.80 35.67
N ASN B 593 17.78 -37.68 36.44
CA ASN B 593 18.49 -38.76 37.11
C ASN B 593 18.24 -40.13 36.48
N GLY B 594 17.27 -40.24 35.58
CA GLY B 594 16.94 -41.50 34.95
C GLY B 594 15.69 -42.17 35.49
N ARG B 595 15.18 -41.73 36.64
CA ARG B 595 13.99 -42.29 37.25
C ARG B 595 12.85 -41.30 37.16
N GLY B 596 11.72 -41.73 36.59
CA GLY B 596 10.57 -40.86 36.44
C GLY B 596 9.31 -41.58 36.03
N PHE B 597 8.41 -40.87 35.32
CA PHE B 597 7.17 -41.49 34.85
C PHE B 597 7.47 -42.60 33.85
N TYR B 598 8.25 -42.30 32.82
CA TYR B 598 8.69 -43.30 31.86
C TYR B 598 9.97 -43.97 32.34
N LEU B 599 10.30 -45.10 31.72
CA LEU B 599 11.54 -45.79 32.01
C LEU B 599 12.65 -45.23 31.12
N TYR B 600 13.79 -44.96 31.73
CA TYR B 600 14.93 -44.39 31.01
C TYR B 600 16.14 -45.31 31.12
N GLY B 601 17.07 -45.15 30.19
CA GLY B 601 18.22 -46.02 30.13
C GLY B 601 17.85 -47.46 29.88
N GLN B 602 16.97 -47.69 28.91
CA GLN B 602 16.55 -49.04 28.57
C GLN B 602 17.73 -49.87 28.08
N LYS B 603 17.66 -51.18 28.31
CA LYS B 603 18.79 -52.06 27.99
C LYS B 603 19.05 -52.13 26.50
N GLY B 604 18.04 -51.91 25.67
CA GLY B 604 18.26 -51.92 24.23
C GLY B 604 19.04 -50.73 23.71
N ARG B 605 19.18 -49.67 24.51
CA ARG B 605 20.06 -48.56 24.18
C ARG B 605 19.42 -47.67 23.13
N LYS B 606 18.36 -48.17 22.46
CA LYS B 606 17.64 -47.33 21.51
C LYS B 606 16.16 -47.69 21.42
N SER B 607 15.62 -48.42 22.39
CA SER B 607 14.24 -48.89 22.32
C SER B 607 13.26 -47.72 22.45
N LYS B 608 12.06 -47.93 21.92
CA LYS B 608 11.00 -46.93 22.04
C LYS B 608 10.62 -46.74 23.50
N LYS B 609 10.22 -45.52 23.84
CA LYS B 609 9.95 -45.17 25.24
C LYS B 609 8.80 -46.00 25.79
N GLN B 610 8.98 -46.48 27.02
CA GLN B 610 7.99 -47.27 27.72
C GLN B 610 7.75 -46.68 29.09
N VAL B 611 6.49 -46.67 29.52
CA VAL B 611 6.14 -46.11 30.82
C VAL B 611 6.61 -47.04 31.93
N ASP B 612 7.21 -46.45 32.96
CA ASP B 612 7.64 -47.23 34.13
C ASP B 612 6.41 -47.73 34.87
N PRO B 613 6.18 -49.05 34.97
CA PRO B 613 4.98 -49.53 35.67
C PRO B 613 5.00 -49.27 37.17
N ALA B 614 6.18 -49.06 37.76
CA ALA B 614 6.30 -48.89 39.20
C ALA B 614 5.79 -47.54 39.69
N ILE B 615 5.38 -46.64 38.80
CA ILE B 615 4.91 -45.33 39.25
C ILE B 615 3.44 -45.34 39.62
N TYR B 616 2.64 -46.24 39.04
CA TYR B 616 1.22 -46.27 39.34
C TYR B 616 0.93 -46.53 40.82
N PRO B 617 1.47 -47.56 41.47
CA PRO B 617 1.18 -47.74 42.90
C PRO B 617 1.69 -46.59 43.76
N LEU B 618 2.65 -45.80 43.27
CA LEU B 618 3.10 -44.61 43.98
C LEU B 618 2.05 -43.50 43.97
N ILE B 619 1.09 -43.56 43.04
CA ILE B 619 0.02 -42.58 42.94
C ILE B 619 -1.19 -43.10 43.71
N GLY B 620 -2.21 -42.25 43.88
CA GLY B 620 -3.45 -42.74 44.44
C GLY B 620 -4.12 -43.78 43.57
N THR B 621 -4.10 -43.57 42.25
CA THR B 621 -4.52 -44.50 41.21
C THR B 621 -5.71 -45.39 41.55
N GLN B 622 -6.73 -44.81 42.19
CA GLN B 622 -7.94 -45.57 42.50
C GLN B 622 -8.95 -45.35 41.37
N GLY B 623 -8.85 -46.18 40.35
CA GLY B 623 -9.72 -46.10 39.19
C GLY B 623 -9.32 -47.16 38.19
N GLN B 624 -9.94 -47.11 37.00
CA GLN B 624 -9.64 -48.12 35.99
C GLN B 624 -10.03 -47.71 34.57
N GLY B 625 -9.22 -46.85 33.94
CA GLY B 625 -9.30 -46.53 32.52
C GLY B 625 -10.68 -46.38 31.89
N ARG B 626 -11.43 -45.36 32.31
CA ARG B 626 -12.80 -45.20 31.85
C ARG B 626 -12.97 -44.12 30.80
N ILE B 627 -12.15 -43.07 30.84
CA ILE B 627 -12.40 -41.87 30.05
C ILE B 627 -12.05 -42.11 28.59
N SER B 628 -12.60 -41.26 27.72
CA SER B 628 -12.40 -41.36 26.29
C SER B 628 -11.04 -40.77 25.90
N ALA B 629 -10.75 -40.79 24.60
CA ALA B 629 -9.47 -40.28 24.12
C ALA B 629 -9.53 -38.78 23.90
N PRO B 630 -10.53 -38.24 23.16
CA PRO B 630 -10.64 -36.77 23.08
C PRO B 630 -11.14 -36.12 24.35
N GLN B 631 -11.66 -36.89 25.31
CA GLN B 631 -12.14 -36.30 26.55
C GLN B 631 -10.98 -35.86 27.44
N VAL B 632 -9.91 -36.65 27.50
CA VAL B 632 -8.75 -36.25 28.29
C VAL B 632 -8.00 -35.10 27.64
N ALA B 633 -8.14 -34.94 26.32
CA ALA B 633 -7.59 -33.76 25.68
C ALA B 633 -8.44 -32.53 25.98
N GLU B 634 -9.76 -32.70 26.00
CA GLU B 634 -10.65 -31.60 26.29
C GLU B 634 -10.50 -31.13 27.74
N ARG B 635 -10.40 -32.07 28.67
CA ARG B 635 -10.27 -31.70 30.09
C ARG B 635 -9.00 -30.90 30.36
N CYS B 636 -7.93 -31.16 29.60
CA CYS B 636 -6.67 -30.46 29.84
C CYS B 636 -6.64 -29.10 29.16
N VAL B 637 -7.00 -29.05 27.88
CA VAL B 637 -6.88 -27.82 27.12
C VAL B 637 -7.89 -26.78 27.60
N MET B 638 -9.04 -27.21 28.13
CA MET B 638 -10.02 -26.24 28.60
C MET B 638 -9.54 -25.54 29.87
N LEU B 639 -8.71 -26.20 30.68
CA LEU B 639 -8.13 -25.53 31.83
C LEU B 639 -7.16 -24.44 31.40
N MET B 640 -6.32 -24.74 30.39
CA MET B 640 -5.35 -23.75 29.96
C MET B 640 -5.97 -22.69 29.06
N LEU B 641 -7.02 -23.03 28.33
CA LEU B 641 -7.75 -22.00 27.59
C LEU B 641 -8.38 -20.99 28.54
N ASN B 642 -8.92 -21.48 29.66
CA ASN B 642 -9.57 -20.59 30.62
C ASN B 642 -8.54 -19.68 31.27
N GLU B 643 -7.35 -20.19 31.56
CA GLU B 643 -6.29 -19.35 32.11
C GLU B 643 -5.74 -18.39 31.07
N ALA B 644 -5.73 -18.80 29.80
CA ALA B 644 -5.29 -17.89 28.75
C ALA B 644 -6.19 -16.68 28.66
N VAL B 645 -7.50 -16.89 28.65
CA VAL B 645 -8.46 -15.78 28.64
C VAL B 645 -8.32 -14.98 29.93
N ARG B 646 -8.11 -15.67 31.05
CA ARG B 646 -7.98 -14.99 32.34
C ARG B 646 -6.78 -14.04 32.35
N CYS B 647 -5.72 -14.36 31.59
CA CYS B 647 -4.53 -13.53 31.58
C CYS B 647 -4.73 -12.27 30.75
N VAL B 648 -5.26 -12.41 29.53
CA VAL B 648 -5.49 -11.25 28.69
C VAL B 648 -6.56 -10.35 29.28
N ASP B 649 -7.42 -10.89 30.14
CA ASP B 649 -8.39 -10.05 30.85
C ASP B 649 -7.72 -9.25 31.96
N GLU B 650 -6.80 -9.87 32.69
CA GLU B 650 -6.00 -9.19 33.72
C GLU B 650 -4.86 -8.38 33.13
N GLN B 651 -4.81 -8.22 31.81
CA GLN B 651 -3.72 -7.54 31.11
C GLN B 651 -2.35 -8.12 31.45
N VAL B 652 -2.30 -9.39 31.85
CA VAL B 652 -1.03 -10.06 32.05
C VAL B 652 -0.20 -10.03 30.76
N ILE B 653 -0.84 -10.31 29.63
CA ILE B 653 -0.23 -10.14 28.32
C ILE B 653 -0.80 -8.88 27.70
N ARG B 654 0.01 -8.23 26.86
CA ARG B 654 -0.41 -6.96 26.27
C ARG B 654 -1.43 -7.19 25.16
N SER B 655 -1.02 -7.89 24.10
CA SER B 655 -1.88 -8.16 22.96
C SER B 655 -2.44 -9.58 23.02
N VAL B 656 -3.54 -9.77 22.30
CA VAL B 656 -3.99 -11.14 22.00
C VAL B 656 -2.97 -11.82 21.10
N ARG B 657 -2.21 -11.02 20.32
CA ARG B 657 -1.11 -11.58 19.53
C ARG B 657 -0.04 -12.20 20.40
N ASP B 658 0.35 -11.50 21.48
CA ASP B 658 1.33 -12.07 22.40
C ASP B 658 0.83 -13.35 23.05
N GLY B 659 -0.50 -13.50 23.18
CA GLY B 659 -1.04 -14.69 23.82
C GLY B 659 -0.86 -15.93 22.96
N ASP B 660 -1.22 -15.84 21.67
CA ASP B 660 -1.03 -16.98 20.77
C ASP B 660 0.45 -17.25 20.52
N ILE B 661 1.26 -16.19 20.44
CA ILE B 661 2.70 -16.37 20.31
C ILE B 661 3.26 -17.02 21.56
N GLY B 662 2.73 -16.66 22.73
CA GLY B 662 3.24 -17.22 23.97
C GLY B 662 2.98 -18.70 24.13
N ALA B 663 1.88 -19.18 23.55
CA ALA B 663 1.54 -20.59 23.73
C ALA B 663 2.01 -21.45 22.55
N VAL B 664 1.92 -20.94 21.33
CA VAL B 664 2.39 -21.69 20.17
C VAL B 664 3.89 -21.95 20.26
N PHE B 665 4.63 -20.97 20.78
CA PHE B 665 6.08 -21.07 20.88
C PHE B 665 6.57 -21.45 22.28
N GLY B 666 5.74 -21.27 23.30
CA GLY B 666 6.12 -21.63 24.66
C GLY B 666 5.74 -23.04 25.03
N ILE B 667 4.42 -23.28 25.14
CA ILE B 667 3.91 -24.62 25.44
C ILE B 667 3.89 -25.52 24.21
N GLY B 668 4.17 -24.98 23.04
CA GLY B 668 4.01 -25.75 21.81
C GLY B 668 2.55 -25.96 21.47
N PHE B 669 1.72 -24.94 21.66
CA PHE B 669 0.31 -25.04 21.31
C PHE B 669 0.19 -25.41 19.83
N PRO B 670 -0.77 -26.25 19.46
CA PRO B 670 -0.89 -26.70 18.07
C PRO B 670 -0.93 -25.53 17.11
N PRO B 671 0.04 -25.44 16.19
CA PRO B 671 0.07 -24.31 15.26
C PRO B 671 -1.11 -24.29 14.30
N PHE B 672 -1.64 -25.46 13.92
CA PHE B 672 -2.77 -25.49 12.99
C PHE B 672 -4.04 -24.92 13.63
N LEU B 673 -4.07 -24.78 14.95
CA LEU B 673 -5.18 -24.10 15.61
C LEU B 673 -4.97 -22.60 15.70
N GLY B 674 -3.71 -22.15 15.73
CA GLY B 674 -3.41 -20.73 15.70
C GLY B 674 -3.19 -20.07 17.03
N GLY B 675 -3.18 -20.84 18.12
CA GLY B 675 -3.03 -20.29 19.45
C GLY B 675 -4.29 -20.46 20.26
N PRO B 676 -4.23 -20.16 21.56
CA PRO B 676 -5.42 -20.35 22.40
C PRO B 676 -6.59 -19.47 22.00
N PHE B 677 -6.31 -18.23 21.57
CA PHE B 677 -7.40 -17.28 21.34
C PHE B 677 -8.03 -17.45 19.96
N ARG B 678 -7.27 -17.88 18.95
CA ARG B 678 -7.89 -18.19 17.68
C ARG B 678 -8.63 -19.53 17.72
N TYR B 679 -8.17 -20.45 18.56
CA TYR B 679 -8.89 -21.70 18.75
C TYR B 679 -10.25 -21.45 19.39
N ILE B 680 -10.37 -20.40 20.19
CA ILE B 680 -11.66 -20.06 20.77
C ILE B 680 -12.56 -19.38 19.75
N ASP B 681 -12.00 -18.45 18.96
CA ASP B 681 -12.79 -17.85 17.88
C ASP B 681 -13.15 -18.88 16.82
N SER B 682 -12.31 -19.91 16.63
CA SER B 682 -12.63 -20.96 15.67
C SER B 682 -13.83 -21.78 16.15
N LEU B 683 -13.94 -21.99 17.46
CA LEU B 683 -15.06 -22.75 18.01
C LEU B 683 -16.26 -21.86 18.35
N GLY B 684 -16.02 -20.69 18.92
CA GLY B 684 -17.10 -19.80 19.33
C GLY B 684 -17.03 -19.57 20.83
N ALA B 685 -17.01 -18.29 21.20
CA ALA B 685 -16.92 -17.94 22.63
C ALA B 685 -18.11 -18.49 23.40
N GLY B 686 -19.30 -18.44 22.82
CA GLY B 686 -20.47 -19.03 23.44
C GLY B 686 -20.49 -20.54 23.46
N GLU B 687 -19.65 -21.19 22.66
CA GLU B 687 -19.57 -22.64 22.60
C GLU B 687 -18.46 -23.22 23.48
N VAL B 688 -17.39 -22.47 23.74
CA VAL B 688 -16.39 -22.96 24.68
C VAL B 688 -16.93 -22.87 26.11
N VAL B 689 -17.81 -21.92 26.39
CA VAL B 689 -18.41 -21.85 27.72
C VAL B 689 -19.46 -22.93 27.89
N ALA B 690 -20.12 -23.34 26.80
CA ALA B 690 -21.04 -24.47 26.88
C ALA B 690 -20.28 -25.76 27.15
N ILE B 691 -19.07 -25.89 26.60
CA ILE B 691 -18.24 -27.05 26.89
C ILE B 691 -17.75 -26.99 28.33
N MET B 692 -17.25 -25.84 28.76
CA MET B 692 -16.69 -25.72 30.11
C MET B 692 -17.76 -25.84 31.19
N GLN B 693 -18.99 -25.42 30.89
CA GLN B 693 -20.06 -25.58 31.87
C GLN B 693 -20.44 -27.05 32.04
N ARG B 694 -20.45 -27.82 30.94
CA ARG B 694 -20.81 -29.23 31.03
C ARG B 694 -19.72 -30.02 31.74
N LEU B 695 -18.45 -29.70 31.47
CA LEU B 695 -17.36 -30.36 32.19
C LEU B 695 -17.35 -29.95 33.66
N ALA B 696 -17.85 -28.77 33.99
CA ALA B 696 -17.80 -28.30 35.36
C ALA B 696 -18.84 -29.03 36.22
N THR B 697 -20.06 -29.19 35.72
CA THR B 697 -21.09 -29.93 36.44
C THR B 697 -20.76 -31.40 36.62
N GLN B 698 -19.73 -31.89 35.94
CA GLN B 698 -19.36 -33.30 35.99
C GLN B 698 -17.98 -33.56 36.61
N TYR B 699 -17.06 -32.60 36.52
CA TYR B 699 -15.72 -32.79 37.09
C TYR B 699 -15.41 -31.86 38.24
N GLY B 700 -15.87 -30.62 38.22
CA GLY B 700 -15.63 -29.73 39.33
C GLY B 700 -15.72 -28.27 38.95
N SER B 701 -15.53 -27.42 39.96
CA SER B 701 -15.65 -25.98 39.79
C SER B 701 -14.52 -25.39 38.95
N ARG B 702 -13.38 -26.07 38.85
CA ARG B 702 -12.23 -25.51 38.14
C ARG B 702 -12.51 -25.32 36.65
N PHE B 703 -13.56 -25.96 36.12
CA PHE B 703 -13.90 -25.86 34.71
C PHE B 703 -14.85 -24.72 34.38
N THR B 704 -15.42 -24.05 35.39
CA THR B 704 -16.41 -23.03 35.13
C THR B 704 -15.80 -21.90 34.30
N PRO B 705 -16.51 -21.38 33.29
CA PRO B 705 -15.89 -20.46 32.34
C PRO B 705 -15.33 -19.21 33.01
N CYS B 706 -14.29 -18.66 32.40
CA CYS B 706 -13.64 -17.46 32.91
C CYS B 706 -14.63 -16.32 33.04
N GLU B 707 -14.32 -15.38 33.94
CA GLU B 707 -15.24 -14.30 34.28
C GLU B 707 -15.66 -13.49 33.08
N ARG B 708 -14.82 -13.44 32.04
CA ARG B 708 -15.09 -12.68 30.84
C ARG B 708 -15.44 -13.57 29.64
N LEU B 709 -15.03 -14.83 29.64
CA LEU B 709 -15.32 -15.72 28.52
C LEU B 709 -16.82 -15.88 28.30
N VAL B 710 -17.60 -15.90 29.39
CA VAL B 710 -19.05 -15.95 29.24
C VAL B 710 -19.57 -14.61 28.72
N GLU B 711 -18.93 -13.50 29.14
CA GLU B 711 -19.33 -12.19 28.64
C GLU B 711 -19.16 -12.10 27.13
N MET B 712 -18.07 -12.64 26.60
CA MET B 712 -17.88 -12.69 25.15
C MET B 712 -18.91 -13.62 24.51
N GLY B 713 -19.16 -14.77 25.13
CA GLY B 713 -20.14 -15.69 24.57
C GLY B 713 -21.56 -15.17 24.66
N ALA B 714 -21.86 -14.37 25.68
CA ALA B 714 -23.21 -13.82 25.82
C ALA B 714 -23.45 -12.74 24.77
N ARG B 715 -22.43 -11.94 24.46
CA ARG B 715 -22.57 -10.86 23.50
C ARG B 715 -22.14 -11.23 22.09
N GLY B 716 -21.28 -12.24 21.94
CA GLY B 716 -20.87 -12.69 20.63
C GLY B 716 -19.62 -12.05 20.07
N GLU B 717 -18.76 -11.49 20.93
CA GLU B 717 -17.54 -10.89 20.46
C GLU B 717 -16.49 -11.97 20.19
N SER B 718 -15.37 -11.54 19.61
CA SER B 718 -14.28 -12.45 19.26
C SER B 718 -12.96 -11.82 19.67
N PHE B 719 -11.97 -12.68 19.90
CA PHE B 719 -10.63 -12.22 20.30
C PHE B 719 -9.92 -11.56 19.13
N TRP B 720 -9.62 -12.34 18.09
CA TRP B 720 -9.09 -11.79 16.85
C TRP B 720 -10.27 -11.33 16.01
N LYS B 721 -10.61 -10.04 16.14
CA LYS B 721 -11.77 -9.51 15.43
C LYS B 721 -11.62 -9.68 13.91
N THR B 722 -10.44 -9.39 13.38
CA THR B 722 -10.20 -9.35 11.94
C THR B 722 -11.28 -8.53 11.24
N THR B 723 -12.09 -9.19 10.40
CA THR B 723 -13.18 -8.49 9.73
C THR B 723 -14.33 -8.20 10.70
N ALA B 724 -14.78 -9.21 11.43
CA ALA B 724 -15.88 -9.06 12.37
C ALA B 724 -15.41 -9.17 13.82
#